data_8PBB
#
_entry.id   8PBB
#
_cell.length_a   1.00
_cell.length_b   1.00
_cell.length_c   1.00
_cell.angle_alpha   90.00
_cell.angle_beta   90.00
_cell.angle_gamma   90.00
#
_symmetry.space_group_name_H-M   'P 1'
#
loop_
_entity.id
_entity.type
_entity.pdbx_description
1 polymer 'Nitrogenase protein alpha chain'
2 polymer 'Nitrogenase iron-iron protein, beta subunit'
3 non-polymer 'FE(8)-S(7) CLUSTER'
#
loop_
_entity_poly.entity_id
_entity_poly.type
_entity_poly.pdbx_seq_one_letter_code
_entity_poly.pdbx_strand_id
1 'polypeptide(L)'
;MPYHEFEVSKCIPERREHAVMKAAGEDLTSCLPKGYLNTIPGTISERGCAYCGAKHVIGTPMKDVIHISHGPNGCTYDTW
QTKRYISDNDNFQLKYTFATDVKEKHVVFGAEGLLKKSMHEAFDAFPNIKRMTVYQTCTTALIGDDVDAIAKEVMEERGD
VDVFVCNSPGFAGPSQSGGHHKINIAWLNQKVGTVEPDYLGEHVINYVGEYNIQGDQEVMIDYFNRMGIQVLSTFTGNGS
YDSLRMMHRAHLNVLECARSAEYICDELRARYGIPRLDIDGFGFEPLANSLRKVALFFGIEDKAEAIIAEEYAKWKPQLD
WYKERLKGKKVCLWPGGSKLWHWAHAIEEEMGLKVVSVYTKFGHQGDMEKGVSRCGEGALAIDDPNELESVEAIEMLKPD
IIFTGKRPGEFVKKHGVPYLNAHAYHNGPYKGFEGWVRFARDIYNAIYSPMRQLAALDISAPDAAITSGFRTAKMNADLT
VSDEVKFSEVLHEYTGKYDSIAEIRARNQAYAAEQKALRDAVQPAAEWSHPQFEK
;
A,C
2 'polypeptide(L)'
;MTCQVTQKAREGTINPIFTCQPAGAQFASIGIKDCIGIVHGGQGCVMFVRLLISQHMKESFEIASSSVHEDGAVFGALDR
VETAVEVLLTRYPDVKVVPIITTCSTEIIGDDVDGLLSKLEDELLPTKFPGREVHLLTVHCPSFVGSMITGYDKAVHDFV
KKFATKDEPSDKINLITGWVNPGDVKELKHLLEVMEVKANVLFEVESFDSPLMPDLEHHSHGSTTIEDLRDTANAKGTIA
LNRYEGMKAADYLKKKFKVPAVIGPTPVGIRNTDAFLKAVSEMTGQPIPAQLVKERGLALDAIADIGHMFLADKRVAIYA
NPDLAIGLTEFCLDLEMKPKLLLLGDDNSGYVKDPRVLALQENAPDLEIVTNADFWDLESRIQQGLELDLILGHSKGRFI
SIDYKVPMVRVGFPTYDRAGMYRHPVLGYGGAMFLAETMANTLFADMEAKKNKEWILNVW
;
B,D
#
loop_
_chem_comp.id
_chem_comp.type
_chem_comp.name
_chem_comp.formula
CLF non-polymer 'FE(8)-S(7) CLUSTER' 'Fe8 S7'
#
# COMPACT_ATOMS: atom_id res chain seq x y z
N ALA A 54 8.91 -27.28 -24.87
CA ALA A 54 7.67 -28.03 -25.03
C ALA A 54 6.57 -27.50 -24.11
N LYS A 55 6.45 -28.07 -22.92
CA LYS A 55 5.42 -27.62 -21.96
C LYS A 55 5.69 -26.19 -21.50
N HIS A 56 6.94 -25.73 -21.44
CA HIS A 56 7.24 -24.43 -20.87
C HIS A 56 7.30 -23.31 -21.90
N VAL A 57 7.69 -23.58 -23.14
CA VAL A 57 7.93 -22.50 -24.10
C VAL A 57 6.93 -22.55 -25.24
N ILE A 58 6.67 -23.74 -25.77
CA ILE A 58 5.88 -23.85 -27.00
C ILE A 58 4.41 -24.15 -26.69
N GLY A 59 4.13 -25.17 -25.88
CA GLY A 59 2.75 -25.56 -25.66
C GLY A 59 1.95 -24.56 -24.85
N THR A 60 2.56 -24.00 -23.80
CA THR A 60 1.83 -23.13 -22.89
C THR A 60 1.19 -21.90 -23.54
N PRO A 61 1.86 -21.16 -24.46
CA PRO A 61 1.22 -19.98 -25.04
C PRO A 61 -0.15 -20.20 -25.66
N MET A 62 -0.55 -21.46 -25.86
CA MET A 62 -1.92 -21.73 -26.31
C MET A 62 -2.90 -21.27 -25.26
N LYS A 63 -3.89 -20.48 -25.67
CA LYS A 63 -4.65 -19.68 -24.73
C LYS A 63 -5.92 -20.34 -24.22
N ASP A 64 -6.41 -21.39 -24.88
CA ASP A 64 -7.69 -21.99 -24.54
C ASP A 64 -7.58 -23.47 -24.22
N VAL A 65 -6.45 -23.87 -23.64
CA VAL A 65 -6.14 -25.28 -23.40
C VAL A 65 -5.79 -25.45 -21.94
N ILE A 66 -6.25 -26.55 -21.35
CA ILE A 66 -5.81 -26.96 -20.02
C ILE A 66 -4.56 -27.82 -20.21
N HIS A 67 -3.42 -27.31 -19.74
CA HIS A 67 -2.14 -28.01 -19.86
C HIS A 67 -1.89 -28.71 -18.53
N ILE A 68 -2.25 -29.99 -18.46
CA ILE A 68 -2.12 -30.76 -17.24
C ILE A 68 -0.88 -31.63 -17.34
N SER A 69 -0.01 -31.54 -16.33
CA SER A 69 1.22 -32.31 -16.28
C SER A 69 1.00 -33.56 -15.46
N HIS A 70 1.24 -34.73 -16.06
CA HIS A 70 1.15 -36.01 -15.38
C HIS A 70 2.41 -36.19 -14.55
N GLY A 71 2.41 -35.62 -13.34
CA GLY A 71 3.57 -35.64 -12.49
C GLY A 71 3.39 -34.85 -11.22
N PRO A 72 4.49 -34.63 -10.49
CA PRO A 72 4.40 -33.95 -9.20
C PRO A 72 4.11 -32.46 -9.34
N ASN A 73 3.70 -31.86 -8.22
CA ASN A 73 3.34 -30.44 -8.15
C ASN A 73 4.54 -29.52 -8.27
N GLY A 74 5.71 -29.93 -7.82
CA GLY A 74 6.86 -29.04 -7.80
C GLY A 74 7.38 -28.65 -9.16
N CYS A 75 7.19 -29.49 -10.16
CA CYS A 75 7.55 -29.14 -11.54
C CYS A 75 6.55 -28.18 -12.17
N THR A 76 5.27 -28.37 -11.89
CA THR A 76 4.24 -27.46 -12.34
C THR A 76 4.37 -26.09 -11.67
N TYR A 77 4.77 -26.07 -10.40
CA TYR A 77 4.96 -24.81 -9.69
C TYR A 77 6.13 -24.02 -10.25
N ASP A 78 7.25 -24.66 -10.48
CA ASP A 78 8.51 -23.96 -10.83
C ASP A 78 8.44 -23.08 -12.07
N THR A 79 7.56 -23.35 -13.00
CA THR A 79 7.48 -22.63 -14.29
C THR A 79 6.20 -21.81 -14.39
N TRP A 80 5.42 -21.77 -13.33
CA TRP A 80 4.16 -21.01 -13.30
C TRP A 80 4.45 -19.57 -12.95
N GLN A 81 3.88 -18.68 -13.71
CA GLN A 81 4.05 -17.23 -13.49
C GLN A 81 5.52 -16.82 -13.60
N THR A 82 6.22 -17.35 -14.60
CA THR A 82 7.60 -16.96 -14.87
C THR A 82 7.78 -16.47 -16.30
N LYS A 83 6.75 -16.53 -17.13
CA LYS A 83 6.81 -16.13 -18.52
C LYS A 83 5.82 -15.00 -18.77
N ARG A 84 5.97 -14.37 -19.92
CA ARG A 84 5.18 -13.21 -20.29
C ARG A 84 4.53 -13.40 -21.64
N TYR A 85 4.11 -14.63 -21.93
CA TYR A 85 3.28 -14.92 -23.09
C TYR A 85 1.85 -14.53 -22.73
N ILE A 86 1.38 -13.42 -23.26
CA ILE A 86 0.07 -12.92 -22.93
C ILE A 86 -0.91 -13.34 -24.02
N SER A 87 -2.20 -13.22 -23.73
CA SER A 87 -3.24 -13.59 -24.68
C SER A 87 -4.47 -12.74 -24.45
N ASP A 88 -5.35 -12.73 -25.43
CA ASP A 88 -6.63 -12.04 -25.35
C ASP A 88 -7.71 -12.89 -24.68
N ASN A 89 -7.34 -14.09 -24.23
CA ASN A 89 -8.24 -14.96 -23.44
C ASN A 89 -8.03 -14.70 -21.94
N ASP A 90 -7.77 -13.47 -21.53
CA ASP A 90 -7.62 -13.09 -20.12
C ASP A 90 -6.44 -13.80 -19.46
N ASN A 91 -5.46 -14.21 -20.27
CA ASN A 91 -4.24 -14.84 -19.79
C ASN A 91 -4.53 -16.11 -18.99
N PHE A 92 -5.45 -16.92 -19.52
CA PHE A 92 -5.79 -18.19 -18.87
C PHE A 92 -4.58 -19.10 -18.79
N GLN A 93 -3.73 -19.09 -19.82
CA GLN A 93 -2.52 -19.90 -19.84
C GLN A 93 -1.48 -19.42 -18.84
N LEU A 94 -1.61 -18.21 -18.32
CA LEU A 94 -0.71 -17.69 -17.31
C LEU A 94 -1.27 -17.81 -15.90
N LYS A 95 -2.58 -17.95 -15.76
CA LYS A 95 -3.23 -17.89 -14.46
C LYS A 95 -3.45 -19.24 -13.82
N TYR A 96 -3.58 -20.28 -14.62
CA TYR A 96 -3.94 -21.61 -14.14
C TYR A 96 -2.94 -22.62 -14.64
N THR A 97 -2.55 -23.52 -13.75
CA THR A 97 -1.62 -24.60 -14.09
C THR A 97 -2.09 -25.86 -13.41
N PHE A 98 -2.04 -26.98 -14.13
CA PHE A 98 -2.69 -28.22 -13.72
C PHE A 98 -1.65 -29.32 -13.62
N ALA A 99 -1.66 -30.03 -12.50
CA ALA A 99 -0.80 -31.18 -12.30
C ALA A 99 -1.64 -32.36 -11.84
N THR A 100 -1.18 -33.56 -12.20
CA THR A 100 -1.81 -34.79 -11.73
C THR A 100 -1.47 -35.09 -10.28
N ASP A 101 -0.39 -34.53 -9.76
CA ASP A 101 0.02 -34.69 -8.36
C ASP A 101 0.30 -36.16 -8.05
N VAL A 102 1.34 -36.68 -8.69
CA VAL A 102 1.79 -38.04 -8.44
C VAL A 102 2.53 -38.08 -7.10
N LYS A 103 2.18 -39.04 -6.26
CA LYS A 103 2.82 -39.26 -4.98
C LYS A 103 3.56 -40.59 -4.99
N GLU A 104 4.20 -40.90 -3.87
CA GLU A 104 5.03 -42.11 -3.79
C GLU A 104 4.21 -43.38 -3.97
N LYS A 105 2.94 -43.34 -3.55
CA LYS A 105 2.08 -44.54 -3.67
C LYS A 105 1.93 -44.91 -5.16
N HIS A 106 1.70 -43.93 -6.04
CA HIS A 106 1.48 -44.20 -7.45
C HIS A 106 2.75 -44.66 -8.15
N VAL A 107 3.91 -44.37 -7.57
CA VAL A 107 5.19 -44.79 -8.14
C VAL A 107 5.35 -46.30 -8.00
N GLY A 113 -6.21 -44.07 -13.46
CA GLY A 113 -7.21 -43.79 -12.45
C GLY A 113 -7.10 -42.36 -11.93
N LEU A 114 -5.89 -42.01 -11.50
CA LEU A 114 -5.64 -40.65 -11.05
C LEU A 114 -5.60 -39.67 -12.21
N LEU A 115 -5.01 -40.08 -13.34
CA LEU A 115 -5.00 -39.21 -14.52
C LEU A 115 -6.41 -38.93 -15.01
N LYS A 116 -7.24 -39.97 -15.08
CA LYS A 116 -8.61 -39.80 -15.54
C LYS A 116 -9.38 -38.84 -14.65
N LYS A 117 -9.20 -38.96 -13.35
CA LYS A 117 -9.95 -38.13 -12.37
C LYS A 117 -9.47 -36.68 -12.41
N SER A 118 -8.16 -36.45 -12.49
CA SER A 118 -7.63 -35.09 -12.58
C SER A 118 -7.99 -34.44 -13.91
N MET A 119 -8.07 -35.22 -14.99
CA MET A 119 -8.54 -34.69 -16.27
C MET A 119 -10.00 -34.26 -16.17
N HIS A 120 -10.83 -35.08 -15.53
CA HIS A 120 -12.23 -34.72 -15.36
C HIS A 120 -12.39 -33.53 -14.41
N GLU A 121 -11.57 -33.48 -13.36
CA GLU A 121 -11.66 -32.37 -12.41
C GLU A 121 -11.38 -31.04 -13.08
N ALA A 122 -10.36 -30.99 -13.93
CA ALA A 122 -10.00 -29.74 -14.60
C ALA A 122 -11.09 -29.27 -15.55
N PHE A 123 -11.68 -30.20 -16.31
CA PHE A 123 -12.80 -29.84 -17.19
C PHE A 123 -13.98 -29.32 -16.38
N ASP A 124 -14.26 -29.94 -15.24
CA ASP A 124 -15.36 -29.50 -14.38
C ASP A 124 -15.13 -28.09 -13.86
N ALA A 125 -13.91 -27.80 -13.40
CA ALA A 125 -13.64 -26.50 -12.80
C ALA A 125 -13.65 -25.38 -13.83
N PHE A 126 -13.36 -25.68 -15.09
CA PHE A 126 -13.28 -24.68 -16.15
C PHE A 126 -14.21 -25.15 -17.27
N PRO A 127 -15.51 -24.89 -17.14
CA PRO A 127 -16.47 -25.42 -18.12
C PRO A 127 -16.34 -24.81 -19.50
N ASN A 128 -15.69 -23.65 -19.62
CA ASN A 128 -15.55 -22.98 -20.90
C ASN A 128 -14.35 -23.47 -21.70
N ILE A 129 -13.57 -24.40 -21.16
CA ILE A 129 -12.37 -24.91 -21.81
C ILE A 129 -12.66 -26.34 -22.25
N LYS A 130 -12.50 -26.60 -23.54
CA LYS A 130 -12.77 -27.92 -24.11
C LYS A 130 -11.52 -28.58 -24.67
N ARG A 131 -10.34 -28.02 -24.47
CA ARG A 131 -9.12 -28.55 -25.03
C ARG A 131 -8.14 -28.86 -23.91
N MET A 132 -7.46 -30.00 -24.03
CA MET A 132 -6.53 -30.48 -23.03
C MET A 132 -5.26 -30.99 -23.69
N THR A 133 -4.12 -30.72 -23.06
CA THR A 133 -2.85 -31.29 -23.46
C THR A 133 -2.21 -31.92 -22.24
N VAL A 134 -1.92 -33.22 -22.33
CA VAL A 134 -1.37 -33.98 -21.21
C VAL A 134 0.12 -34.19 -21.46
N TYR A 135 0.94 -33.74 -20.52
CA TYR A 135 2.39 -33.85 -20.60
C TYR A 135 2.87 -34.92 -19.65
N GLN A 136 3.72 -35.83 -20.15
CA GLN A 136 4.36 -36.81 -19.28
C GLN A 136 5.65 -36.24 -18.71
N THR A 137 5.81 -36.33 -17.40
CA THR A 137 7.00 -35.78 -16.73
C THR A 137 8.00 -36.92 -16.52
N CYS A 138 9.11 -36.67 -15.82
CA CYS A 138 10.16 -37.69 -15.60
C CYS A 138 9.61 -38.87 -14.78
N THR A 139 8.84 -38.61 -13.74
CA THR A 139 8.35 -39.66 -12.81
C THR A 139 7.39 -40.61 -13.52
N THR A 140 6.59 -40.10 -14.43
CA THR A 140 5.57 -40.96 -15.03
C THR A 140 6.11 -41.80 -16.18
N ALA A 141 7.38 -41.66 -16.53
CA ALA A 141 7.99 -42.62 -17.45
C ALA A 141 8.00 -44.01 -16.84
N LEU A 142 8.28 -44.10 -15.55
CA LEU A 142 8.19 -45.36 -14.81
C LEU A 142 6.81 -45.52 -14.21
N ASP A 146 -1.03 -45.75 -19.59
CA ASP A 146 -1.40 -45.53 -20.99
C ASP A 146 -2.21 -44.26 -21.15
N VAL A 147 -1.50 -43.14 -21.33
CA VAL A 147 -2.15 -41.83 -21.38
C VAL A 147 -3.08 -41.74 -22.59
N ASP A 148 -2.68 -42.34 -23.71
CA ASP A 148 -3.50 -42.26 -24.92
C ASP A 148 -4.89 -42.83 -24.71
N ALA A 149 -4.97 -44.03 -24.14
CA ALA A 149 -6.26 -44.67 -23.89
C ALA A 149 -7.10 -43.85 -22.91
N ILE A 150 -6.48 -43.34 -21.84
CA ILE A 150 -7.22 -42.54 -20.87
C ILE A 150 -7.79 -41.29 -21.54
N ALA A 151 -7.00 -40.65 -22.41
CA ALA A 151 -7.50 -39.49 -23.12
C ALA A 151 -8.68 -39.86 -24.02
N LYS A 152 -8.60 -41.00 -24.70
CA LYS A 152 -9.74 -41.42 -25.53
C LYS A 152 -10.99 -41.64 -24.69
N GLU A 153 -10.87 -42.32 -23.55
CA GLU A 153 -12.06 -42.54 -22.73
C GLU A 153 -12.60 -41.24 -22.15
N VAL A 154 -11.73 -40.31 -21.80
CA VAL A 154 -12.20 -39.01 -21.30
C VAL A 154 -12.98 -38.30 -22.40
N MET A 155 -12.44 -38.28 -23.62
CA MET A 155 -13.16 -37.66 -24.74
C MET A 155 -14.50 -38.33 -24.96
N GLU A 156 -14.54 -39.67 -24.88
CA GLU A 156 -15.78 -40.39 -25.08
C GLU A 156 -16.81 -40.03 -24.03
N GLU A 157 -16.39 -39.93 -22.76
CA GLU A 157 -17.33 -39.65 -21.69
C GLU A 157 -17.85 -38.21 -21.74
N ARG A 158 -16.94 -37.23 -21.84
CA ARG A 158 -17.38 -35.81 -21.94
C ARG A 158 -18.13 -35.60 -23.26
N GLY A 159 -17.57 -36.01 -24.39
CA GLY A 159 -18.24 -35.95 -25.67
C GLY A 159 -18.10 -34.65 -26.43
N ASP A 160 -17.61 -33.58 -25.80
CA ASP A 160 -17.45 -32.30 -26.47
C ASP A 160 -16.08 -31.69 -26.23
N VAL A 161 -15.08 -32.50 -25.91
CA VAL A 161 -13.74 -32.02 -25.61
C VAL A 161 -12.74 -32.80 -26.45
N ASP A 162 -11.57 -32.19 -26.67
CA ASP A 162 -10.49 -32.80 -27.42
C ASP A 162 -9.21 -32.75 -26.59
N VAL A 163 -8.47 -33.86 -26.59
CA VAL A 163 -7.26 -34.00 -25.78
C VAL A 163 -6.09 -34.33 -26.69
N PHE A 164 -4.95 -33.69 -26.42
CA PHE A 164 -3.72 -33.91 -27.17
C PHE A 164 -2.65 -34.46 -26.23
N VAL A 165 -2.03 -35.55 -26.63
CA VAL A 165 -1.00 -36.20 -25.81
C VAL A 165 0.35 -35.83 -26.40
N CYS A 166 1.12 -35.04 -25.66
CA CYS A 166 2.38 -34.51 -26.14
C CYS A 166 3.43 -35.61 -26.26
N HIS A 181 11.30 -29.74 -30.50
CA HIS A 181 11.19 -30.58 -31.70
C HIS A 181 10.11 -31.64 -31.53
N LYS A 182 10.07 -32.26 -30.35
CA LYS A 182 9.13 -33.37 -30.13
C LYS A 182 7.69 -32.91 -30.23
N ILE A 183 7.37 -31.77 -29.61
CA ILE A 183 6.00 -31.27 -29.62
C ILE A 183 5.54 -30.91 -31.03
N ASN A 184 6.48 -30.54 -31.90
CA ASN A 184 6.14 -30.29 -33.30
C ASN A 184 5.67 -31.57 -34.00
N ILE A 185 6.44 -32.65 -33.86
CA ILE A 185 6.05 -33.93 -34.48
C ILE A 185 4.73 -34.42 -33.90
N ALA A 186 4.56 -34.29 -32.58
CA ALA A 186 3.34 -34.77 -31.95
C ALA A 186 2.11 -34.03 -32.45
N TRP A 187 2.20 -32.69 -32.53
CA TRP A 187 1.03 -31.91 -32.95
C TRP A 187 0.67 -32.17 -34.41
N LEU A 188 1.69 -32.25 -35.28
CA LEU A 188 1.42 -32.38 -36.70
C LEU A 188 0.86 -33.74 -37.04
N ASN A 189 1.39 -34.80 -36.43
CA ASN A 189 0.98 -36.15 -36.78
C ASN A 189 -0.36 -36.56 -36.17
N GLN A 190 -0.89 -35.76 -35.25
CA GLN A 190 -2.17 -36.06 -34.59
C GLN A 190 -3.23 -35.01 -34.87
N LYS A 191 -2.93 -33.74 -34.62
CA LYS A 191 -3.93 -32.68 -34.59
C LYS A 191 -4.05 -31.90 -35.87
N VAL A 192 -2.97 -31.76 -36.64
CA VAL A 192 -3.01 -30.97 -37.86
C VAL A 192 -3.76 -31.74 -38.94
N GLY A 193 -4.71 -31.07 -39.60
CA GLY A 193 -5.50 -31.65 -40.66
C GLY A 193 -6.90 -32.06 -40.26
N THR A 194 -7.23 -31.96 -38.97
CA THR A 194 -8.54 -32.41 -38.51
C THR A 194 -9.62 -31.35 -38.73
N VAL A 195 -9.45 -30.18 -38.09
CA VAL A 195 -10.43 -29.11 -38.23
C VAL A 195 -10.29 -28.47 -39.60
N GLU A 196 -11.38 -27.89 -40.11
CA GLU A 196 -11.35 -27.23 -41.43
C GLU A 196 -11.72 -25.75 -41.29
N PRO A 197 -10.97 -24.83 -41.91
CA PRO A 197 -11.27 -23.41 -41.81
C PRO A 197 -12.68 -23.08 -42.31
N ASP A 198 -13.42 -22.25 -41.57
CA ASP A 198 -14.77 -21.84 -42.00
C ASP A 198 -14.64 -20.84 -43.16
N TYR A 199 -13.87 -19.78 -42.94
CA TYR A 199 -13.61 -18.82 -44.06
C TYR A 199 -12.13 -18.79 -44.41
N LEU A 200 -11.83 -18.79 -45.71
CA LEU A 200 -10.45 -18.66 -46.20
C LEU A 200 -10.37 -17.41 -47.05
N GLY A 201 -9.52 -16.47 -46.65
CA GLY A 201 -9.37 -15.23 -47.39
C GLY A 201 -8.55 -15.41 -48.65
N GLU A 202 -8.31 -14.28 -49.31
CA GLU A 202 -7.45 -14.31 -50.49
C GLU A 202 -6.01 -14.62 -50.13
N HIS A 203 -5.52 -14.04 -49.04
CA HIS A 203 -4.14 -14.22 -48.61
C HIS A 203 -4.15 -14.73 -47.17
N VAL A 204 -3.68 -15.95 -46.99
CA VAL A 204 -3.73 -16.64 -45.71
C VAL A 204 -2.31 -17.08 -45.36
N ILE A 205 -1.88 -16.79 -44.13
CA ILE A 205 -0.57 -17.20 -43.65
C ILE A 205 -0.72 -17.94 -42.34
N ASN A 206 0.29 -18.75 -42.04
CA ASN A 206 0.52 -19.29 -40.70
C ASN A 206 1.71 -18.56 -40.12
N TYR A 207 1.49 -17.88 -39.00
CA TYR A 207 2.59 -17.25 -38.27
C TYR A 207 3.18 -18.28 -37.32
N VAL A 208 4.40 -18.71 -37.58
CA VAL A 208 5.02 -19.84 -36.90
C VAL A 208 6.24 -19.36 -36.14
N GLY A 209 6.44 -19.90 -34.95
CA GLY A 209 7.60 -19.56 -34.14
C GLY A 209 7.45 -18.32 -33.30
N GLU A 210 6.26 -17.74 -33.21
CA GLU A 210 6.01 -16.56 -32.41
C GLU A 210 5.23 -16.95 -31.17
N TYR A 211 5.67 -16.48 -30.01
CA TYR A 211 5.05 -16.89 -28.75
C TYR A 211 4.49 -15.73 -27.95
N ASN A 212 4.38 -14.54 -28.55
CA ASN A 212 3.58 -13.43 -28.02
C ASN A 212 4.10 -12.92 -26.68
N ILE A 213 5.40 -12.64 -26.62
CA ILE A 213 5.99 -12.08 -25.41
C ILE A 213 5.59 -10.61 -25.33
N GLN A 214 4.78 -10.27 -24.31
CA GLN A 214 4.39 -8.87 -24.00
C GLN A 214 3.56 -8.30 -25.14
N GLY A 215 3.13 -9.13 -26.09
CA GLY A 215 2.27 -8.68 -27.17
C GLY A 215 2.88 -8.62 -28.54
N ASP A 216 3.98 -9.34 -28.79
CA ASP A 216 4.65 -9.28 -30.09
C ASP A 216 3.77 -9.80 -31.21
N GLN A 217 3.04 -10.88 -30.95
CA GLN A 217 2.18 -11.47 -31.95
C GLN A 217 1.09 -10.51 -32.36
N GLU A 218 0.52 -9.79 -31.39
CA GLU A 218 -0.50 -8.80 -31.70
C GLU A 218 0.04 -7.66 -32.54
N VAL A 219 1.30 -7.27 -32.30
CA VAL A 219 1.95 -6.25 -33.12
C VAL A 219 2.03 -6.73 -34.58
N MET A 220 2.56 -7.93 -34.78
CA MET A 220 2.71 -8.40 -36.15
C MET A 220 1.37 -8.69 -36.81
N ILE A 221 0.35 -9.02 -36.03
CA ILE A 221 -1.00 -9.27 -36.61
C ILE A 221 -1.56 -7.93 -37.05
N ASP A 222 -1.35 -6.90 -36.25
CA ASP A 222 -1.78 -5.60 -36.71
C ASP A 222 -1.16 -5.25 -38.05
N TYR A 223 0.16 -5.49 -38.18
CA TYR A 223 0.83 -5.21 -39.44
C TYR A 223 0.24 -6.03 -40.58
N PHE A 224 -0.08 -7.30 -40.33
CA PHE A 224 -0.66 -8.15 -41.37
C PHE A 224 -2.08 -7.73 -41.73
N ASN A 225 -2.88 -7.36 -40.71
CA ASN A 225 -4.25 -6.92 -40.96
C ASN A 225 -4.27 -5.66 -41.81
N ARG A 226 -3.38 -4.71 -41.52
CA ARG A 226 -3.34 -3.49 -42.32
C ARG A 226 -2.89 -3.76 -43.76
N MET A 227 -2.34 -4.93 -44.02
CA MET A 227 -1.95 -5.39 -45.34
C MET A 227 -3.04 -6.21 -46.01
N GLY A 228 -4.17 -6.43 -45.34
CA GLY A 228 -5.22 -7.29 -45.85
C GLY A 228 -4.85 -8.75 -45.93
N ILE A 229 -4.16 -9.27 -44.90
CA ILE A 229 -3.73 -10.65 -44.84
C ILE A 229 -4.41 -11.32 -43.65
N GLN A 230 -4.99 -12.49 -43.89
CA GLN A 230 -5.62 -13.26 -42.83
C GLN A 230 -4.62 -14.26 -42.25
N VAL A 231 -4.46 -14.21 -40.94
CA VAL A 231 -3.57 -15.14 -40.25
C VAL A 231 -4.41 -16.31 -39.78
N LEU A 232 -4.24 -17.46 -40.45
CA LEU A 232 -5.01 -18.65 -40.10
C LEU A 232 -4.74 -19.07 -38.66
N SER A 233 -3.46 -19.11 -38.28
CA SER A 233 -3.09 -19.54 -36.95
C SER A 233 -1.71 -18.97 -36.63
N THR A 234 -1.48 -18.74 -35.34
CA THR A 234 -0.16 -18.45 -34.81
C THR A 234 0.28 -19.65 -34.01
N PHE A 235 1.49 -20.12 -34.26
CA PHE A 235 2.10 -21.22 -33.54
C PHE A 235 3.18 -20.64 -32.62
N THR A 236 2.85 -20.48 -31.33
CA THR A 236 1.58 -20.82 -30.71
C THR A 236 1.06 -19.64 -29.90
N GLY A 237 1.86 -18.58 -29.83
CA GLY A 237 1.57 -17.43 -28.98
C GLY A 237 0.25 -16.75 -29.29
N ASN A 238 -0.62 -16.65 -28.28
CA ASN A 238 -1.99 -16.20 -28.45
C ASN A 238 -2.70 -16.99 -29.53
N GLY A 239 -2.38 -18.28 -29.60
CA GLY A 239 -2.97 -19.17 -30.58
C GLY A 239 -3.99 -20.07 -29.91
N SER A 240 -4.99 -20.44 -30.68
CA SER A 240 -6.00 -21.36 -30.22
C SER A 240 -5.72 -22.77 -30.73
N TYR A 241 -6.30 -23.75 -30.05
CA TYR A 241 -6.15 -25.15 -30.41
C TYR A 241 -6.68 -25.43 -31.81
N ASP A 242 -7.89 -24.99 -32.10
CA ASP A 242 -8.54 -25.32 -33.36
C ASP A 242 -7.85 -24.64 -34.54
N SER A 243 -7.38 -23.41 -34.35
CA SER A 243 -6.63 -22.73 -35.40
C SER A 243 -5.38 -23.51 -35.77
N LEU A 244 -4.67 -24.02 -34.76
CA LEU A 244 -3.46 -24.81 -35.00
C LEU A 244 -3.76 -26.19 -35.57
N ARG A 245 -4.98 -26.69 -35.38
CA ARG A 245 -5.40 -27.86 -36.14
C ARG A 245 -5.72 -27.53 -37.59
N MET A 246 -6.12 -26.30 -37.88
CA MET A 246 -6.43 -25.84 -39.23
C MET A 246 -5.18 -25.41 -40.00
N MET A 247 -3.99 -25.78 -39.53
CA MET A 247 -2.73 -25.22 -40.01
C MET A 247 -2.39 -25.60 -41.45
N HIS A 248 -3.07 -26.58 -42.02
CA HIS A 248 -2.70 -27.17 -43.30
C HIS A 248 -3.35 -26.47 -44.50
N ARG A 249 -4.14 -25.42 -44.26
CA ARG A 249 -4.87 -24.75 -45.38
C ARG A 249 -4.38 -23.30 -45.55
N ALA A 250 -3.12 -23.00 -45.19
CA ALA A 250 -2.57 -21.67 -45.39
C ALA A 250 -1.83 -21.59 -46.72
N HIS A 251 -1.84 -20.40 -47.31
CA HIS A 251 -1.12 -20.16 -48.56
C HIS A 251 0.37 -20.02 -48.35
N LEU A 252 0.81 -19.69 -47.14
CA LEU A 252 2.22 -19.45 -46.87
C LEU A 252 2.47 -19.60 -45.38
N ASN A 253 3.68 -20.00 -45.03
CA ASN A 253 4.14 -20.05 -43.65
C ASN A 253 5.22 -19.00 -43.48
N VAL A 254 5.09 -18.16 -42.47
CA VAL A 254 6.10 -17.14 -42.16
C VAL A 254 6.80 -17.55 -40.87
N LEU A 255 8.13 -17.57 -40.93
CA LEU A 255 8.96 -18.11 -39.85
C LEU A 255 9.51 -16.96 -39.01
N GLU A 256 9.15 -16.93 -37.74
CA GLU A 256 9.76 -15.99 -36.81
C GLU A 256 10.95 -16.61 -36.10
N CYS A 257 10.78 -17.79 -35.51
CA CYS A 257 11.86 -18.55 -34.89
C CYS A 257 11.98 -19.88 -35.62
N ALA A 258 13.22 -20.23 -35.99
CA ALA A 258 13.50 -21.49 -36.66
C ALA A 258 14.01 -22.56 -35.71
N ARG A 259 14.80 -22.17 -34.70
CA ARG A 259 15.31 -23.13 -33.71
C ARG A 259 14.18 -23.83 -32.97
N SER A 260 12.98 -23.25 -32.94
CA SER A 260 11.84 -23.85 -32.27
C SER A 260 10.82 -24.47 -33.21
N ALA A 261 10.73 -24.00 -34.46
CA ALA A 261 9.65 -24.45 -35.33
C ALA A 261 10.11 -24.65 -36.78
N GLU A 262 11.36 -25.08 -36.97
CA GLU A 262 11.81 -25.45 -38.31
C GLU A 262 11.05 -26.67 -38.83
N TYR A 263 10.90 -27.69 -37.99
CA TYR A 263 10.31 -28.96 -38.40
C TYR A 263 8.84 -28.78 -38.79
N ILE A 264 8.12 -27.93 -38.06
CA ILE A 264 6.70 -27.72 -38.33
C ILE A 264 6.51 -27.30 -39.78
N CYS A 265 7.28 -26.31 -40.23
CA CYS A 265 7.12 -25.80 -41.58
C CYS A 265 7.77 -26.69 -42.63
N ASP A 266 8.87 -27.37 -42.29
CA ASP A 266 9.44 -28.34 -43.22
C ASP A 266 8.42 -29.42 -43.54
N GLU A 267 7.77 -29.97 -42.52
CA GLU A 267 6.80 -31.03 -42.76
C GLU A 267 5.49 -30.52 -43.33
N LEU A 268 5.11 -29.27 -43.02
CA LEU A 268 3.95 -28.68 -43.67
C LEU A 268 4.18 -28.55 -45.17
N ARG A 269 5.38 -28.12 -45.57
CA ARG A 269 5.72 -28.09 -46.99
C ARG A 269 5.77 -29.49 -47.57
N ALA A 270 6.29 -30.45 -46.80
CA ALA A 270 6.40 -31.82 -47.31
C ALA A 270 5.03 -32.43 -47.58
N ARG A 271 4.05 -32.16 -46.71
CA ARG A 271 2.75 -32.81 -46.82
C ARG A 271 1.76 -32.04 -47.66
N TYR A 272 1.72 -30.71 -47.56
CA TYR A 272 0.72 -29.92 -48.26
C TYR A 272 1.32 -28.92 -49.24
N GLY A 273 2.64 -28.88 -49.39
CA GLY A 273 3.28 -28.00 -50.35
C GLY A 273 3.09 -26.53 -50.04
N ILE A 274 3.16 -26.15 -48.77
CA ILE A 274 2.92 -24.78 -48.35
C ILE A 274 4.24 -24.05 -48.32
N PRO A 275 4.41 -22.97 -49.09
CA PRO A 275 5.70 -22.28 -49.14
C PRO A 275 6.08 -21.66 -47.80
N ARG A 276 7.37 -21.51 -47.58
CA ARG A 276 7.92 -20.97 -46.35
C ARG A 276 8.61 -19.64 -46.63
N LEU A 277 8.44 -18.68 -45.72
CA LEU A 277 9.04 -17.35 -45.83
C LEU A 277 9.58 -16.94 -44.47
N ASP A 278 10.90 -17.03 -44.30
CA ASP A 278 11.52 -16.59 -43.07
C ASP A 278 11.49 -15.06 -42.99
N ILE A 279 11.08 -14.54 -41.82
CA ILE A 279 10.92 -13.10 -41.63
C ILE A 279 11.58 -12.68 -40.33
N ASP A 280 11.81 -11.38 -40.21
CA ASP A 280 12.35 -10.76 -39.01
C ASP A 280 11.40 -9.67 -38.56
N GLY A 281 11.05 -9.67 -37.27
CA GLY A 281 10.13 -8.71 -36.71
C GLY A 281 10.75 -7.55 -35.95
N PHE A 282 12.07 -7.53 -35.79
CA PHE A 282 12.74 -6.50 -35.00
C PHE A 282 13.49 -5.54 -35.92
N GLY A 283 13.57 -4.29 -35.49
CA GLY A 283 14.20 -3.25 -36.26
C GLY A 283 13.24 -2.56 -37.20
N PHE A 284 13.77 -1.64 -38.00
CA PHE A 284 12.95 -0.90 -38.99
C PHE A 284 13.26 -1.46 -40.37
N GLU A 285 14.54 -1.59 -40.73
CA GLU A 285 14.87 -2.23 -42.00
C GLU A 285 14.54 -3.71 -42.04
N PRO A 286 14.88 -4.53 -41.03
CA PRO A 286 14.49 -5.95 -41.11
C PRO A 286 12.98 -6.16 -41.16
N LEU A 287 12.22 -5.43 -40.35
CA LEU A 287 10.78 -5.57 -40.36
C LEU A 287 10.18 -5.07 -41.67
N ALA A 288 10.69 -3.94 -42.18
CA ALA A 288 10.20 -3.43 -43.45
C ALA A 288 10.48 -4.40 -44.59
N ASN A 289 11.67 -5.02 -44.58
CA ASN A 289 12.00 -5.99 -45.62
C ASN A 289 11.14 -7.24 -45.49
N SER A 290 10.85 -7.66 -44.26
CA SER A 290 9.96 -8.80 -44.04
C SER A 290 8.57 -8.51 -44.59
N LEU A 291 8.04 -7.32 -44.30
CA LEU A 291 6.74 -6.94 -44.81
C LEU A 291 6.75 -6.87 -46.33
N ARG A 292 7.85 -6.37 -46.90
CA ARG A 292 7.94 -6.28 -48.36
C ARG A 292 7.99 -7.66 -49.01
N LYS A 293 8.70 -8.61 -48.39
CA LYS A 293 8.71 -9.97 -48.92
C LYS A 293 7.33 -10.61 -48.84
N VAL A 294 6.63 -10.41 -47.71
CA VAL A 294 5.30 -10.98 -47.57
C VAL A 294 4.35 -10.39 -48.60
N ALA A 295 4.47 -9.09 -48.86
CA ALA A 295 3.64 -8.44 -49.88
C ALA A 295 4.01 -8.91 -51.28
N LEU A 296 5.30 -9.13 -51.54
CA LEU A 296 5.73 -9.60 -52.84
C LEU A 296 5.20 -11.01 -53.12
N PHE A 297 5.08 -11.84 -52.09
CA PHE A 297 4.49 -13.16 -52.30
C PHE A 297 3.05 -13.05 -52.76
N PHE A 298 2.28 -12.13 -52.18
CA PHE A 298 0.86 -11.99 -52.49
C PHE A 298 0.57 -10.91 -53.52
N GLY A 299 1.60 -10.25 -54.05
CA GLY A 299 1.40 -9.20 -55.03
C GLY A 299 0.66 -7.99 -54.51
N ILE A 300 0.90 -7.62 -53.25
CA ILE A 300 0.22 -6.50 -52.62
C ILE A 300 1.25 -5.49 -52.13
N GLU A 301 2.34 -5.33 -52.89
CA GLU A 301 3.49 -4.55 -52.42
C GLU A 301 3.11 -3.13 -52.02
N ASP A 302 2.10 -2.54 -52.66
CA ASP A 302 1.73 -1.16 -52.36
C ASP A 302 1.22 -1.02 -50.93
N LYS A 303 0.50 -2.01 -50.42
CA LYS A 303 0.03 -1.96 -49.04
C LYS A 303 1.19 -2.00 -48.06
N ALA A 304 2.17 -2.85 -48.31
CA ALA A 304 3.36 -2.88 -47.46
C ALA A 304 4.10 -1.55 -47.53
N GLU A 305 4.20 -0.96 -48.72
CA GLU A 305 4.89 0.32 -48.85
C GLU A 305 4.16 1.41 -48.08
N ALA A 306 2.83 1.43 -48.14
CA ALA A 306 2.07 2.41 -47.37
C ALA A 306 2.27 2.22 -45.87
N ILE A 307 2.25 0.97 -45.40
CA ILE A 307 2.49 0.71 -43.99
C ILE A 307 3.87 1.19 -43.59
N ILE A 308 4.88 0.88 -44.39
CA ILE A 308 6.26 1.22 -44.07
C ILE A 308 6.42 2.73 -44.03
N ALA A 309 5.84 3.44 -45.00
CA ALA A 309 5.95 4.90 -45.02
C ALA A 309 5.28 5.51 -43.80
N GLU A 310 4.07 5.05 -43.46
CA GLU A 310 3.36 5.61 -42.32
C GLU A 310 4.12 5.37 -41.01
N GLU A 311 4.59 4.14 -40.81
CA GLU A 311 5.29 3.81 -39.58
C GLU A 311 6.64 4.51 -39.50
N TYR A 312 7.32 4.66 -40.64
CA TYR A 312 8.56 5.43 -40.64
C TYR A 312 8.31 6.88 -40.25
N ALA A 313 7.34 7.52 -40.89
CA ALA A 313 7.03 8.90 -40.57
C ALA A 313 6.66 9.07 -39.10
N LYS A 314 5.96 8.08 -38.54
CA LYS A 314 5.54 8.19 -37.15
C LYS A 314 6.68 7.96 -36.17
N TRP A 315 7.54 6.97 -36.40
CA TRP A 315 8.46 6.51 -35.36
C TRP A 315 9.92 6.79 -35.61
N LYS A 316 10.32 7.15 -36.82
CA LYS A 316 11.73 7.41 -37.10
C LYS A 316 12.29 8.61 -36.36
N PRO A 317 11.60 9.77 -36.30
CA PRO A 317 12.18 10.87 -35.50
C PRO A 317 12.38 10.51 -34.03
N GLN A 318 11.45 9.76 -33.47
CA GLN A 318 11.59 9.33 -32.08
C GLN A 318 12.73 8.33 -31.91
N LEU A 319 12.87 7.39 -32.85
CA LEU A 319 13.98 6.45 -32.76
C LEU A 319 15.33 7.15 -32.93
N ASP A 320 15.40 8.11 -33.84
CA ASP A 320 16.65 8.81 -34.09
C ASP A 320 17.01 9.72 -32.93
N TRP A 321 16.02 10.22 -32.19
CA TRP A 321 16.32 10.93 -30.95
C TRP A 321 17.18 10.08 -30.02
N TYR A 322 16.84 8.80 -29.85
CA TYR A 322 17.62 7.92 -29.00
C TYR A 322 18.91 7.46 -29.67
N LYS A 323 18.87 7.23 -30.98
CA LYS A 323 20.06 6.78 -31.69
C LYS A 323 21.17 7.83 -31.65
N GLU A 324 20.80 9.12 -31.61
CA GLU A 324 21.82 10.16 -31.48
C GLU A 324 22.51 10.10 -30.13
N ARG A 325 21.78 9.72 -29.08
CA ARG A 325 22.29 9.70 -27.70
C ARG A 325 22.87 8.33 -27.35
N LEU A 326 22.71 7.32 -28.22
CA LEU A 326 23.23 5.99 -27.96
C LEU A 326 24.37 5.61 -28.90
N LYS A 327 24.85 6.53 -29.72
CA LYS A 327 25.94 6.22 -30.64
C LYS A 327 27.21 5.91 -29.87
N GLY A 328 27.76 4.71 -30.09
CA GLY A 328 29.02 4.33 -29.52
C GLY A 328 28.96 3.61 -28.19
N LYS A 329 27.78 3.47 -27.60
CA LYS A 329 27.66 2.73 -26.34
C LYS A 329 27.82 1.23 -26.61
N LYS A 330 28.33 0.52 -25.62
CA LYS A 330 28.65 -0.90 -25.74
C LYS A 330 27.60 -1.74 -25.03
N VAL A 331 27.16 -2.80 -25.69
CA VAL A 331 26.18 -3.74 -25.13
C VAL A 331 26.79 -5.13 -25.14
N CYS A 332 26.69 -5.82 -24.01
CA CYS A 332 27.12 -7.21 -23.88
C CYS A 332 25.90 -8.11 -24.00
N LEU A 333 25.97 -9.10 -24.87
CA LEU A 333 24.88 -10.05 -25.05
C LEU A 333 25.18 -11.32 -24.29
N TRP A 334 24.32 -11.67 -23.34
CA TRP A 334 24.42 -12.94 -22.63
C TRP A 334 23.20 -13.80 -22.92
N LYS A 339 17.43 -13.84 -30.22
CA LYS A 339 17.58 -12.46 -29.77
C LYS A 339 19.05 -12.10 -29.57
N LEU A 340 19.93 -12.80 -30.28
CA LEU A 340 21.37 -12.47 -30.25
C LEU A 340 21.72 -12.12 -31.69
N TRP A 341 21.01 -12.79 -32.60
CA TRP A 341 21.18 -12.46 -34.01
C TRP A 341 19.94 -11.87 -34.63
N HIS A 342 18.77 -12.06 -34.02
CA HIS A 342 17.57 -11.33 -34.39
C HIS A 342 17.69 -9.88 -33.92
N TRP A 343 18.82 -9.55 -33.29
CA TRP A 343 18.96 -8.25 -32.66
C TRP A 343 20.27 -7.56 -33.08
N ALA A 344 21.36 -8.34 -33.17
CA ALA A 344 22.70 -7.76 -33.12
C ALA A 344 22.95 -6.76 -34.25
N HIS A 345 22.59 -7.11 -35.48
CA HIS A 345 22.88 -6.20 -36.59
C HIS A 345 21.95 -5.00 -36.60
N ALA A 346 20.67 -5.18 -36.30
CA ALA A 346 19.76 -4.05 -36.27
C ALA A 346 20.08 -3.10 -35.13
N ILE A 347 20.62 -3.61 -34.03
CA ILE A 347 20.99 -2.75 -32.91
C ILE A 347 22.15 -1.83 -33.29
N GLU A 348 23.17 -2.37 -33.96
CA GLU A 348 24.29 -1.53 -34.38
C GLU A 348 23.87 -0.57 -35.47
N GLU A 349 23.04 -1.03 -36.41
CA GLU A 349 22.68 -0.20 -37.56
C GLU A 349 21.74 0.93 -37.18
N GLU A 350 20.73 0.65 -36.36
CA GLU A 350 19.65 1.59 -36.14
C GLU A 350 19.71 2.31 -34.80
N MET A 351 20.47 1.80 -33.84
CA MET A 351 20.59 2.45 -32.55
C MET A 351 22.00 2.96 -32.25
N GLY A 352 22.97 2.68 -33.11
CA GLY A 352 24.32 3.16 -32.93
C GLY A 352 25.13 2.42 -31.88
N LEU A 353 24.60 1.35 -31.31
CA LEU A 353 25.29 0.64 -30.25
C LEU A 353 26.35 -0.30 -30.84
N LYS A 354 27.41 -0.50 -30.07
CA LYS A 354 28.47 -1.44 -30.44
C LYS A 354 28.30 -2.72 -29.64
N VAL A 355 28.00 -3.81 -30.34
CA VAL A 355 27.80 -5.10 -29.69
C VAL A 355 29.16 -5.75 -29.48
N VAL A 356 29.53 -5.95 -28.22
CA VAL A 356 30.83 -6.50 -27.89
C VAL A 356 30.68 -7.89 -27.31
N LYS A 398 34.39 -2.18 -19.88
CA LYS A 398 33.09 -2.39 -19.20
C LYS A 398 31.96 -2.04 -20.15
N PRO A 399 30.94 -2.90 -20.32
CA PRO A 399 29.80 -2.57 -21.16
C PRO A 399 28.93 -1.51 -20.52
N ASP A 400 28.16 -0.82 -21.35
CA ASP A 400 27.21 0.16 -20.84
C ASP A 400 25.88 -0.47 -20.48
N ILE A 401 25.54 -1.58 -21.11
CA ILE A 401 24.32 -2.32 -20.80
C ILE A 401 24.54 -3.77 -21.20
N ILE A 402 23.87 -4.69 -20.51
CA ILE A 402 23.95 -6.11 -20.77
C ILE A 402 22.54 -6.62 -21.06
N PHE A 403 22.39 -7.40 -22.12
CA PHE A 403 21.12 -8.04 -22.46
C PHE A 403 21.20 -9.49 -22.01
N THR A 404 20.40 -9.86 -21.01
CA THR A 404 20.50 -11.17 -20.40
C THR A 404 19.19 -11.49 -19.70
N GLY A 405 19.18 -12.59 -18.94
CA GLY A 405 18.03 -12.96 -18.15
C GLY A 405 18.02 -12.29 -16.79
N LYS A 406 16.96 -12.57 -16.04
CA LYS A 406 16.72 -11.87 -14.78
C LYS A 406 17.80 -12.16 -13.74
N ARG A 407 18.14 -13.43 -13.54
CA ARG A 407 19.15 -13.75 -12.53
C ARG A 407 20.54 -13.27 -12.91
N PRO A 408 21.06 -13.53 -14.11
CA PRO A 408 22.35 -12.91 -14.48
C PRO A 408 22.31 -11.40 -14.49
N GLY A 409 21.16 -10.81 -14.83
CA GLY A 409 21.03 -9.37 -14.74
C GLY A 409 21.17 -8.85 -13.33
N GLU A 410 20.56 -9.55 -12.37
CA GLU A 410 20.72 -9.18 -10.97
C GLU A 410 22.14 -9.44 -10.49
N PHE A 411 22.83 -10.41 -11.09
CA PHE A 411 24.23 -10.61 -10.76
C PHE A 411 25.08 -9.41 -11.20
N VAL A 412 24.89 -8.98 -12.45
CA VAL A 412 25.69 -7.86 -12.97
C VAL A 412 25.24 -6.52 -12.44
N LYS A 413 24.04 -6.45 -11.84
CA LYS A 413 23.61 -5.24 -11.17
C LYS A 413 24.59 -4.84 -10.08
N LYS A 414 25.17 -5.82 -9.39
CA LYS A 414 26.15 -5.57 -8.35
C LYS A 414 27.45 -4.99 -8.89
N HIS A 415 27.65 -5.01 -10.21
CA HIS A 415 28.84 -4.45 -10.84
C HIS A 415 28.60 -3.07 -11.44
N GLY A 416 27.44 -2.48 -11.16
CA GLY A 416 27.13 -1.18 -11.71
C GLY A 416 26.76 -1.16 -13.16
N VAL A 417 26.26 -2.27 -13.70
CA VAL A 417 25.87 -2.37 -15.11
C VAL A 417 24.38 -2.67 -15.17
N PRO A 418 23.58 -1.86 -15.86
CA PRO A 418 22.16 -2.18 -16.01
C PRO A 418 21.93 -3.31 -16.99
N TYR A 419 20.75 -3.91 -16.90
CA TYR A 419 20.38 -4.98 -17.81
C TYR A 419 18.96 -4.76 -18.31
N LEU A 420 18.71 -5.21 -19.53
CA LEU A 420 17.37 -5.36 -20.07
C LEU A 420 17.13 -6.84 -20.28
N ASN A 421 15.96 -7.32 -19.87
CA ASN A 421 15.63 -8.73 -19.96
C ASN A 421 15.56 -9.15 -21.42
N ALA A 422 16.44 -10.06 -21.83
CA ALA A 422 16.47 -10.52 -23.21
C ALA A 422 15.40 -11.55 -23.52
N HIS A 423 14.79 -12.15 -22.50
CA HIS A 423 13.77 -13.18 -22.70
C HIS A 423 12.37 -12.63 -22.59
N ALA A 424 12.11 -11.80 -21.59
CA ALA A 424 10.79 -11.27 -21.32
C ALA A 424 10.67 -9.78 -21.57
N TYR A 425 11.73 -9.14 -22.06
CA TYR A 425 11.79 -7.67 -22.28
C TYR A 425 11.68 -6.94 -20.95
N HIS A 426 11.70 -5.63 -21.01
CA HIS A 426 11.44 -4.81 -19.80
C HIS A 426 10.09 -4.18 -20.08
N ASN A 427 10.07 -3.11 -20.83
CA ASN A 427 8.80 -2.45 -21.21
C ASN A 427 8.53 -2.83 -22.65
N GLY A 428 8.15 -4.06 -22.88
CA GLY A 428 7.81 -4.58 -24.17
C GLY A 428 6.46 -4.14 -24.63
N PRO A 429 6.07 -4.58 -25.82
CA PRO A 429 6.80 -5.45 -26.75
C PRO A 429 7.95 -4.74 -27.45
N TYR A 430 8.99 -5.47 -27.86
CA TYR A 430 10.11 -4.89 -28.59
C TYR A 430 9.98 -5.11 -30.09
N LYS A 431 8.92 -5.74 -30.54
CA LYS A 431 8.67 -5.96 -31.96
C LYS A 431 7.84 -4.84 -32.54
N GLY A 432 7.97 -4.65 -33.84
CA GLY A 432 7.37 -3.52 -34.52
C GLY A 432 8.25 -2.30 -34.49
N PHE A 433 7.82 -1.28 -35.22
CA PHE A 433 8.56 -0.02 -35.26
C PHE A 433 8.45 0.71 -33.93
N GLU A 434 7.23 0.81 -33.40
CA GLU A 434 7.04 1.40 -32.08
C GLU A 434 7.73 0.58 -30.99
N GLY A 435 7.69 -0.74 -31.11
CA GLY A 435 8.41 -1.58 -30.16
C GLY A 435 9.90 -1.36 -30.21
N TRP A 436 10.45 -1.12 -31.41
CA TRP A 436 11.85 -0.75 -31.53
C TRP A 436 12.14 0.57 -30.83
N VAL A 437 11.25 1.54 -30.94
CA VAL A 437 11.45 2.80 -30.23
C VAL A 437 11.36 2.60 -28.71
N ARG A 438 10.45 1.73 -28.26
CA ARG A 438 10.35 1.41 -26.84
C ARG A 438 11.63 0.74 -26.35
N PHE A 439 12.20 -0.16 -27.16
CA PHE A 439 13.47 -0.79 -26.85
C PHE A 439 14.60 0.24 -26.73
N ALA A 440 14.65 1.18 -27.68
CA ALA A 440 15.66 2.23 -27.62
C ALA A 440 15.51 3.09 -26.37
N ARG A 441 14.27 3.43 -26.02
CA ARG A 441 14.04 4.22 -24.81
C ARG A 441 14.43 3.44 -23.56
N ASP A 442 14.14 2.13 -23.52
CA ASP A 442 14.58 1.31 -22.39
C ASP A 442 16.09 1.30 -22.25
N ILE A 443 16.80 1.14 -23.37
CA ILE A 443 18.26 1.17 -23.36
C ILE A 443 18.76 2.52 -22.83
N TYR A 444 18.20 3.61 -23.36
CA TYR A 444 18.64 4.94 -22.99
C TYR A 444 18.34 5.24 -21.52
N ASN A 445 17.17 4.80 -21.04
CA ASN A 445 16.82 4.99 -19.64
C ASN A 445 17.75 4.24 -18.71
N ALA A 446 18.07 2.98 -19.05
CA ALA A 446 19.01 2.23 -18.22
C ALA A 446 20.41 2.84 -18.25
N ILE A 447 20.88 3.24 -19.43
CA ILE A 447 22.26 3.70 -19.56
C ILE A 447 22.45 5.06 -18.90
N TYR A 448 21.50 5.98 -19.07
CA TYR A 448 21.70 7.36 -18.66
C TYR A 448 21.02 7.69 -17.34
N SER A 449 20.76 6.70 -16.50
CA SER A 449 20.11 6.95 -15.22
C SER A 449 20.99 7.80 -14.31
N PRO A 450 20.46 8.86 -13.71
CA PRO A 450 21.23 9.58 -12.69
C PRO A 450 21.57 8.71 -11.48
N MET A 451 20.76 7.70 -11.21
CA MET A 451 21.07 6.75 -10.14
C MET A 451 22.33 5.94 -10.44
N ARG A 452 22.62 5.69 -11.71
CA ARG A 452 23.85 4.98 -12.07
C ARG A 452 25.07 5.78 -11.66
N GLN A 453 25.06 7.09 -11.89
CA GLN A 453 26.19 7.91 -11.49
C GLN A 453 26.21 8.15 -9.99
N LEU A 454 25.04 8.20 -9.34
CA LEU A 454 25.01 8.33 -7.90
C LEU A 454 25.56 7.09 -7.22
N ALA A 455 25.29 5.91 -7.78
CA ALA A 455 25.75 4.67 -7.15
C ALA A 455 27.24 4.47 -7.32
N ALA A 456 27.82 4.99 -8.39
CA ALA A 456 29.26 4.86 -8.63
C ALA A 456 30.08 5.85 -7.81
N LEU A 457 29.42 6.76 -7.10
CA LEU A 457 30.09 7.78 -6.30
C LEU A 457 30.34 7.25 -4.89
N ASP A 458 31.57 7.41 -4.42
CA ASP A 458 31.96 7.02 -3.07
C ASP A 458 31.93 8.27 -2.19
N ILE A 459 30.86 8.40 -1.39
CA ILE A 459 30.68 9.58 -0.56
C ILE A 459 31.63 9.63 0.61
N SER A 460 32.33 8.54 0.91
CA SER A 460 33.31 8.53 1.98
C SER A 460 34.69 8.98 1.51
N ALA A 461 34.87 9.25 0.23
CA ALA A 461 36.14 9.77 -0.25
C ALA A 461 36.32 11.20 0.24
N PRO A 462 37.55 11.59 0.60
CA PRO A 462 37.79 12.97 1.06
C PRO A 462 37.26 14.05 0.13
N ASP A 463 37.68 14.02 -1.13
CA ASP A 463 37.19 14.96 -2.13
C ASP A 463 36.14 14.30 -3.03
N ALA A 464 35.03 13.90 -2.42
CA ALA A 464 33.95 13.26 -3.17
C ALA A 464 33.13 14.31 -3.89
N ALA A 465 32.78 14.01 -5.14
CA ALA A 465 32.01 14.94 -5.97
C ALA A 465 30.53 14.92 -5.58
N ILE A 466 30.27 15.34 -4.35
CA ILE A 466 28.92 15.39 -3.82
C ILE A 466 28.25 16.65 -4.32
N THR A 467 27.02 16.50 -4.83
CA THR A 467 26.23 17.60 -5.35
C THR A 467 24.86 17.56 -4.69
N SER A 468 24.03 18.56 -4.99
CA SER A 468 22.64 18.59 -4.57
C SER A 468 21.77 18.94 -5.77
N GLY A 469 20.47 18.87 -5.56
CA GLY A 469 19.51 19.16 -6.61
C GLY A 469 19.04 17.92 -7.32
N PHE A 470 19.19 17.89 -8.63
CA PHE A 470 18.78 16.74 -9.43
C PHE A 470 19.58 16.71 -10.71
N ARG A 471 19.55 15.56 -11.37
CA ARG A 471 19.96 15.42 -12.76
C ARG A 471 18.90 14.60 -13.46
N THR A 472 18.82 14.74 -14.78
CA THR A 472 17.95 13.89 -15.57
C THR A 472 18.81 13.07 -16.53
N ALA A 473 18.20 12.01 -17.07
CA ALA A 473 18.86 11.23 -18.10
C ALA A 473 19.12 12.07 -19.34
N LYS A 474 18.23 13.00 -19.64
CA LYS A 474 18.41 13.88 -20.79
C LYS A 474 19.63 14.79 -20.61
N MET A 475 19.86 15.29 -19.40
CA MET A 475 21.03 16.10 -19.14
C MET A 475 22.31 15.32 -19.39
N ASN A 476 22.34 14.06 -18.93
CA ASN A 476 23.52 13.22 -19.13
C ASN A 476 23.70 12.87 -20.61
N ALA A 477 22.62 12.59 -21.31
CA ALA A 477 22.70 12.17 -22.69
C ALA A 477 23.05 13.32 -23.63
N ASP A 478 22.60 14.53 -23.32
CA ASP A 478 22.85 15.70 -24.16
C ASP A 478 24.29 16.18 -24.08
N LEU A 479 25.06 15.73 -23.08
CA LEU A 479 26.47 16.02 -23.04
C LEU A 479 27.25 15.30 -24.14
N THR A 480 26.63 14.30 -24.77
CA THR A 480 27.29 13.48 -25.78
C THR A 480 26.93 13.89 -27.20
N VAL A 481 25.90 14.70 -27.38
CA VAL A 481 25.42 15.06 -28.71
C VAL A 481 25.93 16.45 -29.05
N SER A 482 25.83 16.80 -30.33
CA SER A 482 26.21 18.12 -30.81
C SER A 482 25.04 19.08 -30.70
N ASP A 483 25.35 20.38 -30.87
CA ASP A 483 24.32 21.40 -30.73
C ASP A 483 23.25 21.27 -31.80
N GLU A 484 23.62 20.85 -33.01
CA GLU A 484 22.64 20.67 -34.07
C GLU A 484 21.65 19.56 -33.71
N VAL A 485 22.14 18.46 -33.13
CA VAL A 485 21.26 17.40 -32.66
C VAL A 485 20.48 17.85 -31.43
N LYS A 486 21.15 18.55 -30.51
CA LYS A 486 20.52 18.89 -29.23
C LYS A 486 19.32 19.79 -29.42
N PHE A 487 19.38 20.68 -30.41
CA PHE A 487 18.28 21.64 -30.67
C PHE A 487 17.57 21.27 -31.97
N SER A 488 17.31 19.99 -32.20
CA SER A 488 16.56 19.56 -33.39
C SER A 488 15.07 19.72 -33.10
N GLU A 489 14.34 20.26 -34.05
CA GLU A 489 12.88 20.38 -33.91
C GLU A 489 12.23 19.21 -34.68
N VAL A 490 13.04 18.26 -35.14
CA VAL A 490 12.49 17.03 -35.79
C VAL A 490 12.53 15.87 -34.77
N LEU A 491 13.67 15.61 -34.14
CA LEU A 491 13.78 14.51 -33.19
C LEU A 491 13.05 14.84 -31.90
N HIS A 492 12.29 13.87 -31.40
CA HIS A 492 11.63 14.01 -30.11
C HIS A 492 11.63 12.67 -29.40
N GLU A 493 11.41 12.72 -28.09
CA GLU A 493 11.39 11.51 -27.28
C GLU A 493 10.12 10.71 -27.56
N TYR A 494 10.15 9.45 -27.13
CA TYR A 494 9.06 8.51 -27.41
C TYR A 494 7.76 8.99 -26.80
N THR A 495 6.71 8.98 -27.60
CA THR A 495 5.38 9.45 -27.22
C THR A 495 4.42 8.27 -27.33
N GLY A 496 4.36 7.45 -26.30
CA GLY A 496 3.51 6.27 -26.32
C GLY A 496 3.11 5.90 -24.92
N LYS A 497 1.95 5.25 -24.81
CA LYS A 497 1.40 4.89 -23.51
C LYS A 497 2.19 3.74 -22.89
N TYR A 498 2.02 3.60 -21.57
CA TYR A 498 2.72 2.55 -20.84
C TYR A 498 2.37 1.17 -21.38
N ASP A 499 1.10 0.94 -21.67
CA ASP A 499 0.63 -0.27 -22.34
C ASP A 499 0.33 0.11 -23.78
N SER A 500 1.19 -0.32 -24.69
CA SER A 500 0.99 -0.04 -26.11
C SER A 500 0.16 -1.11 -26.80
N ILE A 501 -0.11 -2.23 -26.14
CA ILE A 501 -0.86 -3.32 -26.76
C ILE A 501 -2.36 -3.10 -26.68
N ALA A 502 -2.82 -2.27 -25.75
CA ALA A 502 -4.26 -2.04 -25.59
C ALA A 502 -4.89 -1.47 -26.84
N GLU A 503 -4.20 -0.53 -27.50
CA GLU A 503 -4.72 0.05 -28.73
C GLU A 503 -4.54 -0.89 -29.92
N ILE A 504 -3.42 -1.62 -29.95
CA ILE A 504 -3.22 -2.59 -31.03
C ILE A 504 -4.20 -3.74 -30.91
N ARG A 505 -4.44 -4.22 -29.69
CA ARG A 505 -5.38 -5.31 -29.47
C ARG A 505 -6.81 -4.88 -29.81
N ALA A 506 -7.18 -3.64 -29.48
CA ALA A 506 -8.51 -3.15 -29.82
C ALA A 506 -8.66 -3.00 -31.34
N ARG A 507 -7.60 -2.59 -32.02
CA ARG A 507 -7.62 -2.58 -33.49
C ARG A 507 -7.77 -3.98 -34.05
N ASN A 508 -7.08 -4.95 -33.46
CA ASN A 508 -7.15 -6.33 -33.95
C ASN A 508 -8.54 -6.91 -33.77
N GLN A 509 -9.18 -6.62 -32.63
CA GLN A 509 -10.52 -7.15 -32.38
C GLN A 509 -11.57 -6.42 -33.22
N ALA A 510 -11.27 -5.19 -33.65
CA ALA A 510 -12.18 -4.48 -34.55
C ALA A 510 -12.10 -5.04 -35.97
N TYR A 511 -10.88 -5.36 -36.43
CA TYR A 511 -10.73 -5.94 -37.76
C TYR A 511 -11.36 -7.32 -37.84
N ALA A 512 -11.24 -8.11 -36.77
CA ALA A 512 -11.88 -9.41 -36.72
C ALA A 512 -13.41 -9.27 -36.76
N ALA A 513 -13.95 -8.28 -36.05
CA ALA A 513 -15.39 -8.06 -36.09
C ALA A 513 -15.84 -7.60 -37.47
N GLU A 514 -15.08 -6.70 -38.10
CA GLU A 514 -15.43 -6.23 -39.43
C GLU A 514 -15.38 -7.35 -40.45
N GLN A 515 -14.36 -8.22 -40.35
CA GLN A 515 -14.25 -9.34 -41.28
C GLN A 515 -15.40 -10.33 -41.09
N LYS A 516 -15.92 -10.43 -39.86
CA LYS A 516 -17.08 -11.28 -39.61
C LYS A 516 -18.31 -10.76 -40.33
N ALA A 517 -18.55 -9.44 -40.28
CA ALA A 517 -19.73 -8.87 -40.89
C ALA A 517 -19.70 -9.05 -42.41
N LEU A 518 -18.54 -8.83 -43.04
CA LEU A 518 -18.45 -8.99 -44.49
C LEU A 518 -18.70 -10.44 -44.89
N ARG A 519 -18.18 -11.39 -44.14
CA ARG A 519 -18.40 -12.80 -44.41
C ARG A 519 -19.85 -13.19 -44.12
N VAL B 5 -11.61 -30.69 10.02
CA VAL B 5 -10.72 -30.02 9.08
C VAL B 5 -10.92 -30.57 7.67
N THR B 6 -10.99 -29.67 6.70
CA THR B 6 -11.10 -30.07 5.30
C THR B 6 -9.78 -30.64 4.80
N GLN B 7 -9.86 -31.79 4.13
CA GLN B 7 -8.79 -32.32 3.32
C GLN B 7 -9.26 -32.31 1.87
N LYS B 8 -8.40 -31.83 0.97
CA LYS B 8 -8.81 -31.62 -0.42
C LYS B 8 -9.40 -32.89 -1.02
N ALA B 9 -10.63 -32.77 -1.52
CA ALA B 9 -11.36 -33.90 -2.09
C ALA B 9 -11.09 -34.11 -3.57
N ARG B 10 -10.25 -33.29 -4.17
CA ARG B 10 -9.81 -33.46 -5.54
C ARG B 10 -8.46 -34.16 -5.56
N GLU B 11 -8.30 -35.11 -6.47
CA GLU B 11 -7.01 -35.79 -6.60
C GLU B 11 -5.98 -34.91 -7.30
N GLY B 12 -6.39 -34.20 -8.34
CA GLY B 12 -5.46 -33.36 -9.07
C GLY B 12 -5.19 -32.05 -8.36
N THR B 13 -4.19 -31.34 -8.87
CA THR B 13 -3.80 -30.05 -8.35
C THR B 13 -4.12 -28.97 -9.38
N ILE B 14 -4.69 -27.87 -8.91
CA ILE B 14 -4.85 -26.65 -9.70
C ILE B 14 -4.14 -25.54 -8.93
N ASN B 15 -3.03 -25.07 -9.48
CA ASN B 15 -2.33 -23.89 -8.92
C ASN B 15 -1.71 -24.26 -7.58
N PRO B 16 -0.59 -25.00 -7.56
CA PRO B 16 0.00 -25.43 -6.28
C PRO B 16 0.50 -24.26 -5.45
N ILE B 17 0.47 -24.44 -4.13
CA ILE B 17 0.91 -23.39 -3.22
C ILE B 17 2.41 -23.47 -2.92
N PHE B 18 2.99 -24.66 -2.98
CA PHE B 18 4.40 -24.88 -2.68
C PHE B 18 5.08 -25.60 -3.84
N THR B 19 6.40 -25.49 -3.88
CA THR B 19 7.23 -26.25 -4.79
C THR B 19 7.74 -27.51 -4.09
N CYS B 20 8.72 -28.20 -4.69
CA CYS B 20 9.20 -29.48 -4.19
C CYS B 20 10.24 -29.33 -3.09
N GLN B 21 10.55 -30.45 -2.43
CA GLN B 21 11.53 -30.45 -1.34
C GLN B 21 12.92 -29.98 -1.74
N PRO B 22 13.49 -30.36 -2.89
CA PRO B 22 14.84 -29.87 -3.21
C PRO B 22 14.94 -28.35 -3.21
N ALA B 23 13.89 -27.65 -3.61
CA ALA B 23 13.91 -26.19 -3.55
C ALA B 23 14.06 -25.69 -2.12
N GLY B 24 13.33 -26.31 -1.19
CA GLY B 24 13.47 -25.94 0.21
C GLY B 24 14.85 -26.25 0.77
N ALA B 25 15.43 -27.37 0.33
CA ALA B 25 16.80 -27.69 0.72
C ALA B 25 17.79 -26.65 0.21
N GLN B 26 17.62 -26.21 -1.04
CA GLN B 26 18.52 -25.21 -1.60
C GLN B 26 18.34 -23.86 -0.90
N PHE B 27 17.11 -23.52 -0.54
CA PHE B 27 16.89 -22.29 0.21
C PHE B 27 17.52 -22.36 1.60
N ALA B 28 17.43 -23.50 2.26
CA ALA B 28 18.11 -23.64 3.54
C ALA B 28 19.61 -23.51 3.38
N SER B 29 20.15 -24.09 2.30
CA SER B 29 21.60 -24.05 2.09
C SER B 29 22.11 -22.65 1.81
N ILE B 30 21.37 -21.85 1.03
CA ILE B 30 21.88 -20.52 0.67
C ILE B 30 21.97 -19.59 1.86
N GLY B 31 21.49 -19.99 3.03
CA GLY B 31 21.64 -19.22 4.24
C GLY B 31 22.91 -19.48 5.01
N ILE B 32 23.80 -20.31 4.47
CA ILE B 32 25.04 -20.68 5.13
C ILE B 32 26.20 -19.96 4.44
N LYS B 33 27.10 -19.42 5.24
CA LYS B 33 28.29 -18.76 4.72
C LYS B 33 29.24 -19.76 4.07
N ASP B 34 29.75 -19.41 2.89
CA ASP B 34 30.69 -20.23 2.13
C ASP B 34 30.13 -21.61 1.84
N CYS B 35 28.84 -21.66 1.51
CA CYS B 35 28.18 -22.89 1.13
C CYS B 35 27.64 -22.71 -0.28
N ILE B 36 28.00 -23.63 -1.18
CA ILE B 36 27.45 -23.68 -2.52
C ILE B 36 26.99 -25.12 -2.75
N GLY B 37 25.69 -25.33 -2.77
CA GLY B 37 25.16 -26.68 -2.90
C GLY B 37 25.12 -27.13 -4.36
N ILE B 38 25.46 -28.39 -4.57
CA ILE B 38 25.32 -29.03 -5.87
C ILE B 38 24.01 -29.82 -5.85
N VAL B 39 23.15 -29.55 -6.82
CA VAL B 39 21.89 -30.27 -6.94
C VAL B 39 22.06 -31.37 -7.96
N HIS B 40 21.90 -32.62 -7.52
CA HIS B 40 22.11 -33.78 -8.39
C HIS B 40 20.82 -34.05 -9.14
N GLY B 41 20.58 -33.22 -10.15
CA GLY B 41 19.42 -33.38 -10.99
C GLY B 41 19.63 -32.67 -12.30
N GLY B 42 18.52 -32.27 -12.92
CA GLY B 42 18.61 -31.52 -14.15
C GLY B 42 19.11 -30.10 -13.92
N GLN B 43 19.62 -29.51 -15.01
CA GLN B 43 20.00 -28.09 -14.96
C GLN B 43 18.77 -27.22 -14.70
N GLY B 44 17.64 -27.58 -15.30
CA GLY B 44 16.41 -26.83 -15.13
C GLY B 44 15.91 -26.74 -13.70
N CYS B 45 16.11 -27.78 -12.89
CA CYS B 45 15.69 -27.70 -11.50
C CYS B 45 16.41 -26.57 -10.77
N VAL B 46 17.74 -26.52 -10.89
CA VAL B 46 18.51 -25.46 -10.28
C VAL B 46 18.17 -24.12 -10.89
N MET B 47 17.97 -24.07 -12.21
CA MET B 47 17.61 -22.82 -12.87
C MET B 47 16.32 -22.24 -12.32
N PHE B 48 15.29 -23.07 -12.15
CA PHE B 48 14.00 -22.61 -11.64
C PHE B 48 14.03 -22.29 -10.16
N VAL B 49 14.81 -23.00 -9.35
CA VAL B 49 14.90 -22.63 -7.94
C VAL B 49 15.65 -21.32 -7.78
N ARG B 50 16.72 -21.13 -8.53
CA ARG B 50 17.44 -19.85 -8.51
C ARG B 50 16.56 -18.73 -9.01
N LEU B 51 15.74 -18.99 -10.03
CA LEU B 51 14.80 -17.98 -10.50
C LEU B 51 13.76 -17.64 -9.44
N LEU B 52 13.29 -18.63 -8.68
CA LEU B 52 12.31 -18.37 -7.63
C LEU B 52 12.90 -17.53 -6.50
N ILE B 53 14.12 -17.86 -6.08
CA ILE B 53 14.78 -17.07 -5.04
C ILE B 53 15.07 -15.66 -5.55
N SER B 54 15.43 -15.54 -6.83
CA SER B 54 15.63 -14.24 -7.45
C SER B 54 14.32 -13.44 -7.53
N GLN B 55 13.21 -14.13 -7.78
CA GLN B 55 11.92 -13.47 -7.75
C GLN B 55 11.62 -12.91 -6.38
N HIS B 56 11.86 -13.69 -5.34
CA HIS B 56 11.57 -13.22 -3.99
C HIS B 56 12.47 -12.06 -3.59
N MET B 57 13.78 -12.22 -3.75
CA MET B 57 14.73 -11.28 -3.18
C MET B 57 15.32 -10.29 -4.18
N LYS B 58 15.14 -10.52 -5.49
CA LYS B 58 15.77 -9.73 -6.54
C LYS B 58 17.29 -9.81 -6.45
N GLU B 59 17.82 -10.91 -5.94
CA GLU B 59 19.25 -11.10 -5.79
C GLU B 59 19.63 -12.47 -6.34
N SER B 60 20.83 -12.54 -6.90
CA SER B 60 21.36 -13.78 -7.44
C SER B 60 22.12 -14.53 -6.35
N PHE B 61 21.90 -15.85 -6.30
CA PHE B 61 22.58 -16.72 -5.36
C PHE B 61 23.23 -17.86 -6.12
N GLU B 62 24.33 -18.38 -5.56
CA GLU B 62 25.11 -19.43 -6.21
C GLU B 62 24.60 -20.78 -5.76
N ILE B 63 24.01 -21.53 -6.69
CA ILE B 63 23.69 -22.94 -6.50
C ILE B 63 24.21 -23.70 -7.71
N ALA B 64 24.90 -24.81 -7.47
CA ALA B 64 25.53 -25.58 -8.53
C ALA B 64 24.66 -26.77 -8.92
N SER B 65 24.96 -27.33 -10.09
CA SER B 65 24.23 -28.47 -10.64
C SER B 65 25.21 -29.51 -11.13
N SER B 66 24.75 -30.76 -11.16
CA SER B 66 25.52 -31.87 -11.69
C SER B 66 25.10 -32.27 -13.10
N SER B 67 23.89 -31.88 -13.51
CA SER B 67 23.39 -32.06 -14.87
C SER B 67 23.16 -33.53 -15.21
N VAL B 68 23.44 -34.42 -14.27
CA VAL B 68 23.31 -35.87 -14.46
C VAL B 68 24.08 -36.33 -15.70
N ALA B 77 25.01 -41.81 -12.18
CA ALA B 77 25.56 -40.48 -12.41
C ALA B 77 26.46 -40.07 -11.25
N LEU B 78 27.01 -41.06 -10.56
CA LEU B 78 27.94 -40.80 -9.45
C LEU B 78 29.21 -40.11 -9.96
N ASP B 79 29.72 -40.56 -11.11
CA ASP B 79 30.86 -39.88 -11.73
C ASP B 79 30.54 -38.43 -12.03
N ARG B 80 29.28 -38.14 -12.41
CA ARG B 80 28.88 -36.75 -12.63
C ARG B 80 28.98 -35.95 -11.35
N VAL B 81 28.58 -36.54 -10.22
CA VAL B 81 28.69 -35.85 -8.93
C VAL B 81 30.15 -35.58 -8.60
N GLU B 82 31.03 -36.56 -8.82
CA GLU B 82 32.44 -36.35 -8.54
C GLU B 82 33.03 -35.25 -9.41
N THR B 83 32.69 -35.25 -10.70
CA THR B 83 33.18 -34.20 -11.59
C THR B 83 32.62 -32.84 -11.20
N ALA B 84 31.37 -32.79 -10.77
CA ALA B 84 30.77 -31.53 -10.35
C ALA B 84 31.47 -30.98 -9.10
N VAL B 85 31.78 -31.85 -8.14
CA VAL B 85 32.49 -31.40 -6.95
C VAL B 85 33.88 -30.88 -7.33
N GLU B 86 34.57 -31.61 -8.22
CA GLU B 86 35.88 -31.17 -8.68
C GLU B 86 35.81 -29.80 -9.33
N VAL B 87 34.85 -29.61 -10.24
CA VAL B 87 34.71 -28.36 -10.97
C VAL B 87 34.35 -27.22 -10.02
N LEU B 88 33.43 -27.47 -9.09
CA LEU B 88 33.03 -26.44 -8.14
C LEU B 88 34.18 -26.02 -7.25
N LEU B 89 34.95 -26.99 -6.74
CA LEU B 89 36.07 -26.64 -5.87
C LEU B 89 37.17 -25.94 -6.64
N THR B 90 37.33 -26.26 -7.93
CA THR B 90 38.31 -25.53 -8.75
C THR B 90 37.87 -24.10 -8.99
N ARG B 91 36.59 -23.88 -9.32
CA ARG B 91 36.12 -22.58 -9.75
C ARG B 91 35.67 -21.67 -8.60
N TYR B 92 35.64 -22.18 -7.38
CA TYR B 92 35.29 -21.37 -6.20
C TYR B 92 36.28 -21.68 -5.08
N PRO B 93 37.29 -20.83 -4.89
CA PRO B 93 38.28 -21.10 -3.83
C PRO B 93 37.82 -20.72 -2.44
N ASP B 94 36.59 -20.25 -2.27
CA ASP B 94 36.10 -19.84 -0.96
C ASP B 94 35.06 -20.78 -0.37
N VAL B 95 34.47 -21.67 -1.18
CA VAL B 95 33.40 -22.52 -0.71
C VAL B 95 33.96 -23.60 0.22
N LYS B 96 33.34 -23.76 1.38
CA LYS B 96 33.70 -24.76 2.36
C LYS B 96 32.66 -25.86 2.53
N VAL B 97 31.39 -25.53 2.39
CA VAL B 97 30.30 -26.48 2.58
C VAL B 97 29.74 -26.81 1.20
N VAL B 98 29.73 -28.08 0.86
CA VAL B 98 29.26 -28.53 -0.46
C VAL B 98 28.20 -29.59 -0.26
N PRO B 99 26.95 -29.23 -0.02
CA PRO B 99 25.89 -30.23 0.12
C PRO B 99 25.43 -30.74 -1.23
N ILE B 100 25.24 -32.05 -1.29
CA ILE B 100 24.71 -32.67 -2.52
C ILE B 100 23.23 -32.93 -2.25
N ILE B 101 22.38 -32.43 -3.13
CA ILE B 101 20.93 -32.53 -2.98
C ILE B 101 20.40 -33.42 -4.09
N THR B 102 19.64 -34.45 -3.72
CA THR B 102 19.05 -35.37 -4.68
C THR B 102 17.63 -34.93 -5.04
N THR B 103 17.16 -35.40 -6.19
CA THR B 103 15.94 -34.88 -6.80
C THR B 103 15.12 -36.02 -7.38
N CYS B 104 14.13 -35.66 -8.20
CA CYS B 104 13.22 -36.66 -8.82
C CYS B 104 13.93 -37.92 -9.30
N SER B 105 14.74 -37.80 -10.37
CA SER B 105 15.22 -39.01 -11.03
C SER B 105 16.42 -39.62 -10.31
N THR B 106 16.97 -38.93 -9.33
CA THR B 106 18.11 -39.45 -8.59
C THR B 106 17.68 -40.51 -7.59
N ASP B 112 24.33 -43.95 -3.78
CA ASP B 112 25.23 -43.92 -2.59
C ASP B 112 26.06 -42.64 -2.66
N VAL B 113 25.42 -41.50 -2.93
CA VAL B 113 26.16 -40.22 -2.89
C VAL B 113 26.92 -40.18 -1.57
N ASP B 114 26.38 -40.85 -0.57
CA ASP B 114 27.07 -40.91 0.75
C ASP B 114 28.34 -41.74 0.64
N GLY B 115 28.28 -42.89 -0.03
CA GLY B 115 29.49 -43.72 -0.23
C GLY B 115 30.52 -43.00 -1.08
N LEU B 116 30.11 -42.46 -2.23
CA LEU B 116 31.03 -41.69 -3.10
C LEU B 116 31.66 -40.56 -2.28
N LEU B 117 30.85 -39.87 -1.47
CA LEU B 117 31.39 -38.72 -0.71
C LEU B 117 32.44 -39.24 0.26
N SER B 118 32.23 -40.44 0.78
CA SER B 118 33.24 -41.06 1.68
C SER B 118 34.54 -41.23 0.90
N LYS B 119 34.44 -41.77 -0.31
CA LYS B 119 35.62 -41.97 -1.15
C LYS B 119 36.26 -40.65 -1.55
N LEU B 120 35.45 -39.63 -1.82
CA LEU B 120 35.98 -38.33 -2.26
C LEU B 120 36.82 -37.70 -1.17
N GLU B 121 36.34 -37.71 0.07
CA GLU B 121 37.07 -37.09 1.17
C GLU B 121 38.39 -37.78 1.49
N ASP B 122 38.63 -38.96 0.90
CA ASP B 122 39.92 -39.66 1.11
C ASP B 122 40.79 -39.59 -0.15
N GLU B 123 40.19 -39.45 -1.32
CA GLU B 123 40.96 -39.49 -2.57
C GLU B 123 41.10 -38.14 -3.25
N LEU B 124 40.00 -37.43 -3.48
CA LEU B 124 40.07 -36.20 -4.27
C LEU B 124 40.52 -35.03 -3.42
N LEU B 125 39.84 -34.80 -2.29
CA LEU B 125 40.20 -33.66 -1.44
C LEU B 125 41.63 -33.75 -0.90
N PRO B 126 42.08 -34.87 -0.32
CA PRO B 126 43.47 -34.91 0.18
C PRO B 126 44.52 -34.71 -0.90
N THR B 127 44.25 -35.13 -2.14
CA THR B 127 45.24 -35.05 -3.21
C THR B 127 45.15 -33.73 -3.98
N LYS B 128 44.00 -33.48 -4.61
CA LYS B 128 43.88 -32.33 -5.50
C LYS B 128 43.80 -31.01 -4.74
N PHE B 129 43.26 -31.03 -3.53
CA PHE B 129 43.07 -29.82 -2.72
C PHE B 129 43.69 -30.02 -1.35
N PRO B 130 45.02 -30.12 -1.27
CA PRO B 130 45.65 -30.35 0.03
C PRO B 130 45.62 -29.10 0.88
N GLY B 131 45.21 -29.28 2.15
CA GLY B 131 45.11 -28.17 3.07
C GLY B 131 43.85 -27.35 2.96
N ARG B 132 42.91 -27.74 2.10
CA ARG B 132 41.67 -27.00 1.91
C ARG B 132 40.57 -27.65 2.74
N GLU B 133 39.91 -26.83 3.57
CA GLU B 133 38.84 -27.30 4.44
C GLU B 133 37.56 -27.39 3.63
N VAL B 134 37.19 -28.61 3.24
CA VAL B 134 36.00 -28.85 2.42
C VAL B 134 35.15 -29.91 3.11
N HIS B 135 33.88 -29.59 3.32
CA HIS B 135 32.93 -30.49 3.96
C HIS B 135 31.88 -30.91 2.95
N LEU B 136 31.68 -32.21 2.80
CA LEU B 136 30.73 -32.76 1.86
C LEU B 136 29.64 -33.48 2.62
N LEU B 137 28.38 -33.14 2.32
CA LEU B 137 27.23 -33.77 2.95
C LEU B 137 26.14 -33.98 1.91
N THR B 138 25.20 -34.86 2.23
CA THR B 138 24.09 -35.18 1.36
C THR B 138 22.78 -34.76 2.03
N VAL B 139 21.88 -34.21 1.23
CA VAL B 139 20.50 -33.95 1.63
C VAL B 139 19.62 -34.67 0.62
N HIS B 140 18.96 -35.74 1.04
CA HIS B 140 18.12 -36.53 0.16
C HIS B 140 16.71 -35.93 0.16
N CYS B 141 16.30 -35.41 -0.99
CA CYS B 141 15.04 -34.66 -1.11
C CYS B 141 14.23 -35.21 -2.28
N PRO B 142 13.48 -36.30 -2.06
CA PRO B 142 12.55 -36.76 -3.10
C PRO B 142 11.48 -35.71 -3.35
N SER B 143 11.06 -35.58 -4.61
CA SER B 143 10.10 -34.56 -4.98
C SER B 143 8.66 -35.05 -4.99
N PHE B 144 8.42 -36.35 -4.79
CA PHE B 144 7.08 -36.90 -4.77
C PHE B 144 6.54 -37.11 -3.35
N VAL B 145 7.30 -36.75 -2.33
CA VAL B 145 6.85 -36.81 -0.94
C VAL B 145 7.07 -35.44 -0.33
N GLY B 146 6.14 -35.01 0.52
CA GLY B 146 6.36 -33.75 1.20
C GLY B 146 6.35 -32.56 0.26
N SER B 147 6.97 -31.48 0.71
CA SER B 147 7.03 -30.26 -0.07
C SER B 147 8.28 -29.49 0.31
N MET B 148 8.36 -28.23 -0.15
CA MET B 148 9.50 -27.38 0.16
C MET B 148 9.64 -27.13 1.65
N ILE B 149 8.54 -27.21 2.40
CA ILE B 149 8.60 -27.07 3.85
C ILE B 149 9.35 -28.25 4.47
N THR B 150 8.97 -29.47 4.09
CA THR B 150 9.67 -30.64 4.59
C THR B 150 11.09 -30.71 4.07
N GLY B 151 11.33 -30.22 2.85
CA GLY B 151 12.69 -30.13 2.35
C GLY B 151 13.56 -29.19 3.16
N TYR B 152 13.03 -28.02 3.52
CA TYR B 152 13.75 -27.11 4.39
C TYR B 152 14.02 -27.74 5.76
N ASP B 153 13.00 -28.39 6.33
CA ASP B 153 13.16 -29.04 7.62
C ASP B 153 14.26 -30.09 7.59
N LYS B 154 14.27 -30.94 6.56
CA LYS B 154 15.28 -32.01 6.43
C LYS B 154 16.65 -31.43 6.12
N ALA B 155 16.71 -30.33 5.38
CA ALA B 155 18.01 -29.72 5.13
C ALA B 155 18.61 -29.14 6.41
N VAL B 156 17.80 -28.45 7.22
CA VAL B 156 18.30 -27.91 8.47
C VAL B 156 18.77 -29.04 9.39
N HIS B 157 17.98 -30.12 9.46
CA HIS B 157 18.39 -31.28 10.24
C HIS B 157 19.70 -31.86 9.74
N ASP B 158 19.86 -31.98 8.42
CA ASP B 158 21.07 -32.55 7.85
C ASP B 158 22.29 -31.70 8.11
N PHE B 159 22.16 -30.37 8.00
CA PHE B 159 23.29 -29.49 8.29
C PHE B 159 23.68 -29.58 9.76
N VAL B 160 22.68 -29.54 10.66
CA VAL B 160 22.97 -29.62 12.08
C VAL B 160 23.61 -30.96 12.43
N LYS B 161 23.10 -32.04 11.84
CA LYS B 161 23.68 -33.36 12.08
C LYS B 161 25.11 -33.45 11.58
N LYS B 162 25.36 -32.89 10.39
CA LYS B 162 26.69 -32.94 9.81
C LYS B 162 27.71 -32.19 10.65
N PHE B 163 27.32 -31.03 11.21
CA PHE B 163 28.31 -30.15 11.80
C PHE B 163 28.33 -30.13 13.32
N ALA B 164 27.23 -30.44 13.99
CA ALA B 164 27.18 -30.29 15.44
C ALA B 164 28.21 -31.18 16.12
N THR B 165 28.96 -30.60 17.05
CA THR B 165 30.03 -31.29 17.75
C THR B 165 30.07 -30.84 19.19
N LYS B 166 30.19 -31.80 20.10
CA LYS B 166 30.25 -31.46 21.52
C LYS B 166 31.60 -30.85 21.87
N ASP B 167 31.57 -29.86 22.75
CA ASP B 167 32.72 -29.04 23.10
C ASP B 167 32.46 -28.46 24.49
N GLU B 168 33.18 -27.40 24.84
CA GLU B 168 32.93 -26.74 26.10
C GLU B 168 31.53 -26.11 26.09
N PRO B 169 30.82 -26.12 27.21
CA PRO B 169 29.47 -25.55 27.23
C PRO B 169 29.48 -24.05 26.96
N SER B 170 28.41 -23.58 26.33
CA SER B 170 28.28 -22.18 25.95
C SER B 170 27.01 -21.59 26.57
N ASP B 171 27.03 -20.27 26.75
CA ASP B 171 25.88 -19.55 27.27
C ASP B 171 24.88 -19.15 26.19
N LYS B 172 25.16 -19.48 24.93
CA LYS B 172 24.26 -19.14 23.84
C LYS B 172 23.08 -20.11 23.79
N ILE B 173 22.02 -19.67 23.14
CA ILE B 173 20.90 -20.54 22.79
C ILE B 173 20.95 -20.75 21.28
N ASN B 174 20.16 -21.71 20.81
CA ASN B 174 19.98 -21.91 19.38
C ASN B 174 18.62 -21.33 19.00
N LEU B 175 18.62 -20.42 18.06
CA LEU B 175 17.38 -19.91 17.49
C LEU B 175 17.30 -20.43 16.06
N ILE B 176 16.50 -21.47 15.86
CA ILE B 176 16.18 -21.96 14.52
C ILE B 176 14.95 -21.17 14.08
N THR B 177 15.17 -20.15 13.25
CA THR B 177 14.11 -19.21 12.92
C THR B 177 13.02 -19.84 12.06
N GLY B 178 13.38 -20.83 11.24
CA GLY B 178 12.50 -21.27 10.18
C GLY B 178 12.69 -20.45 8.94
N TRP B 179 11.98 -20.83 7.91
CA TRP B 179 12.06 -20.13 6.60
C TRP B 179 11.40 -18.76 6.74
N VAL B 180 12.17 -17.73 7.05
CA VAL B 180 11.71 -16.38 7.32
C VAL B 180 12.49 -15.39 6.45
N ASN B 181 12.04 -14.15 6.46
CA ASN B 181 12.61 -13.04 5.71
C ASN B 181 13.75 -12.37 6.46
N PRO B 182 14.64 -11.66 5.76
CA PRO B 182 15.67 -10.88 6.46
C PRO B 182 15.13 -9.86 7.45
N GLY B 183 13.96 -9.27 7.18
CA GLY B 183 13.35 -8.38 8.15
C GLY B 183 12.92 -9.09 9.43
N ASP B 184 12.41 -10.32 9.29
CA ASP B 184 12.08 -11.12 10.45
C ASP B 184 13.32 -11.44 11.28
N VAL B 185 14.44 -11.74 10.64
CA VAL B 185 15.67 -12.03 11.35
C VAL B 185 16.19 -10.77 12.04
N LYS B 186 16.06 -9.61 11.37
CA LYS B 186 16.46 -8.36 12.01
C LYS B 186 15.64 -8.09 13.26
N GLU B 187 14.32 -8.32 13.19
CA GLU B 187 13.46 -8.12 14.35
C GLU B 187 13.78 -9.10 15.48
N LEU B 188 14.00 -10.37 15.14
CA LEU B 188 14.32 -11.37 16.15
C LEU B 188 15.64 -11.06 16.84
N LYS B 189 16.63 -10.65 16.06
CA LYS B 189 17.92 -10.31 16.64
C LYS B 189 17.83 -9.04 17.48
N HIS B 190 16.98 -8.09 17.10
CA HIS B 190 16.76 -6.93 17.96
C HIS B 190 16.15 -7.34 19.29
N LEU B 191 15.14 -8.22 19.26
CA LEU B 191 14.54 -8.70 20.50
C LEU B 191 15.57 -9.41 21.38
N LEU B 192 16.39 -10.27 20.78
CA LEU B 192 17.40 -10.99 21.55
C LEU B 192 18.44 -10.05 22.13
N GLU B 193 18.82 -9.02 21.37
CA GLU B 193 19.81 -8.07 21.84
C GLU B 193 19.28 -7.23 23.00
N VAL B 194 18.00 -6.84 22.94
CA VAL B 194 17.41 -6.12 24.05
C VAL B 194 17.30 -7.02 25.27
N MET B 195 16.93 -8.30 25.07
CA MET B 195 16.90 -9.24 26.18
C MET B 195 18.29 -9.69 26.61
N GLU B 196 19.34 -9.29 25.90
CA GLU B 196 20.74 -9.60 26.22
C GLU B 196 21.01 -11.11 26.15
N VAL B 197 20.61 -11.71 25.04
CA VAL B 197 20.77 -13.14 24.82
C VAL B 197 21.60 -13.34 23.56
N LYS B 198 22.67 -14.12 23.67
CA LYS B 198 23.44 -14.55 22.52
C LYS B 198 22.83 -15.82 21.95
N ALA B 199 22.84 -15.93 20.62
CA ALA B 199 22.21 -17.07 19.98
C ALA B 199 23.04 -17.55 18.80
N ASN B 200 22.89 -18.83 18.49
CA ASN B 200 23.30 -19.38 17.19
C ASN B 200 22.07 -19.32 16.31
N VAL B 201 21.95 -18.25 15.53
CA VAL B 201 20.76 -18.03 14.71
C VAL B 201 20.88 -18.83 13.43
N LEU B 202 19.89 -19.68 13.19
CA LEU B 202 19.81 -20.50 11.97
C LEU B 202 18.55 -20.07 11.23
N PHE B 203 18.72 -19.29 10.16
CA PHE B 203 19.96 -18.83 9.58
C PHE B 203 20.04 -17.31 9.57
N GLU B 204 21.25 -16.80 9.44
CA GLU B 204 21.48 -15.35 9.33
C GLU B 204 21.34 -14.96 7.87
N VAL B 205 20.13 -14.56 7.50
CA VAL B 205 19.81 -14.24 6.11
C VAL B 205 19.72 -12.74 5.88
N GLU B 206 20.19 -11.93 6.82
CA GLU B 206 20.13 -10.48 6.63
C GLU B 206 21.05 -10.02 5.49
N SER B 207 22.12 -10.77 5.23
CA SER B 207 23.04 -10.47 4.14
C SER B 207 22.47 -10.83 2.77
N PHE B 208 21.28 -11.44 2.72
CA PHE B 208 20.59 -11.63 1.45
C PHE B 208 20.38 -10.29 0.76
N ASP B 209 20.07 -9.25 1.53
CA ASP B 209 19.97 -7.88 1.05
C ASP B 209 21.37 -7.28 1.02
N SER B 210 21.95 -7.21 -0.16
CA SER B 210 23.30 -6.71 -0.31
C SER B 210 23.31 -5.32 -0.95
N PRO B 211 24.31 -4.51 -0.64
CA PRO B 211 24.34 -3.14 -1.17
C PRO B 211 24.86 -3.06 -2.59
N LEU B 212 24.54 -1.95 -3.24
CA LEU B 212 25.08 -1.56 -4.53
C LEU B 212 26.25 -0.63 -4.26
N MET B 213 27.43 -1.20 -4.09
CA MET B 213 28.60 -0.49 -3.61
C MET B 213 29.29 0.28 -4.74
N PRO B 214 30.02 1.36 -4.40
CA PRO B 214 30.63 2.19 -5.44
C PRO B 214 31.68 1.48 -6.28
N ASP B 215 32.70 0.91 -5.64
CA ASP B 215 33.81 0.30 -6.35
C ASP B 215 33.79 -1.22 -6.23
N LEU B 216 33.82 -1.75 -5.02
CA LEU B 216 33.80 -3.20 -4.85
C LEU B 216 32.39 -3.73 -5.09
N GLU B 217 32.31 -5.00 -5.46
CA GLU B 217 31.04 -5.67 -5.67
C GLU B 217 30.74 -6.58 -4.48
N HIS B 218 29.55 -6.43 -3.92
CA HIS B 218 29.11 -7.25 -2.80
C HIS B 218 27.91 -8.06 -3.26
N HIS B 219 28.02 -9.38 -3.18
CA HIS B 219 26.97 -10.27 -3.64
C HIS B 219 26.22 -10.84 -2.45
N SER B 220 24.97 -11.24 -2.72
CA SER B 220 24.13 -11.82 -1.68
C SER B 220 24.66 -13.17 -1.24
N HIS B 221 24.57 -13.42 0.06
CA HIS B 221 25.07 -14.65 0.66
C HIS B 221 24.43 -14.81 2.02
N GLY B 222 24.62 -15.98 2.60
CA GLY B 222 24.18 -16.26 3.95
C GLY B 222 25.31 -16.04 4.93
N SER B 223 24.96 -15.72 6.17
CA SER B 223 25.94 -15.37 7.18
C SER B 223 26.08 -16.43 8.27
N THR B 224 25.42 -17.58 8.12
CA THR B 224 25.58 -18.66 9.08
C THR B 224 26.85 -19.43 8.76
N THR B 225 27.77 -19.49 9.72
CA THR B 225 29.06 -20.11 9.50
C THR B 225 29.05 -21.56 9.97
N ILE B 226 30.13 -22.28 9.63
CA ILE B 226 30.30 -23.64 10.11
C ILE B 226 30.51 -23.64 11.62
N GLU B 227 31.08 -22.57 12.16
CA GLU B 227 31.28 -22.51 13.60
C GLU B 227 29.96 -22.47 14.36
N ASP B 228 28.97 -21.76 13.82
CA ASP B 228 27.65 -21.72 14.46
C ASP B 228 27.01 -23.10 14.49
N LEU B 229 27.06 -23.80 13.34
CA LEU B 229 26.47 -25.12 13.27
C LEU B 229 27.21 -26.13 14.14
N ARG B 230 28.53 -25.97 14.28
CA ARG B 230 29.30 -26.79 15.21
C ARG B 230 28.91 -26.50 16.65
N ASP B 231 28.74 -25.23 17.00
CA ASP B 231 28.45 -24.81 18.36
C ASP B 231 27.00 -25.02 18.76
N THR B 232 26.12 -25.39 17.82
CA THR B 232 24.74 -25.71 18.19
C THR B 232 24.68 -26.83 19.23
N ALA B 233 25.69 -27.71 19.27
CA ALA B 233 25.69 -28.81 20.21
C ALA B 233 25.99 -28.38 21.64
N ASN B 234 26.54 -27.19 21.83
CA ASN B 234 26.98 -26.73 23.14
C ASN B 234 26.05 -25.67 23.74
N ALA B 235 24.87 -25.48 23.18
CA ALA B 235 23.97 -24.42 23.62
C ALA B 235 23.26 -24.79 24.91
N LYS B 236 22.79 -23.76 25.61
CA LYS B 236 21.91 -23.97 26.76
C LYS B 236 20.59 -24.60 26.35
N GLY B 237 20.04 -24.15 25.22
CA GLY B 237 18.79 -24.72 24.73
C GLY B 237 18.56 -24.26 23.31
N THR B 238 17.59 -24.91 22.67
CA THR B 238 17.17 -24.60 21.31
C THR B 238 15.74 -24.12 21.35
N ILE B 239 15.48 -22.98 20.71
CA ILE B 239 14.12 -22.52 20.45
C ILE B 239 13.92 -22.60 18.95
N ALA B 240 13.06 -23.50 18.51
CA ALA B 240 12.66 -23.62 17.12
C ALA B 240 11.32 -22.92 16.97
N LEU B 241 11.31 -21.77 16.30
CA LEU B 241 10.09 -21.00 16.16
C LEU B 241 9.03 -21.78 15.39
N ASN B 242 9.44 -22.48 14.34
CA ASN B 242 8.52 -23.18 13.46
C ASN B 242 8.56 -24.67 13.75
N ARG B 243 7.38 -25.26 13.93
CA ARG B 243 7.28 -26.69 14.22
C ARG B 243 7.55 -27.54 12.98
N TYR B 244 7.28 -27.00 11.79
CA TYR B 244 7.49 -27.71 10.55
C TYR B 244 8.74 -27.25 9.81
N GLU B 245 9.48 -26.34 10.37
CA GLU B 245 10.68 -25.80 9.71
C GLU B 245 11.74 -25.65 10.79
N GLY B 246 12.14 -26.73 11.42
CA GLY B 246 13.24 -26.66 12.36
C GLY B 246 13.09 -27.52 13.59
N MET B 247 11.94 -28.17 13.74
CA MET B 247 11.74 -29.08 14.86
C MET B 247 12.60 -30.33 14.74
N LYS B 248 12.91 -30.76 13.52
CA LYS B 248 13.74 -31.95 13.34
C LYS B 248 15.16 -31.72 13.85
N ALA B 249 15.74 -30.56 13.55
CA ALA B 249 17.08 -30.25 14.05
C ALA B 249 17.10 -30.11 15.56
N ALA B 250 16.07 -29.48 16.13
CA ALA B 250 15.99 -29.34 17.58
C ALA B 250 15.85 -30.70 18.26
N ASP B 251 15.03 -31.58 17.67
CA ASP B 251 14.88 -32.91 18.22
C ASP B 251 16.16 -33.73 18.08
N TYR B 252 16.87 -33.57 16.97
CA TYR B 252 18.16 -34.24 16.83
C TYR B 252 19.14 -33.78 17.89
N LEU B 253 19.20 -32.47 18.12
CA LEU B 253 20.10 -31.93 19.14
C LEU B 253 19.73 -32.43 20.52
N LYS B 254 18.44 -32.47 20.84
CA LYS B 254 18.01 -32.98 22.14
C LYS B 254 18.33 -34.47 22.28
N LYS B 255 18.15 -35.24 21.22
CA LYS B 255 18.37 -36.70 21.31
C LYS B 255 19.86 -37.03 21.39
N LYS B 256 20.72 -36.28 20.71
CA LYS B 256 22.14 -36.61 20.69
C LYS B 256 22.93 -35.91 21.80
N PHE B 257 22.84 -34.58 21.88
CA PHE B 257 23.68 -33.81 22.79
C PHE B 257 22.92 -33.32 24.02
N LYS B 258 21.67 -33.77 24.21
CA LYS B 258 20.87 -33.42 25.38
C LYS B 258 20.68 -31.90 25.49
N VAL B 259 20.50 -31.24 24.36
CA VAL B 259 20.21 -29.80 24.33
C VAL B 259 18.69 -29.64 24.43
N PRO B 260 18.16 -29.09 25.51
CA PRO B 260 16.71 -28.96 25.64
C PRO B 260 16.11 -28.09 24.55
N ALA B 261 14.96 -28.51 24.04
CA ALA B 261 14.34 -27.89 22.87
C ALA B 261 12.96 -27.38 23.23
N VAL B 262 12.66 -26.16 22.81
CA VAL B 262 11.34 -25.56 22.92
C VAL B 262 10.85 -25.30 21.51
N ILE B 263 9.71 -25.87 21.16
CA ILE B 263 9.17 -25.78 19.81
C ILE B 263 8.05 -24.75 19.82
N GLY B 264 8.26 -23.66 19.09
CA GLY B 264 7.27 -22.63 18.99
C GLY B 264 7.17 -21.77 20.24
N PRO B 265 6.20 -20.86 20.27
CA PRO B 265 5.27 -20.51 19.19
C PRO B 265 5.93 -19.61 18.15
N THR B 266 5.38 -19.52 16.95
CA THR B 266 5.84 -18.54 15.98
C THR B 266 5.42 -17.16 16.47
N PRO B 267 6.36 -16.25 16.69
CA PRO B 267 6.01 -14.95 17.32
C PRO B 267 5.33 -13.99 16.34
N VAL B 268 4.14 -14.36 15.89
CA VAL B 268 3.31 -13.52 15.05
C VAL B 268 2.28 -12.86 15.95
N GLY B 269 2.40 -11.55 16.12
CA GLY B 269 1.49 -10.78 16.94
C GLY B 269 1.99 -10.59 18.36
N ILE B 270 1.19 -9.85 19.12
CA ILE B 270 1.56 -9.43 20.46
C ILE B 270 1.66 -10.63 21.40
N ARG B 271 0.62 -11.47 21.42
CA ARG B 271 0.56 -12.57 22.37
C ARG B 271 1.64 -13.62 22.10
N ASN B 272 1.82 -13.97 20.82
CA ASN B 272 2.84 -14.97 20.48
C ASN B 272 4.24 -14.42 20.67
N THR B 273 4.45 -13.12 20.44
CA THR B 273 5.73 -12.52 20.79
C THR B 273 5.98 -12.54 22.29
N ASP B 274 4.94 -12.33 23.08
CA ASP B 274 5.06 -12.43 24.53
C ASP B 274 5.47 -13.83 24.94
N ALA B 275 4.83 -14.84 24.35
CA ALA B 275 5.16 -16.22 24.65
C ALA B 275 6.58 -16.57 24.22
N PHE B 276 7.01 -16.03 23.08
CA PHE B 276 8.39 -16.24 22.64
C PHE B 276 9.39 -15.62 23.61
N LEU B 277 9.12 -14.40 24.06
CA LEU B 277 10.03 -13.75 25.00
C LEU B 277 10.04 -14.46 26.34
N LYS B 278 8.90 -15.01 26.75
CA LYS B 278 8.85 -15.80 27.98
C LYS B 278 9.65 -17.09 27.83
N ALA B 279 9.58 -17.74 26.67
CA ALA B 279 10.41 -18.92 26.43
C ALA B 279 11.89 -18.57 26.48
N VAL B 280 12.28 -17.45 25.89
CA VAL B 280 13.67 -17.00 25.94
C VAL B 280 14.09 -16.73 27.38
N SER B 281 13.23 -16.05 28.14
CA SER B 281 13.55 -15.73 29.53
C SER B 281 13.69 -16.99 30.37
N GLU B 282 12.84 -17.99 30.15
CA GLU B 282 12.95 -19.24 30.88
C GLU B 282 14.20 -20.02 30.50
N MET B 283 14.54 -20.05 29.21
CA MET B 283 15.76 -20.72 28.76
C MET B 283 17.00 -20.09 29.37
N THR B 284 17.07 -18.76 29.35
CA THR B 284 18.31 -18.07 29.63
C THR B 284 18.40 -17.53 31.06
N GLY B 285 17.28 -17.40 31.76
CA GLY B 285 17.25 -16.74 33.04
C GLY B 285 17.26 -15.23 32.96
N GLN B 286 17.22 -14.67 31.76
CA GLN B 286 17.27 -13.23 31.57
C GLN B 286 15.89 -12.62 31.75
N PRO B 287 15.73 -11.59 32.57
CA PRO B 287 14.42 -10.95 32.72
C PRO B 287 14.02 -10.19 31.47
N ILE B 288 12.70 -10.06 31.28
CA ILE B 288 12.17 -9.22 30.21
C ILE B 288 12.28 -7.77 30.65
N PRO B 289 12.96 -6.92 29.89
CA PRO B 289 13.19 -5.55 30.33
C PRO B 289 12.04 -4.62 29.98
N ALA B 290 12.16 -3.37 30.43
CA ALA B 290 11.15 -2.36 30.21
C ALA B 290 11.16 -1.77 28.81
N GLN B 291 12.28 -1.86 28.09
CA GLN B 291 12.32 -1.37 26.72
C GLN B 291 11.40 -2.19 25.82
N LEU B 292 11.36 -3.50 26.03
CA LEU B 292 10.44 -4.35 25.29
C LEU B 292 8.99 -4.04 25.67
N VAL B 293 8.75 -3.68 26.93
CA VAL B 293 7.43 -3.23 27.35
C VAL B 293 7.03 -1.97 26.58
N LYS B 294 7.95 -1.03 26.44
CA LYS B 294 7.65 0.20 25.72
C LYS B 294 7.41 -0.05 24.23
N GLU B 295 8.22 -0.91 23.61
CA GLU B 295 8.03 -1.21 22.20
C GLU B 295 6.72 -1.97 21.95
N ARG B 296 6.41 -2.93 22.82
CA ARG B 296 5.14 -3.62 22.77
C ARG B 296 3.98 -2.64 22.94
N GLY B 297 4.13 -1.66 23.83
CA GLY B 297 3.10 -0.66 24.00
C GLY B 297 2.93 0.24 22.79
N LEU B 298 4.02 0.56 22.11
CA LEU B 298 3.90 1.33 20.87
C LEU B 298 3.12 0.55 19.82
N ALA B 299 3.43 -0.74 19.68
CA ALA B 299 2.68 -1.58 18.75
C ALA B 299 1.21 -1.66 19.15
N LEU B 300 0.94 -1.77 20.45
CA LEU B 300 -0.44 -1.88 20.92
C LEU B 300 -1.20 -0.57 20.73
N ASP B 301 -0.54 0.57 20.86
CA ASP B 301 -1.20 1.85 20.62
C ASP B 301 -1.56 2.01 19.14
N ALA B 302 -0.63 1.65 18.25
CA ALA B 302 -0.95 1.66 16.83
C ALA B 302 -2.10 0.71 16.52
N ILE B 303 -2.13 -0.45 17.19
CA ILE B 303 -3.19 -1.42 16.94
C ILE B 303 -4.53 -0.90 17.47
N ALA B 304 -4.51 -0.20 18.60
CA ALA B 304 -5.72 0.37 19.18
C ALA B 304 -6.27 1.50 18.33
N ASP B 305 -5.43 2.16 17.53
CA ASP B 305 -5.95 3.17 16.62
C ASP B 305 -6.89 2.58 15.58
N ILE B 306 -6.68 1.32 15.18
CA ILE B 306 -7.39 0.75 14.05
C ILE B 306 -8.24 -0.45 14.39
N GLY B 307 -8.10 -1.05 15.57
CA GLY B 307 -8.74 -2.32 15.84
C GLY B 307 -10.24 -2.41 15.73
N HIS B 308 -10.98 -1.81 16.67
CA HIS B 308 -12.43 -1.94 16.62
C HIS B 308 -13.07 -0.94 15.68
N MET B 309 -12.29 -0.07 15.05
CA MET B 309 -12.82 0.80 13.96
C MET B 309 -12.74 0.11 12.59
N PHE B 310 -11.65 -0.58 12.27
CA PHE B 310 -11.52 -1.08 10.91
C PHE B 310 -11.23 -2.58 10.85
N LEU B 311 -10.53 -3.12 11.84
CA LEU B 311 -10.10 -4.51 11.73
C LEU B 311 -11.16 -5.48 12.20
N ALA B 312 -11.96 -5.10 13.19
CA ALA B 312 -12.97 -5.99 13.72
C ALA B 312 -13.94 -6.44 12.65
N ASP B 313 -14.29 -7.73 12.68
CA ASP B 313 -15.27 -8.37 11.80
C ASP B 313 -14.84 -8.43 10.34
N LYS B 314 -13.56 -8.27 10.05
CA LYS B 314 -13.07 -8.38 8.68
C LYS B 314 -12.86 -9.85 8.34
N ARG B 315 -13.38 -10.28 7.20
CA ARG B 315 -13.34 -11.68 6.80
C ARG B 315 -12.06 -11.94 6.01
N VAL B 316 -11.24 -12.88 6.47
CA VAL B 316 -9.87 -13.05 6.02
C VAL B 316 -9.64 -14.47 5.54
N ALA B 317 -8.92 -14.60 4.43
CA ALA B 317 -8.37 -15.86 3.98
C ALA B 317 -6.85 -15.81 4.13
N ILE B 318 -6.27 -16.88 4.67
CA ILE B 318 -4.84 -16.91 4.97
C ILE B 318 -4.23 -18.17 4.37
N TYR B 319 -3.14 -18.00 3.62
CA TYR B 319 -2.27 -19.09 3.21
C TYR B 319 -0.84 -18.58 3.28
N ALA B 320 0.05 -19.43 3.77
CA ALA B 320 1.48 -19.11 3.87
C ALA B 320 2.20 -20.41 4.18
N ASN B 321 3.46 -20.30 4.56
CA ASN B 321 4.13 -21.40 5.22
C ASN B 321 3.33 -21.80 6.45
N PRO B 322 3.23 -23.09 6.78
CA PRO B 322 2.25 -23.53 7.79
C PRO B 322 2.32 -22.80 9.13
N ASP B 323 3.51 -22.64 9.70
CA ASP B 323 3.64 -21.96 10.99
C ASP B 323 3.24 -20.50 10.88
N LEU B 324 3.71 -19.83 9.84
CA LEU B 324 3.33 -18.43 9.64
C LEU B 324 1.84 -18.30 9.40
N ALA B 325 1.24 -19.21 8.63
CA ALA B 325 -0.19 -19.13 8.38
C ALA B 325 -1.00 -19.33 9.65
N ILE B 326 -0.61 -20.30 10.49
CA ILE B 326 -1.31 -20.53 11.74
C ILE B 326 -1.17 -19.33 12.68
N GLY B 327 0.04 -18.78 12.78
CA GLY B 327 0.26 -17.61 13.60
C GLY B 327 -0.50 -16.39 13.12
N LEU B 328 -0.57 -16.21 11.81
CA LEU B 328 -1.34 -15.11 11.23
C LEU B 328 -2.83 -15.26 11.54
N THR B 329 -3.34 -16.48 11.46
CA THR B 329 -4.73 -16.73 11.84
C THR B 329 -4.97 -16.38 13.31
N GLU B 330 -4.06 -16.77 14.19
CA GLU B 330 -4.21 -16.46 15.61
C GLU B 330 -4.16 -14.97 15.87
N PHE B 331 -3.23 -14.26 15.21
CA PHE B 331 -3.13 -12.81 15.36
C PHE B 331 -4.38 -12.12 14.85
N CYS B 332 -4.93 -12.59 13.73
CA CYS B 332 -6.17 -12.01 13.19
C CYS B 332 -7.33 -12.25 14.14
N LEU B 333 -7.39 -13.43 14.75
CA LEU B 333 -8.44 -13.70 15.74
C LEU B 333 -8.30 -12.81 16.96
N ASP B 334 -7.06 -12.51 17.37
CA ASP B 334 -6.86 -11.58 18.47
C ASP B 334 -7.27 -10.15 18.11
N LEU B 335 -7.16 -9.79 16.83
CA LEU B 335 -7.52 -8.46 16.35
C LEU B 335 -9.00 -8.30 16.08
N GLU B 336 -9.81 -9.29 16.47
CA GLU B 336 -11.26 -9.32 16.29
C GLU B 336 -11.67 -9.47 14.84
N MET B 337 -10.76 -9.96 14.00
CA MET B 337 -11.08 -10.28 12.63
C MET B 337 -11.74 -11.66 12.55
N LYS B 338 -12.23 -12.01 11.37
CA LYS B 338 -12.95 -13.26 11.15
C LYS B 338 -12.21 -14.08 10.10
N PRO B 339 -11.22 -14.89 10.49
CA PRO B 339 -10.59 -15.80 9.54
C PRO B 339 -11.61 -16.83 9.05
N LYS B 340 -11.75 -16.93 7.73
CA LYS B 340 -12.70 -17.84 7.11
C LYS B 340 -12.05 -19.08 6.53
N LEU B 341 -10.88 -18.93 5.93
CA LEU B 341 -10.20 -20.03 5.26
C LEU B 341 -8.74 -20.01 5.65
N LEU B 342 -8.22 -21.17 6.05
CA LEU B 342 -6.80 -21.37 6.28
C LEU B 342 -6.34 -22.50 5.38
N LEU B 343 -5.41 -22.19 4.48
CA LEU B 343 -4.92 -23.15 3.50
C LEU B 343 -3.54 -23.63 3.92
N LEU B 344 -3.40 -24.94 4.10
CA LEU B 344 -2.11 -25.57 4.40
C LEU B 344 -1.76 -26.43 3.19
N GLY B 345 -0.77 -25.99 2.43
CA GLY B 345 -0.54 -26.46 1.08
C GLY B 345 0.19 -27.77 0.89
N ASP B 346 0.43 -28.55 1.93
CA ASP B 346 1.09 -29.84 1.74
C ASP B 346 0.38 -30.91 2.57
N ASP B 347 0.85 -32.15 2.42
CA ASP B 347 0.22 -33.34 2.96
C ASP B 347 0.75 -33.73 4.33
N ASN B 348 1.25 -32.78 5.11
CA ASN B 348 1.80 -33.08 6.43
C ASN B 348 0.70 -33.65 7.33
N SER B 349 1.03 -34.75 8.03
CA SER B 349 0.09 -35.39 8.92
C SER B 349 0.12 -34.82 10.33
N GLY B 350 1.03 -33.89 10.62
CA GLY B 350 1.09 -33.30 11.94
C GLY B 350 0.17 -32.12 12.16
N TYR B 351 -0.55 -31.67 11.12
CA TYR B 351 -1.42 -30.51 11.26
C TYR B 351 -2.60 -30.81 12.19
N VAL B 352 -3.19 -32.00 12.05
CA VAL B 352 -4.37 -32.33 12.85
C VAL B 352 -4.02 -32.44 14.33
N LYS B 353 -2.80 -32.78 14.67
CA LYS B 353 -2.46 -33.00 16.08
C LYS B 353 -1.78 -31.76 16.63
N ASP B 354 -1.67 -30.70 15.84
CA ASP B 354 -1.08 -29.46 16.31
C ASP B 354 -2.01 -28.81 17.33
N PRO B 355 -1.55 -28.53 18.55
CA PRO B 355 -2.43 -27.87 19.52
C PRO B 355 -2.95 -26.52 19.07
N ARG B 356 -2.20 -25.79 18.26
CA ARG B 356 -2.70 -24.54 17.70
C ARG B 356 -3.88 -24.78 16.77
N VAL B 357 -3.81 -25.83 15.96
CA VAL B 357 -4.91 -26.16 15.05
C VAL B 357 -6.12 -26.66 15.85
N LEU B 358 -5.87 -27.42 16.92
CA LEU B 358 -6.96 -27.86 17.77
C LEU B 358 -7.66 -26.68 18.44
N ALA B 359 -6.88 -25.71 18.91
CA ALA B 359 -7.45 -24.51 19.49
C ALA B 359 -8.23 -23.71 18.46
N LEU B 360 -7.74 -23.64 17.22
CA LEU B 360 -8.47 -22.97 16.16
C LEU B 360 -9.80 -23.65 15.87
N GLN B 361 -9.81 -24.98 15.86
CA GLN B 361 -11.07 -25.70 15.69
C GLN B 361 -12.01 -25.43 16.84
N GLU B 362 -11.48 -25.35 18.06
CA GLU B 362 -12.31 -25.21 19.25
C GLU B 362 -12.96 -23.83 19.33
N ASN B 363 -12.19 -22.77 19.16
CA ASN B 363 -12.66 -21.42 19.48
C ASN B 363 -12.78 -20.50 18.28
N ALA B 364 -12.54 -20.99 17.07
CA ALA B 364 -12.77 -20.22 15.84
C ALA B 364 -13.70 -21.07 14.97
N PRO B 365 -15.00 -20.96 15.16
CA PRO B 365 -15.92 -21.95 14.58
C PRO B 365 -16.19 -21.73 13.10
N ASP B 366 -16.13 -20.48 12.65
CA ASP B 366 -16.36 -20.14 11.22
C ASP B 366 -15.08 -20.26 10.38
N LEU B 367 -14.01 -20.78 10.94
CA LEU B 367 -12.77 -20.95 10.18
C LEU B 367 -12.72 -22.37 9.62
N GLU B 368 -12.58 -22.48 8.32
CA GLU B 368 -12.33 -23.76 7.66
C GLU B 368 -10.84 -23.90 7.40
N ILE B 369 -10.27 -25.02 7.82
CA ILE B 369 -8.87 -25.34 7.60
C ILE B 369 -8.81 -26.42 6.54
N VAL B 370 -8.13 -26.13 5.43
CA VAL B 370 -7.94 -27.09 4.35
C VAL B 370 -6.48 -27.48 4.33
N THR B 371 -6.21 -28.77 4.52
CA THR B 371 -4.87 -29.33 4.41
C THR B 371 -4.69 -29.95 3.03
N ASN B 372 -3.43 -30.02 2.59
CA ASN B 372 -3.09 -30.49 1.25
C ASN B 372 -3.83 -29.66 0.19
N ALA B 373 -3.84 -28.35 0.39
CA ALA B 373 -4.64 -27.46 -0.42
C ALA B 373 -3.84 -26.89 -1.58
N ASP B 374 -4.56 -26.41 -2.59
CA ASP B 374 -3.99 -25.60 -3.64
C ASP B 374 -4.79 -24.29 -3.71
N PHE B 375 -4.40 -23.42 -4.63
CA PHE B 375 -5.07 -22.13 -4.76
C PHE B 375 -6.50 -22.29 -5.28
N TRP B 376 -6.80 -23.40 -5.94
CA TRP B 376 -8.17 -23.62 -6.39
C TRP B 376 -9.13 -23.78 -5.22
N ASP B 377 -8.66 -24.25 -4.07
CA ASP B 377 -9.52 -24.30 -2.90
C ASP B 377 -10.07 -22.92 -2.57
N LEU B 378 -9.20 -21.92 -2.47
CA LEU B 378 -9.64 -20.56 -2.23
C LEU B 378 -10.48 -20.03 -3.37
N GLU B 379 -10.02 -20.22 -4.61
CA GLU B 379 -10.69 -19.61 -5.76
C GLU B 379 -12.09 -20.19 -5.97
N SER B 380 -12.24 -21.51 -5.84
CA SER B 380 -13.56 -22.13 -5.98
C SER B 380 -14.47 -21.82 -4.80
N ARG B 381 -13.92 -21.71 -3.58
CA ARG B 381 -14.75 -21.30 -2.46
C ARG B 381 -15.28 -19.88 -2.66
N ILE B 382 -14.44 -18.99 -3.20
CA ILE B 382 -14.91 -17.65 -3.54
C ILE B 382 -15.96 -17.71 -4.65
N GLN B 383 -15.74 -18.57 -5.65
CA GLN B 383 -16.71 -18.72 -6.72
C GLN B 383 -18.07 -19.15 -6.20
N GLN B 384 -18.08 -20.06 -5.23
CA GLN B 384 -19.32 -20.59 -4.70
C GLN B 384 -19.98 -19.68 -3.68
N GLY B 385 -19.34 -18.56 -3.32
CA GLY B 385 -20.02 -17.54 -2.55
C GLY B 385 -19.36 -17.10 -1.26
N LEU B 386 -18.09 -17.46 -1.07
CA LEU B 386 -17.36 -17.03 0.12
C LEU B 386 -16.95 -15.57 -0.03
N GLU B 387 -17.48 -14.72 0.85
CA GLU B 387 -17.22 -13.30 0.81
C GLU B 387 -16.03 -12.99 1.73
N LEU B 388 -15.02 -12.35 1.18
CA LEU B 388 -13.81 -12.02 1.90
C LEU B 388 -13.50 -10.55 1.77
N ASP B 389 -12.87 -10.00 2.81
CA ASP B 389 -12.41 -8.63 2.79
C ASP B 389 -10.91 -8.53 2.57
N LEU B 390 -10.16 -9.57 2.91
CA LEU B 390 -8.72 -9.51 2.87
C LEU B 390 -8.17 -10.91 2.66
N ILE B 391 -6.99 -10.97 2.03
CA ILE B 391 -6.22 -12.20 1.90
C ILE B 391 -4.82 -11.93 2.45
N LEU B 392 -4.30 -12.87 3.21
CA LEU B 392 -2.89 -12.89 3.59
C LEU B 392 -2.24 -14.06 2.86
N GLY B 393 -1.42 -13.77 1.88
CA GLY B 393 -0.72 -14.82 1.16
C GLY B 393 0.38 -14.27 0.28
N HIS B 394 1.17 -15.19 -0.27
CA HIS B 394 2.31 -14.82 -1.09
C HIS B 394 1.86 -14.66 -2.55
N SER B 395 2.83 -14.30 -3.41
CA SER B 395 2.53 -13.71 -4.71
C SER B 395 2.02 -14.70 -5.74
N LYS B 396 2.20 -16.01 -5.54
CA LYS B 396 1.70 -16.96 -6.51
C LYS B 396 0.18 -17.04 -6.53
N GLY B 397 -0.49 -16.53 -5.50
CA GLY B 397 -1.94 -16.45 -5.50
C GLY B 397 -2.48 -15.08 -5.83
N ARG B 398 -1.66 -14.23 -6.46
CA ARG B 398 -2.02 -12.84 -6.71
C ARG B 398 -3.22 -12.70 -7.65
N PHE B 399 -3.42 -13.66 -8.56
CA PHE B 399 -4.45 -13.48 -9.57
C PHE B 399 -5.84 -13.73 -9.00
N ILE B 400 -5.97 -14.50 -7.94
CA ILE B 400 -7.26 -14.58 -7.24
C ILE B 400 -7.63 -13.20 -6.70
N SER B 401 -6.68 -12.52 -6.08
CA SER B 401 -6.91 -11.17 -5.58
C SER B 401 -7.22 -10.20 -6.72
N ILE B 402 -6.47 -10.28 -7.82
CA ILE B 402 -6.68 -9.36 -8.93
C ILE B 402 -8.05 -9.57 -9.57
N ASP B 403 -8.44 -10.82 -9.80
CA ASP B 403 -9.64 -11.10 -10.59
C ASP B 403 -10.91 -11.06 -9.77
N TYR B 404 -10.86 -11.46 -8.50
CA TYR B 404 -12.06 -11.45 -7.68
C TYR B 404 -12.15 -10.22 -6.79
N LYS B 405 -11.21 -9.28 -6.91
CA LYS B 405 -11.27 -7.99 -6.26
C LYS B 405 -11.26 -8.11 -4.74
N VAL B 406 -10.42 -9.00 -4.23
CA VAL B 406 -10.16 -9.12 -2.79
C VAL B 406 -8.76 -8.59 -2.54
N PRO B 407 -8.59 -7.56 -1.71
CA PRO B 407 -7.25 -7.06 -1.40
C PRO B 407 -6.41 -8.11 -0.70
N MET B 408 -5.11 -8.07 -0.94
CA MET B 408 -4.18 -9.04 -0.39
C MET B 408 -2.98 -8.32 0.21
N VAL B 409 -2.60 -8.76 1.41
CA VAL B 409 -1.33 -8.36 2.03
C VAL B 409 -0.33 -9.47 1.77
N ARG B 410 0.84 -9.11 1.23
CA ARG B 410 1.83 -10.09 0.78
C ARG B 410 2.65 -10.57 1.96
N VAL B 411 2.52 -11.86 2.29
CA VAL B 411 3.26 -12.47 3.37
C VAL B 411 3.87 -13.77 2.86
N GLY B 412 5.01 -14.13 3.43
CA GLY B 412 5.64 -15.41 3.11
C GLY B 412 6.56 -15.44 1.92
N PHE B 413 6.67 -16.61 1.28
CA PHE B 413 7.59 -16.84 0.20
C PHE B 413 6.84 -17.52 -0.94
N PRO B 414 6.94 -16.99 -2.17
CA PRO B 414 7.64 -15.78 -2.56
C PRO B 414 6.72 -14.57 -2.69
N THR B 415 7.20 -13.37 -2.41
CA THR B 415 6.43 -12.16 -2.62
C THR B 415 7.18 -11.30 -3.63
N TYR B 416 6.93 -11.54 -4.91
CA TYR B 416 7.68 -10.94 -6.00
C TYR B 416 6.95 -9.82 -6.70
N ASP B 417 5.69 -9.56 -6.36
CA ASP B 417 4.92 -8.53 -7.03
C ASP B 417 4.76 -7.26 -6.20
N ARG B 418 5.43 -7.19 -5.05
CA ARG B 418 5.57 -5.95 -4.28
C ARG B 418 7.04 -5.74 -3.99
N ALA B 419 7.43 -4.48 -3.81
CA ALA B 419 8.82 -4.11 -3.69
C ALA B 419 9.28 -4.17 -2.23
N GLY B 420 10.36 -4.91 -1.99
CA GLY B 420 11.03 -4.92 -0.70
C GLY B 420 10.26 -5.46 0.46
N MET B 421 9.39 -6.45 0.24
CA MET B 421 8.63 -7.02 1.34
C MET B 421 9.50 -7.85 2.27
N TYR B 422 10.62 -8.36 1.79
CA TYR B 422 11.56 -9.12 2.61
C TYR B 422 12.18 -8.29 3.72
N ARG B 423 12.23 -6.97 3.56
CA ARG B 423 12.90 -6.12 4.53
C ARG B 423 12.00 -5.74 5.70
N HIS B 424 10.73 -6.10 5.66
CA HIS B 424 9.85 -5.79 6.78
C HIS B 424 9.60 -7.04 7.60
N PRO B 425 9.46 -6.88 8.92
CA PRO B 425 9.15 -8.02 9.77
C PRO B 425 7.67 -8.35 9.79
N VAL B 426 7.39 -9.64 9.95
CA VAL B 426 6.08 -10.11 10.37
C VAL B 426 6.12 -10.73 11.75
N LEU B 427 7.30 -10.86 12.35
CA LEU B 427 7.50 -11.38 13.69
C LEU B 427 7.82 -10.25 14.64
N GLY B 428 7.64 -10.51 15.93
CA GLY B 428 7.92 -9.52 16.95
C GLY B 428 6.84 -8.45 17.06
N TYR B 429 7.12 -7.45 17.89
CA TYR B 429 6.19 -6.35 18.05
C TYR B 429 6.25 -5.39 16.87
N GLY B 430 7.44 -5.15 16.34
CA GLY B 430 7.54 -4.41 15.09
C GLY B 430 6.85 -5.12 13.95
N GLY B 431 6.93 -6.44 13.92
CA GLY B 431 6.19 -7.20 12.93
C GLY B 431 4.69 -7.13 13.12
N ALA B 432 4.24 -7.15 14.38
CA ALA B 432 2.82 -7.02 14.66
C ALA B 432 2.29 -5.65 14.22
N MET B 433 3.04 -4.59 14.53
CA MET B 433 2.68 -3.25 14.08
C MET B 433 2.66 -3.16 12.56
N PHE B 434 3.69 -3.69 11.90
CA PHE B 434 3.75 -3.62 10.45
C PHE B 434 2.59 -4.38 9.83
N LEU B 435 2.28 -5.56 10.37
CA LEU B 435 1.17 -6.35 9.85
C LEU B 435 -0.16 -5.63 10.02
N ALA B 436 -0.43 -5.14 11.23
CA ALA B 436 -1.72 -4.51 11.49
C ALA B 436 -1.91 -3.26 10.64
N GLU B 437 -0.87 -2.42 10.56
CA GLU B 437 -0.98 -1.20 9.77
C GLU B 437 -1.02 -1.49 8.27
N THR B 438 -0.37 -2.56 7.82
CA THR B 438 -0.42 -2.92 6.41
C THR B 438 -1.78 -3.46 6.03
N MET B 439 -2.39 -4.30 6.88
CA MET B 439 -3.76 -4.72 6.61
C MET B 439 -4.72 -3.54 6.64
N ALA B 440 -4.55 -2.63 7.58
CA ALA B 440 -5.38 -1.43 7.61
C ALA B 440 -5.22 -0.62 6.33
N ASN B 441 -3.99 -0.44 5.85
CA ASN B 441 -3.75 0.40 4.68
C ASN B 441 -4.23 -0.27 3.40
N THR B 442 -4.08 -1.59 3.30
CA THR B 442 -4.64 -2.33 2.18
C THR B 442 -6.16 -2.21 2.15
N LEU B 443 -6.78 -2.32 3.32
CA LEU B 443 -8.23 -2.11 3.41
C LEU B 443 -8.61 -0.68 3.05
N PHE B 444 -7.83 0.30 3.47
CA PHE B 444 -8.11 1.70 3.15
C PHE B 444 -8.03 1.96 1.66
N ALA B 445 -7.00 1.41 1.00
CA ALA B 445 -6.87 1.55 -0.44
C ALA B 445 -7.99 0.84 -1.18
N ASP B 446 -8.45 -0.30 -0.66
CA ASP B 446 -9.60 -0.97 -1.28
C ASP B 446 -10.88 -0.17 -1.09
N MET B 447 -11.08 0.40 0.09
CA MET B 447 -12.23 1.24 0.35
C MET B 447 -12.25 2.44 -0.57
N GLU B 448 -11.08 2.99 -0.88
CA GLU B 448 -11.00 4.12 -1.80
C GLU B 448 -11.22 3.69 -3.24
N ALA B 449 -10.67 2.53 -3.63
CA ALA B 449 -10.85 2.05 -4.99
C ALA B 449 -12.31 1.72 -5.28
N LYS B 450 -13.00 1.13 -4.32
CA LYS B 450 -14.40 0.75 -4.50
C LYS B 450 -15.37 1.82 -4.03
N LYS B 451 -14.87 2.91 -3.46
CA LYS B 451 -15.70 3.99 -2.92
C LYS B 451 -16.72 3.43 -1.92
N ASN B 452 -16.21 2.67 -0.97
CA ASN B 452 -17.00 1.98 0.05
C ASN B 452 -16.76 2.71 1.38
N LYS B 453 -17.64 3.66 1.69
CA LYS B 453 -17.55 4.49 2.89
C LYS B 453 -16.19 5.17 2.99
N GLU B 454 -15.62 5.55 1.85
CA GLU B 454 -14.26 6.09 1.86
C GLU B 454 -14.19 7.46 2.52
N TRP B 455 -15.33 8.13 2.69
CA TRP B 455 -15.37 9.38 3.43
C TRP B 455 -15.08 9.20 4.91
N ILE B 456 -15.13 7.96 5.41
CA ILE B 456 -14.94 7.71 6.83
C ILE B 456 -13.49 7.78 7.28
N LEU B 457 -12.57 8.01 6.36
CA LEU B 457 -11.13 7.99 6.71
C LEU B 457 -10.67 9.41 7.02
N ASN B 458 -11.42 10.15 7.81
CA ASN B 458 -11.10 11.52 8.22
C ASN B 458 -10.83 11.60 9.72
N VAL B 459 -11.80 11.23 10.55
CA VAL B 459 -11.68 11.51 11.98
C VAL B 459 -11.75 10.23 12.79
N TRP B 460 -11.17 9.17 12.26
CA TRP B 460 -10.90 7.98 13.05
C TRP B 460 -9.68 8.24 13.92
N ALA C 54 -23.10 27.14 12.86
CA ALA C 54 -24.00 27.39 11.74
C ALA C 54 -23.44 26.85 10.44
N LYS C 55 -22.35 27.45 9.97
CA LYS C 55 -21.70 26.97 8.75
C LYS C 55 -21.18 25.56 8.92
N HIS C 56 -20.56 25.27 10.06
CA HIS C 56 -19.90 23.98 10.26
C HIS C 56 -20.85 22.85 10.59
N VAL C 57 -22.07 23.13 11.04
CA VAL C 57 -22.99 22.10 11.52
C VAL C 57 -24.29 22.09 10.72
N ILE C 58 -24.90 23.24 10.53
CA ILE C 58 -26.24 23.33 9.94
C ILE C 58 -26.19 23.59 8.44
N GLY C 59 -25.46 24.63 8.02
CA GLY C 59 -25.45 24.99 6.61
C GLY C 59 -24.80 23.95 5.72
N THR C 60 -23.65 23.43 6.13
CA THR C 60 -22.87 22.53 5.26
C THR C 60 -23.60 21.28 4.81
N PRO C 61 -24.37 20.56 5.65
CA PRO C 61 -25.04 19.34 5.17
C PRO C 61 -25.89 19.51 3.92
N MET C 62 -26.21 20.74 3.53
CA MET C 62 -26.89 20.97 2.26
C MET C 62 -26.01 20.51 1.11
N LYS C 63 -26.56 19.68 0.23
CA LYS C 63 -25.74 18.90 -0.68
C LYS C 63 -25.47 19.58 -2.01
N ASP C 64 -26.30 20.52 -2.43
CA ASP C 64 -26.21 21.09 -3.77
C ASP C 64 -25.92 22.59 -3.74
N VAL C 65 -25.14 23.03 -2.77
CA VAL C 65 -24.90 24.45 -2.53
C VAL C 65 -23.40 24.68 -2.44
N ILE C 66 -22.94 25.79 -3.01
CA ILE C 66 -21.57 26.24 -2.82
C ILE C 66 -21.55 27.12 -1.59
N HIS C 67 -20.88 26.67 -0.54
CA HIS C 67 -20.78 27.40 0.72
C HIS C 67 -19.46 28.14 0.72
N ILE C 68 -19.49 29.41 0.32
CA ILE C 68 -18.29 30.23 0.19
C ILE C 68 -18.19 31.13 1.42
N SER C 69 -17.04 31.10 2.09
CA SER C 69 -16.81 31.90 3.27
C SER C 69 -16.07 33.17 2.87
N HIS C 70 -16.65 34.32 3.20
CA HIS C 70 -16.03 35.62 2.95
C HIS C 70 -15.00 35.86 4.04
N GLY C 71 -13.79 35.32 3.84
CA GLY C 71 -12.75 35.38 4.83
C GLY C 71 -11.51 34.62 4.44
N PRO C 72 -10.59 34.45 5.39
CA PRO C 72 -9.32 33.79 5.09
C PRO C 72 -9.46 32.29 4.87
N ASN C 73 -8.41 31.72 4.27
CA ASN C 73 -8.38 30.30 3.93
C ASN C 73 -8.26 29.41 5.16
N GLY C 74 -7.61 29.88 6.22
CA GLY C 74 -7.37 29.06 7.39
C GLY C 74 -8.62 28.63 8.12
N CYS C 75 -9.67 29.45 8.13
CA CYS C 75 -10.93 29.08 8.75
C CYS C 75 -11.69 28.06 7.91
N THR C 76 -11.66 28.23 6.60
CA THR C 76 -12.27 27.27 5.69
C THR C 76 -11.57 25.92 5.73
N TYR C 77 -10.25 25.93 5.91
CA TYR C 77 -9.47 24.70 5.97
C TYR C 77 -9.77 23.88 7.22
N ASP C 78 -9.95 24.55 8.35
CA ASP C 78 -9.94 23.87 9.64
C ASP C 78 -11.17 22.98 9.82
N THR C 79 -12.29 23.35 9.22
CA THR C 79 -13.51 22.57 9.32
C THR C 79 -13.74 21.66 8.12
N TRP C 80 -12.81 21.62 7.18
CA TRP C 80 -12.96 20.83 5.97
C TRP C 80 -12.54 19.39 6.23
N GLN C 81 -13.38 18.45 5.79
CA GLN C 81 -13.13 17.02 5.96
C GLN C 81 -12.94 16.63 7.43
N THR C 82 -13.80 17.16 8.29
CA THR C 82 -13.81 16.81 9.70
C THR C 82 -15.16 16.27 10.15
N LYS C 83 -16.15 16.27 9.28
CA LYS C 83 -17.50 15.81 9.60
C LYS C 83 -17.88 14.66 8.70
N ARG C 84 -18.98 14.01 9.05
CA ARG C 84 -19.46 12.82 8.38
C ARG C 84 -20.91 12.97 7.97
N TYR C 85 -21.30 14.17 7.57
CA TYR C 85 -22.60 14.41 6.96
C TYR C 85 -22.48 14.00 5.50
N ILE C 86 -23.05 12.84 5.16
CA ILE C 86 -22.94 12.31 3.83
C ILE C 86 -24.19 12.68 3.05
N SER C 87 -24.12 12.53 1.73
CA SER C 87 -25.25 12.85 0.86
C SER C 87 -25.22 11.95 -0.36
N ASP C 88 -26.35 11.90 -1.04
CA ASP C 88 -26.48 11.17 -2.29
C ASP C 88 -26.05 12.00 -3.50
N ASN C 89 -25.58 13.23 -3.25
CA ASN C 89 -24.98 14.08 -4.30
C ASN C 89 -23.46 13.87 -4.35
N ASP C 90 -22.97 12.65 -4.15
CA ASP C 90 -21.55 12.31 -4.24
C ASP C 90 -20.72 13.08 -3.21
N ASN C 91 -21.35 13.50 -2.12
CA ASN C 91 -20.68 14.18 -1.02
C ASN C 91 -19.99 15.46 -1.47
N PHE C 92 -20.69 16.23 -2.31
CA PHE C 92 -20.15 17.51 -2.80
C PHE C 92 -19.89 18.45 -1.64
N GLN C 93 -20.74 18.43 -0.62
CA GLN C 93 -20.58 19.28 0.55
C GLN C 93 -19.41 18.87 1.42
N LEU C 94 -18.87 17.67 1.22
CA LEU C 94 -17.70 17.21 1.94
C LEU C 94 -16.41 17.35 1.14
N LYS C 95 -16.51 17.44 -0.18
CA LYS C 95 -15.35 17.39 -1.05
C LYS C 95 -14.80 18.76 -1.42
N TYR C 96 -15.65 19.78 -1.44
CA TYR C 96 -15.28 21.10 -1.91
C TYR C 96 -15.62 22.13 -0.85
N THR C 97 -14.72 23.07 -0.65
CA THR C 97 -14.91 24.16 0.29
C THR C 97 -14.36 25.43 -0.33
N PHE C 98 -15.10 26.52 -0.18
CA PHE C 98 -14.85 27.75 -0.92
C PHE C 98 -14.60 28.89 0.06
N ALA C 99 -13.53 29.63 -0.17
CA ALA C 99 -13.20 30.82 0.60
C ALA C 99 -12.94 31.98 -0.34
N THR C 100 -13.25 33.17 0.14
CA THR C 100 -12.95 34.40 -0.60
C THR C 100 -11.47 34.75 -0.54
N ASP C 101 -10.74 34.24 0.44
CA ASP C 101 -9.31 34.46 0.59
C ASP C 101 -8.98 35.93 0.77
N VAL C 102 -9.44 36.47 1.89
CA VAL C 102 -9.15 37.84 2.27
C VAL C 102 -7.70 37.93 2.73
N LYS C 103 -6.97 38.89 2.18
CA LYS C 103 -5.58 39.15 2.56
C LYS C 103 -5.51 40.44 3.36
N GLU C 104 -4.28 40.77 3.79
CA GLU C 104 -4.07 41.94 4.62
C GLU C 104 -4.45 43.22 3.90
N LYS C 105 -4.18 43.25 2.59
CA LYS C 105 -4.51 44.45 1.76
C LYS C 105 -6.03 44.68 1.81
N HIS C 106 -6.82 43.61 1.68
CA HIS C 106 -8.27 43.73 1.65
C HIS C 106 -8.81 44.26 2.97
N VAL C 107 -8.14 43.94 4.07
CA VAL C 107 -8.52 44.44 5.39
C VAL C 107 -8.37 45.96 5.45
N GLY C 113 -15.71 43.41 -4.79
CA GLY C 113 -14.86 43.12 -5.93
C GLY C 113 -14.26 41.73 -5.84
N LEU C 114 -13.57 41.46 -4.74
CA LEU C 114 -13.02 40.14 -4.50
C LEU C 114 -14.13 39.11 -4.28
N LEU C 115 -15.13 39.45 -3.47
CA LEU C 115 -16.22 38.51 -3.21
C LEU C 115 -17.01 38.23 -4.47
N LYS C 116 -17.31 39.27 -5.25
CA LYS C 116 -18.06 39.10 -6.48
C LYS C 116 -17.34 38.19 -7.46
N LYS C 117 -16.03 38.33 -7.57
CA LYS C 117 -15.21 37.53 -8.50
C LYS C 117 -15.08 36.09 -8.01
N SER C 118 -14.91 35.90 -6.70
CA SER C 118 -14.84 34.54 -6.16
C SER C 118 -16.17 33.81 -6.28
N MET C 119 -17.28 34.56 -6.16
CA MET C 119 -18.60 33.97 -6.38
C MET C 119 -18.74 33.48 -7.81
N HIS C 120 -18.27 34.28 -8.78
CA HIS C 120 -18.34 33.88 -10.18
C HIS C 120 -17.42 32.71 -10.47
N GLU C 121 -16.22 32.72 -9.87
CA GLU C 121 -15.28 31.63 -10.09
C GLU C 121 -15.85 30.29 -9.65
N ALA C 122 -16.49 30.25 -8.49
CA ALA C 122 -17.06 29.00 -7.99
C ALA C 122 -18.17 28.50 -8.88
N PHE C 123 -19.05 29.39 -9.35
CA PHE C 123 -20.11 28.99 -10.27
C PHE C 123 -19.53 28.46 -11.57
N ASP C 124 -18.46 29.09 -12.07
CA ASP C 124 -17.82 28.62 -13.29
C ASP C 124 -17.20 27.24 -13.13
N ALA C 125 -16.53 27.00 -12.01
CA ALA C 125 -15.85 25.73 -11.80
C ALA C 125 -16.82 24.57 -11.62
N PHE C 126 -18.02 24.85 -11.10
CA PHE C 126 -19.02 23.83 -10.82
C PHE C 126 -20.30 24.23 -11.54
N PRO C 127 -20.39 23.94 -12.83
CA PRO C 127 -21.54 24.41 -13.62
C PRO C 127 -22.86 23.77 -13.23
N ASN C 128 -22.83 22.63 -12.53
CA ASN C 128 -24.04 21.93 -12.15
C ASN C 128 -24.63 22.43 -10.84
N ILE C 129 -23.98 23.40 -10.19
CA ILE C 129 -24.43 23.94 -8.91
C ILE C 129 -24.95 25.35 -9.15
N LYS C 130 -26.21 25.59 -8.78
CA LYS C 130 -26.85 26.88 -8.97
C LYS C 130 -27.21 27.57 -7.67
N ARG C 131 -26.78 27.03 -6.54
CA ARG C 131 -27.14 27.59 -5.24
C ARG C 131 -25.87 27.96 -4.48
N MET C 132 -25.91 29.11 -3.82
CA MET C 132 -24.77 29.64 -3.10
C MET C 132 -25.21 30.18 -1.75
N THR C 133 -24.38 29.94 -0.73
CA THR C 133 -24.57 30.55 0.58
C THR C 133 -23.28 31.23 0.96
N VAL C 134 -23.35 32.53 1.23
CA VAL C 134 -22.18 33.35 1.55
C VAL C 134 -22.16 33.59 3.05
N TYR C 135 -21.08 33.19 3.71
CA TYR C 135 -20.90 33.36 5.14
C TYR C 135 -19.90 34.47 5.40
N GLN C 136 -20.22 35.34 6.35
CA GLN C 136 -19.33 36.42 6.75
C GLN C 136 -18.53 35.99 7.98
N THR C 137 -17.21 36.01 7.86
CA THR C 137 -16.35 35.58 8.95
C THR C 137 -16.04 36.75 9.86
N CYS C 138 -15.15 36.54 10.84
CA CYS C 138 -14.81 37.60 11.79
C CYS C 138 -14.07 38.75 11.10
N THR C 139 -13.18 38.42 10.16
CA THR C 139 -12.37 39.43 9.49
C THR C 139 -13.18 40.39 8.64
N THR C 140 -14.22 39.90 7.96
CA THR C 140 -14.99 40.73 7.05
C THR C 140 -16.08 41.53 7.73
N ALA C 141 -16.24 41.41 9.05
CA ALA C 141 -17.11 42.32 9.77
C ALA C 141 -16.57 43.73 9.81
N LEU C 142 -15.29 43.92 9.52
CA LEU C 142 -14.70 45.24 9.44
C LEU C 142 -14.30 45.55 7.99
N ASP C 146 -20.91 45.22 1.13
CA ASP C 146 -22.35 44.94 1.07
C ASP C 146 -22.60 43.61 0.36
N VAL C 147 -22.64 42.54 1.14
CA VAL C 147 -22.77 41.20 0.57
C VAL C 147 -24.11 41.02 -0.11
N ASP C 148 -25.17 41.61 0.44
CA ASP C 148 -26.50 41.45 -0.13
C ASP C 148 -26.56 41.99 -1.56
N ALA C 149 -26.08 43.21 -1.76
CA ALA C 149 -26.09 43.81 -3.09
C ALA C 149 -25.23 43.01 -4.06
N ILE C 150 -24.06 42.55 -3.61
CA ILE C 150 -23.19 41.75 -4.46
C ILE C 150 -23.89 40.47 -4.89
N ALA C 151 -24.62 39.83 -3.96
CA ALA C 151 -25.36 38.62 -4.30
C ALA C 151 -26.45 38.92 -5.33
N LYS C 152 -27.16 40.04 -5.17
CA LYS C 152 -28.17 40.40 -6.17
C LYS C 152 -27.54 40.61 -7.54
N GLU C 153 -26.41 41.32 -7.61
CA GLU C 153 -25.76 41.52 -8.90
C GLU C 153 -25.32 40.20 -9.52
N VAL C 154 -24.78 39.30 -8.70
CA VAL C 154 -24.35 38.00 -9.22
C VAL C 154 -25.54 37.24 -9.78
N MET C 155 -26.65 37.22 -9.04
CA MET C 155 -27.85 36.55 -9.52
C MET C 155 -28.34 37.16 -10.83
N GLU C 156 -28.32 38.50 -10.91
CA GLU C 156 -28.75 39.17 -12.13
C GLU C 156 -27.88 38.81 -13.32
N GLU C 157 -26.56 38.75 -13.11
CA GLU C 157 -25.65 38.49 -14.22
C GLU C 157 -25.73 37.03 -14.68
N ARG C 158 -25.68 36.08 -13.76
CA ARG C 158 -25.79 34.64 -14.14
C ARG C 158 -27.21 34.35 -14.63
N GLY C 159 -28.24 34.77 -13.90
CA GLY C 159 -29.61 34.65 -14.33
C GLY C 159 -30.31 33.36 -13.98
N ASP C 160 -29.57 32.32 -13.59
CA ASP C 160 -30.16 31.03 -13.25
C ASP C 160 -29.64 30.48 -11.95
N VAL C 161 -29.18 31.34 -11.04
CA VAL C 161 -28.64 30.91 -9.76
C VAL C 161 -29.32 31.70 -8.64
N ASP C 162 -29.30 31.11 -7.44
CA ASP C 162 -29.86 31.74 -6.25
C ASP C 162 -28.82 31.74 -5.15
N VAL C 163 -28.72 32.86 -4.43
CA VAL C 163 -27.71 33.07 -3.40
C VAL C 163 -28.40 33.40 -2.08
N PHE C 164 -27.89 32.82 -1.01
CA PHE C 164 -28.40 33.04 0.35
C PHE C 164 -27.29 33.65 1.20
N VAL C 165 -27.61 34.71 1.93
CA VAL C 165 -26.64 35.42 2.74
C VAL C 165 -26.90 35.07 4.20
N CYS C 166 -25.96 34.34 4.80
CA CYS C 166 -26.14 33.85 6.16
C CYS C 166 -25.24 34.60 7.14
N HIS C 181 -28.88 29.33 15.79
CA HIS C 181 -30.07 30.18 15.87
C HIS C 181 -30.14 31.16 14.71
N LYS C 182 -29.04 31.87 14.45
CA LYS C 182 -29.06 32.93 13.44
C LYS C 182 -29.38 32.37 12.05
N ILE C 183 -28.82 31.21 11.71
CA ILE C 183 -29.05 30.62 10.41
C ILE C 183 -30.51 30.22 10.22
N ASN C 184 -31.24 29.97 11.31
CA ASN C 184 -32.67 29.70 11.22
C ASN C 184 -33.46 30.95 10.87
N ILE C 185 -33.19 32.06 11.56
CA ILE C 185 -33.85 33.33 11.24
C ILE C 185 -33.53 33.74 9.81
N ALA C 186 -32.27 33.58 9.42
CA ALA C 186 -31.84 34.00 8.09
C ALA C 186 -32.56 33.20 7.00
N TRP C 187 -32.63 31.88 7.15
CA TRP C 187 -33.24 31.07 6.10
C TRP C 187 -34.74 31.28 6.00
N LEU C 188 -35.42 31.38 7.14
CA LEU C 188 -36.87 31.49 7.12
C LEU C 188 -37.33 32.83 6.58
N ASN C 189 -36.64 33.91 6.92
CA ASN C 189 -37.04 35.26 6.52
C ASN C 189 -36.54 35.62 5.13
N GLN C 190 -35.85 34.71 4.46
CA GLN C 190 -35.24 35.01 3.16
C GLN C 190 -35.64 34.00 2.10
N LYS C 191 -35.70 32.73 2.47
CA LYS C 191 -35.78 31.65 1.49
C LYS C 191 -37.05 30.83 1.61
N VAL C 192 -37.61 30.68 2.80
CA VAL C 192 -38.80 29.84 2.97
C VAL C 192 -40.01 30.55 2.38
N GLY C 193 -40.78 29.82 1.58
CA GLY C 193 -41.98 30.34 0.95
C GLY C 193 -41.81 30.77 -0.48
N THR C 194 -40.59 30.76 -1.00
CA THR C 194 -40.32 31.27 -2.34
C THR C 194 -40.49 30.22 -3.44
N VAL C 195 -40.67 28.95 -3.08
CA VAL C 195 -40.80 27.87 -4.06
C VAL C 195 -42.04 27.06 -3.71
N GLU C 196 -42.62 26.46 -4.73
CA GLU C 196 -43.86 25.68 -4.52
C GLU C 196 -43.59 24.27 -5.03
N PRO C 197 -43.88 23.22 -4.25
CA PRO C 197 -43.75 21.84 -4.73
C PRO C 197 -44.70 21.56 -5.87
N ASP C 198 -44.24 20.74 -6.82
CA ASP C 198 -45.10 20.35 -7.93
C ASP C 198 -46.14 19.32 -7.48
N TYR C 199 -45.75 18.40 -6.60
CA TYR C 199 -46.63 17.36 -6.10
C TYR C 199 -46.60 17.35 -4.57
N LEU C 200 -47.78 17.20 -3.97
CA LEU C 200 -47.91 17.09 -2.52
C LEU C 200 -48.70 15.82 -2.22
N GLY C 201 -48.09 14.93 -1.44
CA GLY C 201 -48.73 13.68 -1.10
C GLY C 201 -49.85 13.86 -0.10
N GLU C 202 -50.44 12.73 0.29
CA GLU C 202 -51.45 12.75 1.35
C GLU C 202 -50.84 13.12 2.69
N HIS C 203 -49.66 12.57 2.99
CA HIS C 203 -48.99 12.80 4.27
C HIS C 203 -47.61 13.35 3.97
N VAL C 204 -47.37 14.59 4.37
CA VAL C 204 -46.14 15.31 4.07
C VAL C 204 -45.56 15.82 5.39
N ILE C 205 -44.27 15.57 5.59
CA ILE C 205 -43.58 16.03 6.79
C ILE C 205 -42.33 16.80 6.39
N ASN C 206 -41.88 17.64 7.32
CA ASN C 206 -40.54 18.22 7.29
C ASN C 206 -39.73 17.54 8.37
N TYR C 207 -38.64 16.91 7.99
CA TYR C 207 -37.71 16.33 8.96
C TYR C 207 -36.71 17.40 9.33
N VAL C 208 -36.76 17.85 10.58
CA VAL C 208 -36.02 19.02 11.02
C VAL C 208 -35.03 18.59 12.10
N GLY C 209 -33.84 19.17 12.08
CA GLY C 209 -32.84 18.89 13.07
C GLY C 209 -31.99 17.67 12.81
N GLU C 210 -32.10 17.06 11.64
CA GLU C 210 -31.32 15.88 11.27
C GLU C 210 -30.25 16.29 10.28
N TYR C 211 -29.02 15.86 10.51
CA TYR C 211 -27.91 16.29 9.67
C TYR C 211 -27.19 15.13 9.00
N ASN C 212 -27.75 13.92 9.04
CA ASN C 212 -27.35 12.80 8.18
C ASN C 212 -25.92 12.34 8.46
N ILE C 213 -25.62 12.09 9.73
CA ILE C 213 -24.32 11.57 10.12
C ILE C 213 -24.28 10.09 9.75
N GLN C 214 -23.44 9.76 8.75
CA GLN C 214 -23.17 8.35 8.34
C GLN C 214 -24.43 7.71 7.75
N GLY C 215 -25.50 8.47 7.48
CA GLY C 215 -26.69 7.95 6.87
C GLY C 215 -27.95 7.92 7.73
N ASP C 216 -27.98 8.66 8.84
CA ASP C 216 -29.12 8.64 9.74
C ASP C 216 -30.38 9.14 9.06
N GLN C 217 -30.26 10.21 8.28
CA GLN C 217 -31.41 10.77 7.59
C GLN C 217 -31.99 9.76 6.62
N GLU C 218 -31.14 9.03 5.90
CA GLU C 218 -31.61 8.03 4.96
C GLU C 218 -32.23 6.83 5.67
N VAL C 219 -31.72 6.48 6.85
CA VAL C 219 -32.38 5.45 7.67
C VAL C 219 -33.81 5.86 8.00
N MET C 220 -33.97 7.08 8.52
CA MET C 220 -35.31 7.51 8.92
C MET C 220 -36.21 7.74 7.72
N ILE C 221 -35.64 8.09 6.56
CA ILE C 221 -36.46 8.28 5.33
C ILE C 221 -36.96 6.92 4.90
N ASP C 222 -36.10 5.92 4.97
CA ASP C 222 -36.59 4.58 4.66
C ASP C 222 -37.77 4.22 5.54
N TYR C 223 -37.67 4.50 6.84
CA TYR C 223 -38.78 4.21 7.73
C TYR C 223 -40.04 4.98 7.35
N PHE C 224 -39.88 6.24 6.94
CA PHE C 224 -41.05 7.04 6.55
C PHE C 224 -41.64 6.58 5.22
N ASN C 225 -40.78 6.19 4.28
CA ASN C 225 -41.25 5.71 2.98
C ASN C 225 -42.05 4.43 3.13
N ARG C 226 -41.59 3.52 3.98
CA ARG C 226 -42.32 2.28 4.20
C ARG C 226 -43.66 2.52 4.89
N MET C 227 -43.86 3.70 5.45
CA MET C 227 -45.10 4.13 6.05
C MET C 227 -45.99 4.90 5.07
N GLY C 228 -45.53 5.11 3.85
CA GLY C 228 -46.25 5.92 2.89
C GLY C 228 -46.29 7.40 3.22
N ILE C 229 -45.19 7.96 3.69
CA ILE C 229 -45.10 9.37 4.07
C ILE C 229 -44.08 10.04 3.18
N GLN C 230 -44.45 11.18 2.61
CA GLN C 230 -43.54 11.96 1.78
C GLN C 230 -42.82 13.00 2.64
N VAL C 231 -41.50 12.98 2.59
CA VAL C 231 -40.69 13.94 3.32
C VAL C 231 -40.42 15.12 2.38
N LEU C 232 -41.08 16.25 2.65
CA LEU C 232 -40.93 17.42 1.80
C LEU C 232 -39.49 17.89 1.79
N SER C 233 -38.88 17.99 2.97
CA SER C 233 -37.52 18.47 3.08
C SER C 233 -36.93 17.95 4.38
N THR C 234 -35.62 17.76 4.37
CA THR C 234 -34.85 17.53 5.58
C THR C 234 -34.01 18.77 5.85
N PHE C 235 -34.05 19.26 7.07
CA PHE C 235 -33.27 20.40 7.52
C PHE C 235 -32.16 19.87 8.42
N THR C 236 -30.95 19.74 7.88
CA THR C 236 -30.56 20.05 6.50
C THR C 236 -29.83 18.88 5.87
N GLY C 237 -29.57 17.84 6.68
CA GLY C 237 -28.76 16.72 6.26
C GLY C 237 -29.28 15.98 5.04
N ASN C 238 -28.44 15.89 4.01
CA ASN C 238 -28.84 15.36 2.70
C ASN C 238 -30.06 16.11 2.18
N GLY C 239 -30.12 17.40 2.48
CA GLY C 239 -31.20 18.24 2.05
C GLY C 239 -30.76 19.14 0.92
N SER C 240 -31.72 19.50 0.07
CA SER C 240 -31.47 20.40 -1.04
C SER C 240 -31.96 21.80 -0.69
N TYR C 241 -31.41 22.77 -1.40
CA TYR C 241 -31.79 24.17 -1.24
C TYR C 241 -33.28 24.38 -1.52
N ASP C 242 -33.75 23.87 -2.66
CA ASP C 242 -35.11 24.15 -3.10
C ASP C 242 -36.15 23.51 -2.18
N SER C 243 -35.85 22.31 -1.66
CA SER C 243 -36.75 21.68 -0.70
C SER C 243 -36.89 22.53 0.55
N LEU C 244 -35.78 23.06 1.06
CA LEU C 244 -35.83 23.90 2.25
C LEU C 244 -36.48 25.24 1.97
N ARG C 245 -36.55 25.67 0.71
CA ARG C 245 -37.39 26.81 0.39
C ARG C 245 -38.87 26.44 0.31
N MET C 246 -39.15 25.20 -0.08
CA MET C 246 -40.51 24.64 -0.14
C MET C 246 -41.03 24.20 1.22
N MET C 247 -40.20 24.28 2.29
CA MET C 247 -40.52 23.78 3.67
C MET C 247 -41.85 24.27 4.24
N HIS C 248 -42.45 25.27 3.64
CA HIS C 248 -43.62 25.86 4.27
C HIS C 248 -44.93 25.17 3.93
N ARG C 249 -44.91 24.08 3.14
CA ARG C 249 -46.17 23.44 2.70
C ARG C 249 -46.26 22.00 3.23
N ALA C 250 -45.71 21.74 4.43
CA ALA C 250 -45.77 20.42 5.03
C ALA C 250 -46.96 20.33 5.99
N HIS C 251 -47.50 19.11 6.10
CA HIS C 251 -48.61 18.86 7.03
C HIS C 251 -48.15 18.80 8.47
N LEU C 252 -46.88 18.42 8.70
CA LEU C 252 -46.36 18.26 10.04
C LEU C 252 -44.86 18.46 10.01
N ASN C 253 -44.31 18.92 11.13
CA ASN C 253 -42.87 19.02 11.32
C ASN C 253 -42.49 17.99 12.38
N VAL C 254 -41.54 17.12 12.04
CA VAL C 254 -40.99 16.18 13.00
C VAL C 254 -39.59 16.65 13.36
N LEU C 255 -39.37 16.84 14.66
CA LEU C 255 -38.19 17.51 15.17
C LEU C 255 -37.26 16.51 15.82
N GLU C 256 -36.10 16.28 15.20
CA GLU C 256 -35.11 15.35 15.74
C GLU C 256 -34.25 16.04 16.81
N CYS C 257 -33.62 17.15 16.45
CA CYS C 257 -32.84 17.95 17.40
C CYS C 257 -33.54 19.28 17.62
N ALA C 258 -33.72 19.63 18.90
CA ALA C 258 -34.36 20.88 19.27
C ALA C 258 -33.36 21.99 19.57
N ARG C 259 -32.20 21.65 20.13
CA ARG C 259 -31.15 22.64 20.53
C ARG C 259 -30.56 23.30 19.28
N SER C 260 -30.81 22.78 18.09
CA SER C 260 -30.37 23.40 16.85
C SER C 260 -31.50 23.94 16.00
N ALA C 261 -32.73 23.42 16.13
CA ALA C 261 -33.79 23.78 15.21
C ALA C 261 -35.14 23.98 15.91
N GLU C 262 -35.14 24.48 17.15
CA GLU C 262 -36.40 24.81 17.81
C GLU C 262 -37.09 25.96 17.10
N TYR C 263 -36.35 27.04 16.83
CA TYR C 263 -36.93 28.27 16.29
C TYR C 263 -37.54 28.02 14.92
N ILE C 264 -36.93 27.15 14.11
CA ILE C 264 -37.48 26.81 12.80
C ILE C 264 -38.91 26.32 12.94
N CYS C 265 -39.13 25.38 13.85
CA CYS C 265 -40.47 24.80 14.05
C CYS C 265 -41.42 25.80 14.69
N ASP C 266 -40.96 26.56 15.69
CA ASP C 266 -41.84 27.53 16.33
C ASP C 266 -42.34 28.56 15.32
N GLU C 267 -41.45 29.08 14.48
CA GLU C 267 -41.85 30.09 13.51
C GLU C 267 -42.61 29.51 12.33
N LEU C 268 -42.33 28.26 11.95
CA LEU C 268 -43.16 27.62 10.92
C LEU C 268 -44.59 27.45 11.41
N ARG C 269 -44.76 27.07 12.68
CA ARG C 269 -46.09 27.00 13.26
C ARG C 269 -46.72 28.39 13.36
N ALA C 270 -45.92 29.40 13.71
CA ALA C 270 -46.45 30.75 13.86
C ALA C 270 -46.95 31.30 12.53
N ARG C 271 -46.24 31.03 11.44
CA ARG C 271 -46.58 31.63 10.16
C ARG C 271 -47.55 30.79 9.32
N TYR C 272 -47.47 29.46 9.40
CA TYR C 272 -48.30 28.62 8.56
C TYR C 272 -49.13 27.62 9.34
N GLY C 273 -49.06 27.63 10.67
CA GLY C 273 -49.86 26.72 11.48
C GLY C 273 -49.53 25.26 11.29
N ILE C 274 -48.25 24.94 11.16
CA ILE C 274 -47.79 23.59 10.88
C ILE C 274 -47.47 22.92 12.21
N PRO C 275 -48.15 21.83 12.58
CA PRO C 275 -47.89 21.19 13.87
C PRO C 275 -46.50 20.60 13.94
N ARG C 276 -45.97 20.56 15.16
CA ARG C 276 -44.65 20.00 15.43
C ARG C 276 -44.79 18.73 16.25
N LEU C 277 -44.00 17.72 15.90
CA LEU C 277 -44.00 16.43 16.59
C LEU C 277 -42.55 16.07 16.91
N ASP C 278 -42.16 16.21 18.17
CA ASP C 278 -40.82 15.82 18.59
C ASP C 278 -40.70 14.30 18.59
N ILE C 279 -39.61 13.79 18.01
CA ILE C 279 -39.39 12.36 17.87
C ILE C 279 -37.97 12.01 18.32
N ASP C 280 -37.76 10.73 18.55
CA ASP C 280 -36.44 10.18 18.85
C ASP C 280 -36.17 9.03 17.90
N GLY C 281 -34.99 9.04 17.28
CA GLY C 281 -34.62 8.03 16.31
C GLY C 281 -33.71 6.93 16.81
N PHE C 282 -33.28 6.97 18.07
CA PHE C 282 -32.37 5.99 18.61
C PHE C 282 -33.09 5.03 19.55
N GLY C 283 -32.62 3.79 19.58
CA GLY C 283 -33.24 2.76 20.37
C GLY C 283 -34.29 2.00 19.61
N PHE C 284 -34.96 1.07 20.29
CA PHE C 284 -36.03 0.27 19.67
C PHE C 284 -37.37 0.79 20.18
N GLU C 285 -37.46 1.10 21.46
CA GLU C 285 -38.70 1.63 22.01
C GLU C 285 -38.87 3.11 21.71
N PRO C 286 -37.84 3.97 21.86
CA PRO C 286 -38.03 5.37 21.45
C PRO C 286 -38.36 5.52 19.97
N LEU C 287 -37.70 4.76 19.10
CA LEU C 287 -37.97 4.86 17.68
C LEU C 287 -39.34 4.30 17.33
N ALA C 288 -39.72 3.18 17.96
CA ALA C 288 -41.05 2.62 17.71
C ALA C 288 -42.14 3.57 18.17
N ASN C 289 -41.94 4.22 19.32
CA ASN C 289 -42.92 5.18 19.80
C ASN C 289 -42.98 6.41 18.90
N SER C 290 -41.83 6.85 18.39
CA SER C 290 -41.82 7.96 17.45
C SER C 290 -42.60 7.62 16.18
N LEU C 291 -42.36 6.43 15.64
CA LEU C 291 -43.10 5.99 14.46
C LEU C 291 -44.58 5.88 14.76
N ARG C 292 -44.94 5.41 15.94
CA ARG C 292 -46.35 5.28 16.30
C ARG C 292 -47.02 6.64 16.43
N LYS C 293 -46.33 7.63 16.99
CA LYS C 293 -46.89 8.99 17.05
C LYS C 293 -47.06 9.57 15.66
N VAL C 294 -46.07 9.38 14.79
CA VAL C 294 -46.18 9.89 13.42
C VAL C 294 -47.36 9.25 12.70
N ALA C 295 -47.55 7.95 12.91
CA ALA C 295 -48.67 7.25 12.29
C ALA C 295 -50.01 7.70 12.89
N LEU C 296 -50.04 7.96 14.19
CA LEU C 296 -51.26 8.43 14.82
C LEU C 296 -51.67 9.80 14.30
N PHE C 297 -50.69 10.64 13.96
CA PHE C 297 -51.05 11.95 13.40
C PHE C 297 -51.76 11.78 12.05
N PHE C 298 -51.31 10.84 11.23
CA PHE C 298 -51.84 10.64 9.90
C PHE C 298 -52.88 9.52 9.83
N GLY C 299 -53.20 8.89 10.97
CA GLY C 299 -54.17 7.81 10.98
C GLY C 299 -53.75 6.60 10.19
N ILE C 300 -52.47 6.27 10.22
CA ILE C 300 -51.93 5.13 9.47
C ILE C 300 -51.23 4.18 10.41
N GLU C 301 -51.78 4.02 11.62
CA GLU C 301 -51.09 3.29 12.69
C GLU C 301 -50.71 1.88 12.28
N ASP C 302 -51.50 1.23 11.41
CA ASP C 302 -51.21 -0.16 11.05
C ASP C 302 -49.90 -0.27 10.30
N LYS C 303 -49.57 0.71 9.47
CA LYS C 303 -48.30 0.68 8.75
C LYS C 303 -47.12 0.78 9.70
N ALA C 304 -47.21 1.66 10.70
CA ALA C 304 -46.17 1.74 11.71
C ALA C 304 -46.06 0.44 12.48
N GLU C 305 -47.20 -0.17 12.82
CA GLU C 305 -47.16 -1.43 13.55
C GLU C 305 -46.50 -2.53 12.73
N ALA C 306 -46.80 -2.59 11.43
CA ALA C 306 -46.14 -3.57 10.57
C ALA C 306 -44.64 -3.34 10.50
N ILE C 307 -44.22 -2.08 10.35
CA ILE C 307 -42.79 -1.77 10.33
C ILE C 307 -42.14 -2.21 11.64
N ILE C 308 -42.77 -1.88 12.76
CA ILE C 308 -42.19 -2.17 14.07
C ILE C 308 -42.08 -3.68 14.26
N ALA C 309 -43.11 -4.42 13.88
CA ALA C 309 -43.06 -5.88 14.03
C ALA C 309 -41.97 -6.49 13.17
N GLU C 310 -41.86 -6.05 11.91
CA GLU C 310 -40.85 -6.60 11.02
C GLU C 310 -39.44 -6.30 11.52
N GLU C 311 -39.19 -5.05 11.92
CA GLU C 311 -37.87 -4.67 12.38
C GLU C 311 -37.52 -5.33 13.72
N TYR C 312 -38.51 -5.49 14.60
CA TYR C 312 -38.29 -6.21 15.84
C TYR C 312 -37.89 -7.65 15.55
N ALA C 313 -38.68 -8.35 14.73
CA ALA C 313 -38.37 -9.73 14.41
C ALA C 313 -36.99 -9.87 13.78
N LYS C 314 -36.59 -8.89 12.97
CA LYS C 314 -35.29 -8.97 12.30
C LYS C 314 -34.12 -8.68 13.25
N TRP C 315 -34.23 -7.67 14.12
CA TRP C 315 -33.06 -7.16 14.81
C TRP C 315 -33.03 -7.41 16.31
N LYS C 316 -34.16 -7.77 16.92
CA LYS C 316 -34.18 -7.99 18.37
C LYS C 316 -33.31 -9.17 18.81
N PRO C 317 -33.33 -10.35 18.17
CA PRO C 317 -32.41 -11.40 18.61
C PRO C 317 -30.95 -11.01 18.54
N GLN C 318 -30.58 -10.27 17.50
CA GLN C 318 -29.21 -9.80 17.37
C GLN C 318 -28.88 -8.76 18.44
N LEU C 319 -29.79 -7.84 18.73
CA LEU C 319 -29.53 -6.86 19.78
C LEU C 319 -29.44 -7.52 21.15
N ASP C 320 -30.31 -8.51 21.41
CA ASP C 320 -30.29 -9.17 22.70
C ASP C 320 -29.05 -10.04 22.88
N TRP C 321 -28.49 -10.55 21.78
CA TRP C 321 -27.19 -11.22 21.87
C TRP C 321 -26.15 -10.32 22.53
N TYR C 322 -26.09 -9.06 22.14
CA TYR C 322 -25.14 -8.13 22.73
C TYR C 322 -25.59 -7.64 24.10
N LYS C 323 -26.89 -7.44 24.29
CA LYS C 323 -27.39 -6.98 25.58
C LYS C 323 -27.11 -7.98 26.68
N GLU C 324 -27.11 -9.28 26.36
CA GLU C 324 -26.76 -10.28 27.35
C GLU C 324 -25.30 -10.17 27.78
N ARG C 325 -24.42 -9.79 26.87
CA ARG C 325 -22.97 -9.71 27.13
C ARG C 325 -22.56 -8.31 27.60
N LEU C 326 -23.48 -7.34 27.57
CA LEU C 326 -23.18 -5.98 28.01
C LEU C 326 -23.91 -5.59 29.28
N LYS C 327 -24.60 -6.52 29.93
CA LYS C 327 -25.32 -6.21 31.16
C LYS C 327 -24.34 -5.83 32.27
N GLY C 328 -24.49 -4.63 32.80
CA GLY C 328 -23.71 -4.18 33.94
C GLY C 328 -22.43 -3.45 33.62
N LYS C 329 -22.07 -3.32 32.35
CA LYS C 329 -20.89 -2.55 31.99
C LYS C 329 -21.18 -1.06 32.15
N LYS C 330 -20.13 -0.30 32.48
CA LYS C 330 -20.26 1.12 32.75
C LYS C 330 -19.77 1.95 31.57
N VAL C 331 -20.52 3.00 31.22
CA VAL C 331 -20.17 3.94 30.14
C VAL C 331 -20.05 5.35 30.73
N CYS C 332 -18.98 6.08 30.43
CA CYS C 332 -18.86 7.50 30.82
C CYS C 332 -19.27 8.31 29.60
N LEU C 333 -20.22 9.23 29.76
CA LEU C 333 -20.60 10.11 28.63
C LEU C 333 -19.88 11.45 28.72
N TRP C 334 -19.13 11.84 27.68
CA TRP C 334 -18.53 13.17 27.64
C TRP C 334 -19.09 13.95 26.45
N LYS C 339 -26.55 14.00 22.25
CA LYS C 339 -26.49 12.54 22.31
C LYS C 339 -26.14 12.06 23.71
N LEU C 340 -26.50 12.85 24.71
CA LEU C 340 -26.35 12.47 26.11
C LEU C 340 -27.67 12.11 26.77
N TRP C 341 -28.78 12.64 26.28
CA TRP C 341 -30.10 12.25 26.72
C TRP C 341 -30.91 11.58 25.62
N HIS C 342 -30.55 11.81 24.35
CA HIS C 342 -31.08 11.01 23.27
C HIS C 342 -30.66 9.56 23.37
N TRP C 343 -29.73 9.25 24.27
CA TRP C 343 -29.10 7.95 24.36
C TRP C 343 -29.18 7.32 25.74
N ALA C 344 -29.07 8.10 26.82
CA ALA C 344 -28.74 7.54 28.13
C ALA C 344 -29.78 6.54 28.61
N HIS C 345 -31.06 6.86 28.44
CA HIS C 345 -32.10 5.95 28.94
C HIS C 345 -32.23 4.72 28.04
N ALA C 346 -32.14 4.90 26.73
CA ALA C 346 -32.26 3.75 25.83
C ALA C 346 -31.06 2.82 25.97
N ILE C 347 -29.88 3.36 26.27
CA ILE C 347 -28.71 2.51 26.47
C ILE C 347 -28.88 1.64 27.70
N GLU C 348 -29.35 2.22 28.79
CA GLU C 348 -29.56 1.45 30.01
C GLU C 348 -30.68 0.43 29.84
N GLU C 349 -31.77 0.83 29.15
CA GLU C 349 -32.93 -0.04 29.03
C GLU C 349 -32.67 -1.20 28.06
N GLU C 350 -32.04 -0.93 26.92
CA GLU C 350 -32.00 -1.91 25.85
C GLU C 350 -30.65 -2.59 25.68
N MET C 351 -29.58 -2.04 26.23
CA MET C 351 -28.27 -2.65 26.14
C MET C 351 -27.72 -3.12 27.47
N GLY C 352 -28.40 -2.83 28.57
CA GLY C 352 -27.97 -3.27 29.88
C GLY C 352 -26.82 -2.49 30.48
N LEU C 353 -26.38 -1.41 29.83
CA LEU C 353 -25.23 -0.65 30.30
C LEU C 353 -25.65 0.31 31.41
N LYS C 354 -24.71 0.56 32.32
CA LYS C 354 -24.92 1.50 33.42
C LYS C 354 -24.19 2.80 33.09
N VAL C 355 -24.95 3.88 32.90
CA VAL C 355 -24.37 5.18 32.59
C VAL C 355 -23.91 5.81 33.90
N VAL C 356 -22.61 6.00 34.05
CA VAL C 356 -22.04 6.55 35.27
C VAL C 356 -21.63 7.99 35.06
N LYS C 398 -13.54 2.91 37.27
CA LYS C 398 -13.15 2.96 35.87
C LYS C 398 -14.28 2.52 34.97
N PRO C 399 -14.62 3.36 34.00
CA PRO C 399 -15.63 2.95 33.01
C PRO C 399 -15.10 1.87 32.09
N ASP C 400 -16.02 1.14 31.49
CA ASP C 400 -15.65 0.15 30.50
C ASP C 400 -15.55 0.74 29.10
N ILE C 401 -16.27 1.84 28.85
CA ILE C 401 -16.20 2.54 27.57
C ILE C 401 -16.59 3.98 27.82
N ILE C 402 -16.07 4.89 27.01
CA ILE C 402 -16.36 6.31 27.10
C ILE C 402 -16.91 6.76 25.75
N PHE C 403 -18.00 7.51 25.77
CA PHE C 403 -18.58 8.11 24.57
C PHE C 403 -18.18 9.57 24.54
N THR C 404 -17.32 9.94 23.58
CA THR C 404 -16.75 11.27 23.54
C THR C 404 -16.32 11.57 22.11
N GLY C 405 -15.61 12.68 21.94
CA GLY C 405 -15.04 13.04 20.66
C GLY C 405 -13.70 12.39 20.41
N LYS C 406 -13.15 12.66 19.23
CA LYS C 406 -11.94 11.98 18.77
C LYS C 406 -10.73 12.32 19.64
N ARG C 407 -10.49 13.61 19.88
CA ARG C 407 -9.32 13.99 20.67
C ARG C 407 -9.43 13.56 22.13
N PRO C 408 -10.54 13.81 22.84
CA PRO C 408 -10.65 13.24 24.20
C PRO C 408 -10.63 11.73 24.22
N GLY C 409 -11.15 11.08 23.17
CA GLY C 409 -11.04 9.64 23.09
C GLY C 409 -9.61 9.17 22.98
N GLU C 410 -8.80 9.86 22.18
CA GLU C 410 -7.38 9.53 22.10
C GLU C 410 -6.67 9.84 23.41
N PHE C 411 -7.16 10.83 24.15
CA PHE C 411 -6.59 11.08 25.48
C PHE C 411 -6.85 9.90 26.41
N VAL C 412 -8.10 9.43 26.47
CA VAL C 412 -8.43 8.34 27.38
C VAL C 412 -7.95 6.99 26.88
N LYS C 413 -7.57 6.90 25.60
CA LYS C 413 -6.95 5.68 25.10
C LYS C 413 -5.69 5.34 25.88
N LYS C 414 -4.94 6.36 26.29
CA LYS C 414 -3.73 6.18 27.08
C LYS C 414 -4.01 5.61 28.47
N HIS C 415 -5.27 5.60 28.90
CA HIS C 415 -5.67 5.05 30.19
C HIS C 415 -6.25 3.65 30.09
N GLY C 416 -6.17 3.03 28.91
CA GLY C 416 -6.72 1.71 28.73
C GLY C 416 -8.22 1.65 28.64
N VAL C 417 -8.87 2.73 28.22
CA VAL C 417 -10.32 2.77 28.08
C VAL C 417 -10.66 3.03 26.62
N PRO C 418 -11.47 2.18 25.98
CA PRO C 418 -11.87 2.44 24.60
C PRO C 418 -12.92 3.55 24.53
N TYR C 419 -13.06 4.11 23.33
CA TYR C 419 -14.04 5.14 23.10
C TYR C 419 -14.79 4.87 21.80
N LEU C 420 -16.05 5.28 21.77
CA LEU C 420 -16.81 5.38 20.54
C LEU C 420 -17.11 6.85 20.29
N ASN C 421 -16.93 7.29 19.06
CA ASN C 421 -17.13 8.69 18.72
C ASN C 421 -18.59 9.07 18.90
N ALA C 422 -18.86 10.01 19.80
CA ALA C 422 -20.23 10.43 20.07
C ALA C 422 -20.76 11.41 19.06
N HIS C 423 -19.89 12.00 18.24
CA HIS C 423 -20.30 12.99 17.25
C HIS C 423 -20.40 12.39 15.85
N ALA C 424 -19.41 11.63 15.43
CA ALA C 424 -19.35 11.06 14.09
C ALA C 424 -19.59 9.56 14.06
N TYR C 425 -19.83 8.94 15.21
CA TYR C 425 -19.96 7.49 15.38
C TYR C 425 -18.67 6.77 15.04
N HIS C 426 -18.66 5.45 15.16
CA HIS C 426 -17.56 4.63 14.66
C HIS C 426 -17.99 3.82 13.44
N ASN C 427 -18.92 2.89 13.59
CA ASN C 427 -19.46 2.13 12.48
C ASN C 427 -20.94 2.46 12.46
N GLY C 428 -21.26 3.63 11.95
CA GLY C 428 -22.62 4.10 11.90
C GLY C 428 -23.29 3.68 10.61
N PRO C 429 -24.54 4.10 10.44
CA PRO C 429 -25.34 4.97 11.31
C PRO C 429 -25.78 4.27 12.59
N TYR C 430 -25.98 5.02 13.68
CA TYR C 430 -26.48 4.46 14.92
C TYR C 430 -27.98 4.64 15.07
N LYS C 431 -28.64 5.23 14.08
CA LYS C 431 -30.08 5.41 14.09
C LYS C 431 -30.76 4.23 13.40
N GLY C 432 -32.01 4.02 13.77
CA GLY C 432 -32.75 2.86 13.32
C GLY C 432 -32.52 1.66 14.22
N PHE C 433 -33.29 0.61 13.96
CA PHE C 433 -33.16 -0.62 14.73
C PHE C 433 -31.85 -1.33 14.40
N GLU C 434 -31.54 -1.46 13.11
CA GLU C 434 -30.26 -2.02 12.70
C GLU C 434 -29.09 -1.15 13.16
N GLY C 435 -29.25 0.17 13.11
CA GLY C 435 -28.22 1.05 13.63
C GLY C 435 -28.00 0.88 15.12
N TRP C 436 -29.07 0.63 15.86
CA TRP C 436 -28.94 0.30 17.28
C TRP C 436 -28.15 -0.99 17.48
N VAL C 437 -28.38 -2.00 16.64
CA VAL C 437 -27.61 -3.23 16.75
C VAL C 437 -26.14 -2.99 16.39
N ARG C 438 -25.89 -2.14 15.39
CA ARG C 438 -24.52 -1.79 15.03
C ARG C 438 -23.82 -1.06 16.17
N PHE C 439 -24.54 -0.17 16.85
CA PHE C 439 -24.03 0.51 18.03
C PHE C 439 -23.69 -0.49 19.14
N ALA C 440 -24.58 -1.44 19.40
CA ALA C 440 -24.31 -2.46 20.40
C ALA C 440 -23.09 -3.29 20.04
N ARG C 441 -22.94 -3.67 18.78
CA ARG C 441 -21.77 -4.42 18.35
C ARG C 441 -20.49 -3.60 18.49
N ASP C 442 -20.54 -2.31 18.18
CA ASP C 442 -19.38 -1.43 18.37
C ASP C 442 -18.98 -1.37 19.84
N ILE C 443 -19.97 -1.22 20.74
CA ILE C 443 -19.69 -1.21 22.16
C ILE C 443 -19.04 -2.52 22.59
N TYR C 444 -19.63 -3.64 22.17
CA TYR C 444 -19.14 -4.95 22.57
C TYR C 444 -17.75 -5.22 22.01
N ASN C 445 -17.48 -4.80 20.77
CA ASN C 445 -16.16 -4.98 20.19
C ASN C 445 -15.11 -4.16 20.91
N ALA C 446 -15.43 -2.91 21.27
CA ALA C 446 -14.47 -2.11 22.01
C ALA C 446 -14.22 -2.67 23.41
N ILE C 447 -15.29 -3.09 24.10
CA ILE C 447 -15.16 -3.51 25.49
C ILE C 447 -14.43 -4.84 25.59
N TYR C 448 -14.74 -5.79 24.71
CA TYR C 448 -14.26 -7.16 24.87
C TYR C 448 -13.07 -7.48 23.97
N SER C 449 -12.32 -6.48 23.54
CA SER C 449 -11.18 -6.71 22.68
C SER C 449 -10.10 -7.51 23.40
N PRO C 450 -9.58 -8.58 22.79
CA PRO C 450 -8.42 -9.26 23.39
C PRO C 450 -7.19 -8.37 23.50
N MET C 451 -7.06 -7.38 22.62
CA MET C 451 -5.95 -6.43 22.70
C MET C 451 -6.06 -5.56 23.94
N ARG C 452 -7.27 -5.32 24.44
CA ARG C 452 -7.44 -4.57 25.68
C ARG C 452 -6.81 -5.30 26.86
N GLN C 453 -7.00 -6.63 26.93
CA GLN C 453 -6.39 -7.39 28.01
C GLN C 453 -4.90 -7.60 27.77
N LEU C 454 -4.48 -7.66 26.50
CA LEU C 454 -3.05 -7.76 26.22
C LEU C 454 -2.32 -6.48 26.61
N ALA C 455 -2.96 -5.32 26.42
CA ALA C 455 -2.30 -4.06 26.73
C ALA C 455 -2.21 -3.81 28.22
N ALA C 456 -3.15 -4.33 29.00
CA ALA C 456 -3.13 -4.18 30.45
C ALA C 456 -2.14 -5.12 31.13
N LEU C 457 -1.53 -6.02 30.38
CA LEU C 457 -0.60 -6.99 30.93
C LEU C 457 0.81 -6.43 30.90
N ASP C 458 1.50 -6.53 32.04
CA ASP C 458 2.89 -6.09 32.17
C ASP C 458 3.79 -7.32 32.00
N ILE C 459 4.39 -7.46 30.82
CA ILE C 459 5.21 -8.63 30.52
C ILE C 459 6.53 -8.63 31.25
N SER C 460 6.91 -7.52 31.86
CA SER C 460 8.14 -7.44 32.64
C SER C 460 7.93 -7.85 34.10
N ALA C 461 6.71 -8.17 34.49
CA ALA C 461 6.49 -8.64 35.85
C ALA C 461 7.11 -10.02 36.04
N PRO C 462 7.68 -10.31 37.20
CA PRO C 462 8.36 -11.61 37.40
C PRO C 462 7.46 -12.81 37.14
N ASP C 463 6.20 -12.72 37.53
CA ASP C 463 5.21 -13.77 37.24
C ASP C 463 4.07 -13.11 36.49
N ALA C 464 4.24 -12.98 35.17
CA ALA C 464 3.25 -12.34 34.32
C ALA C 464 2.42 -13.41 33.62
N ALA C 465 1.12 -13.15 33.50
CA ALA C 465 0.19 -14.11 32.90
C ALA C 465 0.35 -14.11 31.38
N ILE C 466 1.54 -14.49 30.94
CA ILE C 466 1.85 -14.57 29.52
C ILE C 466 1.28 -15.87 28.96
N THR C 467 0.58 -15.76 27.85
CA THR C 467 -0.05 -16.90 27.18
C THR C 467 0.36 -16.88 25.71
N SER C 468 -0.05 -17.92 25.00
CA SER C 468 0.12 -18.01 23.55
C SER C 468 -1.21 -18.41 22.92
N GLY C 469 -1.25 -18.37 21.60
CA GLY C 469 -2.45 -18.73 20.86
C GLY C 469 -3.26 -17.49 20.49
N PHE C 470 -4.53 -17.50 20.88
CA PHE C 470 -5.41 -16.38 20.59
C PHE C 470 -6.53 -16.37 21.62
N ARG C 471 -7.23 -15.24 21.67
CA ARG C 471 -8.52 -15.12 22.32
C ARG C 471 -9.42 -14.35 21.38
N THR C 472 -10.72 -14.53 21.55
CA THR C 472 -11.69 -13.72 20.81
C THR C 472 -12.52 -12.91 21.80
N ALA C 473 -13.19 -11.88 21.28
CA ALA C 473 -14.11 -11.12 22.09
C ALA C 473 -15.27 -11.98 22.59
N LYS C 474 -15.68 -12.96 21.80
CA LYS C 474 -16.74 -13.88 22.20
C LYS C 474 -16.32 -14.74 23.39
N MET C 475 -15.06 -15.18 23.40
CA MET C 475 -14.57 -15.94 24.55
C MET C 475 -14.61 -15.12 25.82
N ASN C 476 -14.20 -13.85 25.73
CA ASN C 476 -14.21 -12.98 26.90
C ASN C 476 -15.62 -12.65 27.35
N ALA C 477 -16.53 -12.41 26.40
CA ALA C 477 -17.90 -12.04 26.73
C ALA C 477 -18.72 -13.21 27.25
N ASP C 478 -18.44 -14.43 26.78
CA ASP C 478 -19.20 -15.59 27.20
C ASP C 478 -18.87 -16.03 28.61
N LEU C 479 -17.76 -15.54 29.17
CA LEU C 479 -17.48 -15.79 30.57
C LEU C 479 -18.45 -15.09 31.49
N THR C 480 -19.17 -14.09 30.99
CA THR C 480 -20.08 -13.28 31.78
C THR C 480 -21.52 -13.75 31.70
N VAL C 481 -21.87 -14.59 30.74
CA VAL C 481 -23.24 -15.00 30.53
C VAL C 481 -23.44 -16.38 31.12
N SER C 482 -24.70 -16.77 31.27
CA SER C 482 -25.05 -18.09 31.78
C SER C 482 -25.13 -19.09 30.62
N ASP C 483 -25.23 -20.37 30.99
CA ASP C 483 -25.23 -21.42 29.98
C ASP C 483 -26.47 -21.37 29.11
N GLU C 484 -27.60 -20.95 29.68
CA GLU C 484 -28.82 -20.82 28.89
C GLU C 484 -28.69 -19.74 27.83
N VAL C 485 -28.06 -18.62 28.19
CA VAL C 485 -27.79 -17.57 27.21
C VAL C 485 -26.70 -18.00 26.23
N LYS C 486 -25.65 -18.64 26.74
CA LYS C 486 -24.48 -18.96 25.91
C LYS C 486 -24.85 -19.92 24.79
N PHE C 487 -25.80 -20.81 25.04
CA PHE C 487 -26.23 -21.82 24.03
C PHE C 487 -27.64 -21.52 23.56
N SER C 488 -27.97 -20.27 23.31
CA SER C 488 -29.29 -19.90 22.77
C SER C 488 -29.26 -20.10 21.27
N GLU C 489 -30.31 -20.69 20.72
CA GLU C 489 -30.41 -20.86 19.26
C GLU C 489 -31.33 -19.74 18.74
N VAL C 490 -31.65 -18.75 19.58
CA VAL C 490 -32.43 -17.57 19.13
C VAL C 490 -31.48 -16.37 18.96
N LEU C 491 -30.66 -16.05 19.97
CA LEU C 491 -29.75 -14.93 19.87
C LEU C 491 -28.60 -15.24 18.92
N HIS C 492 -28.26 -14.27 18.07
CA HIS C 492 -27.11 -14.42 17.20
C HIS C 492 -26.45 -13.06 17.03
N GLU C 493 -25.19 -13.08 16.59
CA GLU C 493 -24.44 -11.86 16.38
C GLU C 493 -24.97 -11.10 15.16
N TYR C 494 -24.59 -9.82 15.09
CA TYR C 494 -25.08 -8.93 14.04
C TYR C 494 -24.69 -9.44 12.66
N THR C 495 -25.67 -9.48 11.77
CA THR C 495 -25.52 -9.98 10.40
C THR C 495 -25.84 -8.83 9.46
N GLY C 496 -24.85 -7.99 9.19
CA GLY C 496 -25.06 -6.85 8.33
C GLY C 496 -23.76 -6.45 7.68
N LYS C 497 -23.87 -5.84 6.50
CA LYS C 497 -22.70 -5.47 5.72
C LYS C 497 -22.00 -4.27 6.34
N TYR C 498 -20.74 -4.08 5.92
CA TYR C 498 -19.93 -2.99 6.45
C TYR C 498 -20.58 -1.64 6.17
N ASP C 499 -21.10 -1.46 4.96
CA ASP C 499 -21.88 -0.29 4.60
C ASP C 499 -23.35 -0.71 4.57
N SER C 500 -24.11 -0.28 5.58
CA SER C 500 -25.53 -0.60 5.63
C SER C 500 -26.39 0.43 4.92
N ILE C 501 -25.81 1.55 4.49
CA ILE C 501 -26.58 2.60 3.84
C ILE C 501 -26.76 2.33 2.35
N ALA C 502 -25.89 1.52 1.74
CA ALA C 502 -25.97 1.27 0.32
C ALA C 502 -27.30 0.64 -0.08
N GLU C 503 -27.80 -0.30 0.74
CA GLU C 503 -29.08 -0.93 0.46
C GLU C 503 -30.24 -0.03 0.85
N ILE C 504 -30.10 0.73 1.94
CA ILE C 504 -31.14 1.68 2.32
C ILE C 504 -31.25 2.80 1.30
N ARG C 505 -30.10 3.31 0.83
CA ARG C 505 -30.10 4.38 -0.16
C ARG C 505 -30.67 3.90 -1.49
N ALA C 506 -30.37 2.67 -1.89
CA ALA C 506 -30.93 2.11 -3.12
C ALA C 506 -32.44 1.91 -2.99
N ARG C 507 -32.90 1.51 -1.80
CA ARG C 507 -34.34 1.45 -1.56
C ARG C 507 -34.97 2.83 -1.64
N ASN C 508 -34.29 3.84 -1.10
CA ASN C 508 -34.83 5.19 -1.10
C ASN C 508 -34.94 5.74 -2.51
N GLN C 509 -33.94 5.47 -3.35
CA GLN C 509 -33.96 5.96 -4.72
C GLN C 509 -34.93 5.18 -5.58
N ALA C 510 -35.29 3.95 -5.20
CA ALA C 510 -36.32 3.21 -5.92
C ALA C 510 -37.72 3.72 -5.59
N TYR C 511 -37.96 4.07 -4.33
CA TYR C 511 -39.25 4.62 -3.95
C TYR C 511 -39.47 5.98 -4.59
N ALA C 512 -38.43 6.79 -4.68
CA ALA C 512 -38.53 8.08 -5.37
C ALA C 512 -38.85 7.89 -6.85
N ALA C 513 -38.23 6.89 -7.48
CA ALA C 513 -38.52 6.63 -8.89
C ALA C 513 -39.94 6.10 -9.07
N GLU C 514 -40.37 5.19 -8.20
CA GLU C 514 -41.74 4.66 -8.29
C GLU C 514 -42.76 5.76 -8.04
N GLN C 515 -42.52 6.62 -7.04
CA GLN C 515 -43.45 7.70 -6.76
C GLN C 515 -43.48 8.72 -7.88
N LYS C 516 -42.37 8.87 -8.61
CA LYS C 516 -42.33 9.81 -9.73
C LYS C 516 -43.16 9.30 -10.90
N ALA C 517 -43.11 8.00 -11.17
CA ALA C 517 -43.90 7.44 -12.27
C ALA C 517 -45.40 7.56 -11.99
N LEU C 518 -45.81 7.33 -10.75
CA LEU C 518 -47.22 7.44 -10.41
C LEU C 518 -47.73 8.87 -10.61
N ARG C 519 -46.92 9.85 -10.22
CA ARG C 519 -47.26 11.25 -10.43
C ARG C 519 -47.36 11.58 -11.91
N VAL D 5 6.83 30.53 -14.00
CA VAL D 5 6.08 29.87 -12.95
C VAL D 5 4.65 30.39 -12.90
N THR D 6 3.70 29.47 -12.79
CA THR D 6 2.30 29.83 -12.65
C THR D 6 2.02 30.43 -11.27
N GLN D 7 1.31 31.55 -11.26
CA GLN D 7 0.69 32.10 -10.07
C GLN D 7 -0.81 32.04 -10.28
N LYS D 8 -1.54 31.55 -9.27
CA LYS D 8 -2.98 31.30 -9.42
C LYS D 8 -3.71 32.53 -9.92
N ALA D 9 -4.39 32.37 -11.06
CA ALA D 9 -5.10 33.47 -11.72
C ALA D 9 -6.51 33.65 -11.18
N ARG D 10 -6.96 32.80 -10.27
CA ARG D 10 -8.23 32.98 -9.57
C ARG D 10 -8.00 33.74 -8.28
N GLU D 11 -8.96 34.59 -7.93
CA GLU D 11 -8.84 35.32 -6.67
C GLU D 11 -9.36 34.50 -5.49
N GLY D 12 -10.42 33.74 -5.68
CA GLY D 12 -10.94 32.92 -4.61
C GLY D 12 -10.15 31.64 -4.44
N THR D 13 -10.46 30.95 -3.35
CA THR D 13 -9.82 29.67 -3.02
C THR D 13 -10.87 28.57 -3.13
N ILE D 14 -10.47 27.47 -3.75
CA ILE D 14 -11.24 26.22 -3.72
C ILE D 14 -10.33 25.16 -3.15
N ASN D 15 -10.66 24.70 -1.94
CA ASN D 15 -9.94 23.55 -1.33
C ASN D 15 -8.52 23.98 -0.97
N PRO D 16 -8.32 24.76 0.11
CA PRO D 16 -6.97 25.24 0.46
C PRO D 16 -6.03 24.11 0.83
N ILE D 17 -4.75 24.32 0.58
CA ILE D 17 -3.74 23.32 0.87
C ILE D 17 -3.19 23.45 2.28
N PHE D 18 -3.16 24.66 2.83
CA PHE D 18 -2.63 24.92 4.16
C PHE D 18 -3.67 25.62 5.02
N THR D 19 -3.45 25.59 6.33
CA THR D 19 -4.23 26.34 7.29
C THR D 19 -3.50 27.63 7.65
N CYS D 20 -3.96 28.33 8.69
CA CYS D 20 -3.44 29.64 9.06
C CYS D 20 -2.14 29.54 9.86
N GLN D 21 -1.46 30.69 10.00
CA GLN D 21 -0.22 30.74 10.76
C GLN D 21 -0.33 30.33 12.23
N PRO D 22 -1.37 30.70 12.98
CA PRO D 22 -1.44 30.26 14.37
C PRO D 22 -1.39 28.74 14.53
N ALA D 23 -1.93 27.99 13.58
CA ALA D 23 -1.84 26.54 13.64
C ALA D 23 -0.39 26.07 13.54
N GLY D 24 0.38 26.69 12.64
CA GLY D 24 1.79 26.35 12.53
C GLY D 24 2.58 26.73 13.78
N ALA D 25 2.22 27.85 14.40
CA ALA D 25 2.85 28.22 15.67
C ALA D 25 2.54 27.20 16.76
N GLN D 26 1.30 26.73 16.82
CA GLN D 26 0.93 25.73 17.83
C GLN D 26 1.64 24.41 17.57
N PHE D 27 1.78 24.02 16.30
CA PHE D 27 2.51 22.80 16.00
C PHE D 27 3.98 22.92 16.36
N ALA D 28 4.58 24.09 16.13
CA ALA D 28 5.96 24.28 16.55
C ALA D 28 6.08 24.20 18.06
N SER D 29 5.09 24.75 18.78
CA SER D 29 5.14 24.77 20.24
C SER D 29 5.00 23.37 20.83
N ILE D 30 4.13 22.53 20.26
CA ILE D 30 3.91 21.21 20.86
C ILE D 30 5.12 20.31 20.76
N GLY D 31 6.18 20.72 20.08
CA GLY D 31 7.43 19.99 20.03
C GLY D 31 8.39 20.30 21.13
N ILE D 32 8.00 21.15 22.08
CA ILE D 32 8.86 21.57 23.17
C ILE D 32 8.41 20.88 24.45
N LYS D 33 9.38 20.39 25.21
CA LYS D 33 9.10 19.74 26.49
C LYS D 33 8.61 20.76 27.52
N ASP D 34 7.54 20.39 28.23
CA ASP D 34 6.94 21.21 29.28
C ASP D 34 6.50 22.57 28.75
N CYS D 35 5.96 22.58 27.53
CA CYS D 35 5.42 23.78 26.91
C CYS D 35 3.95 23.53 26.64
N ILE D 36 3.09 24.41 27.16
CA ILE D 36 1.67 24.43 26.83
C ILE D 36 1.34 25.85 26.41
N GLY D 37 1.00 26.02 25.13
CA GLY D 37 0.76 27.34 24.58
C GLY D 37 -0.70 27.76 24.78
N ILE D 38 -0.87 29.03 25.13
CA ILE D 38 -2.19 29.64 25.20
C ILE D 38 -2.42 30.39 23.89
N VAL D 39 -3.52 30.09 23.22
CA VAL D 39 -3.88 30.76 21.97
C VAL D 39 -4.88 31.86 22.31
N HIS D 40 -4.49 33.11 22.05
CA HIS D 40 -5.32 34.27 22.38
C HIS D 40 -6.31 34.48 21.24
N GLY D 41 -7.34 33.67 21.24
CA GLY D 41 -8.38 33.76 20.24
C GLY D 41 -9.61 33.00 20.68
N GLY D 42 -10.41 32.60 19.71
CA GLY D 42 -11.55 31.77 20.00
C GLY D 42 -11.14 30.38 20.44
N GLN D 43 -12.00 29.76 21.25
CA GLN D 43 -11.77 28.37 21.64
C GLN D 43 -11.86 27.44 20.45
N GLY D 44 -12.68 27.79 19.46
CA GLY D 44 -12.79 26.99 18.25
C GLY D 44 -11.51 26.88 17.45
N CYS D 45 -10.68 27.94 17.43
CA CYS D 45 -9.41 27.85 16.75
C CYS D 45 -8.52 26.78 17.35
N VAL D 46 -8.37 26.78 18.68
CA VAL D 46 -7.61 25.75 19.36
C VAL D 46 -8.22 24.38 19.19
N MET D 47 -9.56 24.29 19.23
CA MET D 47 -10.23 23.00 19.04
C MET D 47 -9.92 22.40 17.67
N PHE D 48 -9.96 23.20 16.62
CA PHE D 48 -9.67 22.73 15.27
C PHE D 48 -8.20 22.44 15.03
N VAL D 49 -7.29 23.20 15.64
CA VAL D 49 -5.87 22.87 15.49
C VAL D 49 -5.52 21.59 16.23
N ARG D 50 -6.08 21.41 17.43
CA ARG D 50 -5.89 20.16 18.16
C ARG D 50 -6.49 18.99 17.41
N LEU D 51 -7.65 19.20 16.78
CA LEU D 51 -8.25 18.15 15.96
C LEU D 51 -7.38 17.80 14.77
N LEU D 52 -6.76 18.80 14.14
CA LEU D 52 -5.89 18.54 12.99
C LEU D 52 -4.65 17.75 13.39
N ILE D 53 -4.02 18.13 14.51
CA ILE D 53 -2.86 17.39 14.99
C ILE D 53 -3.27 15.97 15.41
N SER D 54 -4.46 15.83 15.99
CA SER D 54 -4.98 14.52 16.33
C SER D 54 -5.26 13.69 15.09
N GLN D 55 -5.73 14.33 14.02
CA GLN D 55 -5.92 13.63 12.76
C GLN D 55 -4.61 13.09 12.24
N HIS D 56 -3.56 13.92 12.27
CA HIS D 56 -2.28 13.48 11.75
C HIS D 56 -1.69 12.35 12.60
N MET D 57 -1.62 12.54 13.92
CA MET D 57 -0.86 11.64 14.76
C MET D 57 -1.71 10.66 15.55
N LYS D 58 -3.03 10.85 15.60
CA LYS D 58 -3.93 10.06 16.44
C LYS D 58 -3.58 10.17 17.91
N GLU D 59 -3.00 11.30 18.31
CA GLU D 59 -2.62 11.54 19.68
C GLU D 59 -3.14 12.90 20.12
N SER D 60 -3.48 13.00 21.40
CA SER D 60 -3.94 14.24 21.99
C SER D 60 -2.76 15.04 22.51
N PHE D 61 -2.79 16.35 22.26
CA PHE D 61 -1.77 17.27 22.73
C PHE D 61 -2.44 18.41 23.49
N GLU D 62 -1.72 18.98 24.45
CA GLU D 62 -2.25 20.04 25.30
C GLU D 62 -1.94 21.39 24.68
N ILE D 63 -2.98 22.10 24.26
CA ILE D 63 -2.90 23.51 23.87
C ILE D 63 -4.02 24.24 24.57
N ALA D 64 -3.72 25.39 25.16
CA ALA D 64 -4.68 26.14 25.95
C ALA D 64 -5.25 27.30 25.13
N SER D 65 -6.39 27.81 25.59
CA SER D 65 -7.08 28.90 24.93
C SER D 65 -7.40 29.99 25.96
N SER D 66 -7.58 31.21 25.45
CA SER D 66 -7.93 32.34 26.29
C SER D 66 -9.42 32.69 26.24
N SER D 67 -10.14 32.20 25.23
CA SER D 67 -11.58 32.37 25.10
C SER D 67 -11.96 33.86 25.08
N VAL D 68 -11.49 34.54 24.05
CA VAL D 68 -11.78 35.97 23.86
C VAL D 68 -13.27 36.17 23.64
N ALA D 77 -9.13 41.94 25.91
CA ALA D 77 -8.93 40.57 26.43
C ALA D 77 -7.50 40.44 26.99
N LEU D 78 -6.81 41.56 27.10
CA LEU D 78 -5.45 41.54 27.69
C LEU D 78 -5.52 40.95 29.10
N ASP D 79 -6.58 41.30 29.85
CA ASP D 79 -6.76 40.72 31.21
C ASP D 79 -7.21 39.25 31.12
N ARG D 80 -7.93 38.86 30.07
CA ARG D 80 -8.31 37.43 29.90
C ARG D 80 -7.03 36.62 29.73
N VAL D 81 -6.05 37.17 29.01
CA VAL D 81 -4.74 36.49 28.90
C VAL D 81 -4.22 36.26 30.31
N GLU D 82 -4.28 37.27 31.17
CA GLU D 82 -3.73 37.10 32.52
C GLU D 82 -4.44 35.98 33.28
N THR D 83 -5.77 35.94 33.20
CA THR D 83 -6.52 34.89 33.86
C THR D 83 -6.22 33.53 33.26
N ALA D 84 -6.04 33.45 31.94
CA ALA D 84 -5.69 32.20 31.30
C ALA D 84 -4.33 31.70 31.77
N VAL D 85 -3.36 32.60 31.89
CA VAL D 85 -2.04 32.20 32.38
C VAL D 85 -2.14 31.71 33.81
N GLU D 86 -2.91 32.42 34.65
CA GLU D 86 -3.08 32.01 36.04
C GLU D 86 -3.72 30.62 36.13
N VAL D 87 -4.77 30.39 35.35
CA VAL D 87 -5.47 29.12 35.37
C VAL D 87 -4.58 27.99 34.88
N LEU D 88 -3.83 28.24 33.80
CA LEU D 88 -2.94 27.22 33.25
C LEU D 88 -1.84 26.87 34.25
N LEU D 89 -1.24 27.87 34.88
CA LEU D 89 -0.16 27.58 35.82
C LEU D 89 -0.70 26.90 37.08
N THR D 90 -1.93 27.20 37.47
CA THR D 90 -2.55 26.50 38.60
C THR D 90 -2.82 25.04 38.26
N ARG D 91 -3.36 24.77 37.07
CA ARG D 91 -3.85 23.43 36.73
C ARG D 91 -2.80 22.56 36.04
N TYR D 92 -1.59 23.07 35.82
CA TYR D 92 -0.49 22.30 35.24
C TYR D 92 0.78 22.63 36.00
N PRO D 93 1.15 21.83 37.01
CA PRO D 93 2.34 22.15 37.80
C PRO D 93 3.66 21.80 37.11
N ASP D 94 3.62 21.28 35.89
CA ASP D 94 4.85 20.89 35.18
C ASP D 94 5.21 21.81 34.03
N VAL D 95 4.28 22.66 33.58
CA VAL D 95 4.54 23.50 32.42
C VAL D 95 5.53 24.59 32.80
N LYS D 96 6.51 24.82 31.91
CA LYS D 96 7.52 25.84 32.09
C LYS D 96 7.49 26.91 31.00
N VAL D 97 7.13 26.55 29.78
CA VAL D 97 7.10 27.46 28.65
C VAL D 97 5.65 27.74 28.33
N VAL D 98 5.26 29.02 28.36
CA VAL D 98 3.88 29.41 28.13
C VAL D 98 3.85 30.45 27.01
N PRO D 99 3.86 30.03 25.75
CA PRO D 99 3.79 31.01 24.66
C PRO D 99 2.36 31.48 24.44
N ILE D 100 2.20 32.79 24.25
CA ILE D 100 0.92 33.38 23.91
C ILE D 100 0.90 33.61 22.41
N ILE D 101 -0.09 33.02 21.74
CA ILE D 101 -0.20 33.08 20.29
C ILE D 101 -1.43 33.91 19.96
N THR D 102 -1.26 34.92 19.12
CA THR D 102 -2.34 35.78 18.69
C THR D 102 -2.92 35.29 17.37
N THR D 103 -4.11 35.78 17.03
CA THR D 103 -4.92 35.19 15.97
C THR D 103 -5.68 36.31 15.25
N CYS D 104 -6.67 35.90 14.45
CA CYS D 104 -7.48 36.86 13.65
C CYS D 104 -7.87 38.10 14.43
N SER D 105 -8.77 37.97 15.42
CA SER D 105 -9.37 39.16 16.01
C SER D 105 -8.43 39.88 16.94
N THR D 106 -7.34 39.23 17.35
CA THR D 106 -6.38 39.85 18.25
C THR D 106 -5.50 40.84 17.49
N ASP D 112 -1.26 44.70 23.48
CA ASP D 112 0.16 44.63 23.80
C ASP D 112 0.45 43.51 24.78
N VAL D 113 0.44 42.27 24.29
CA VAL D 113 0.71 41.11 25.13
C VAL D 113 2.12 41.12 25.68
N ASP D 114 3.05 41.80 25.02
CA ASP D 114 4.44 41.82 25.48
C ASP D 114 4.58 42.61 26.78
N GLY D 115 4.00 43.82 26.84
CA GLY D 115 4.01 44.58 28.08
C GLY D 115 3.22 43.91 29.18
N LEU D 116 2.11 43.26 28.82
CA LEU D 116 1.34 42.51 29.80
C LEU D 116 2.15 41.36 30.38
N LEU D 117 2.91 40.66 29.54
CA LEU D 117 3.77 39.60 30.04
C LEU D 117 4.88 40.16 30.91
N SER D 118 5.39 41.33 30.56
CA SER D 118 6.39 41.98 31.40
C SER D 118 5.83 42.28 32.78
N LYS D 119 4.60 42.77 32.85
CA LYS D 119 3.96 42.99 34.15
C LYS D 119 3.68 41.68 34.86
N LEU D 120 3.32 40.63 34.11
CA LEU D 120 2.99 39.35 34.71
C LEU D 120 4.20 38.74 35.41
N GLU D 121 5.35 38.75 34.73
CA GLU D 121 6.57 38.19 35.30
C GLU D 121 7.06 38.94 36.52
N ASP D 122 6.55 40.14 36.77
CA ASP D 122 6.90 40.93 37.94
C ASP D 122 5.87 40.86 39.05
N GLU D 123 4.60 40.64 38.72
CA GLU D 123 3.54 40.66 39.72
C GLU D 123 2.94 39.29 40.00
N LEU D 124 2.51 38.56 38.98
CA LEU D 124 1.79 37.32 39.23
C LEU D 124 2.75 36.18 39.55
N LEU D 125 3.76 35.96 38.70
CA LEU D 125 4.69 34.86 38.94
C LEU D 125 5.46 35.01 40.24
N PRO D 126 6.07 36.15 40.57
CA PRO D 126 6.80 36.25 41.84
C PRO D 126 5.94 36.03 43.07
N THR D 127 4.66 36.40 43.02
CA THR D 127 3.79 36.31 44.19
C THR D 127 3.06 34.97 44.26
N LYS D 128 2.25 34.65 43.24
CA LYS D 128 1.41 33.46 43.31
C LYS D 128 2.20 32.18 43.13
N PHE D 129 3.29 32.20 42.37
CA PHE D 129 4.08 31.01 42.08
C PHE D 129 5.53 31.27 42.44
N PRO D 130 5.85 31.36 43.74
CA PRO D 130 7.22 31.67 44.16
C PRO D 130 8.12 30.45 43.97
N GLY D 131 9.26 30.67 43.33
CA GLY D 131 10.20 29.60 43.07
C GLY D 131 9.89 28.72 41.88
N ARG D 132 8.86 29.05 41.10
CA ARG D 132 8.47 28.27 39.94
C ARG D 132 9.04 28.91 38.69
N GLU D 133 9.80 28.12 37.93
CA GLU D 133 10.42 28.58 36.69
C GLU D 133 9.37 28.63 35.59
N VAL D 134 8.91 29.83 35.24
CA VAL D 134 7.89 30.02 34.23
C VAL D 134 8.38 31.05 33.23
N HIS D 135 8.36 30.71 31.96
CA HIS D 135 8.80 31.58 30.88
C HIS D 135 7.60 31.95 30.02
N LEU D 136 7.39 33.25 29.82
CA LEU D 136 6.28 33.75 29.03
C LEU D 136 6.83 34.44 27.79
N LEU D 137 6.31 34.07 26.63
CA LEU D 137 6.71 34.67 25.37
C LEU D 137 5.48 34.82 24.48
N THR D 138 5.62 35.67 23.47
CA THR D 138 4.54 35.94 22.52
C THR D 138 4.98 35.50 21.13
N VAL D 139 4.04 34.89 20.40
CA VAL D 139 4.20 34.59 18.98
C VAL D 139 3.03 35.26 18.27
N HIS D 140 3.30 36.36 17.57
CA HIS D 140 2.26 37.11 16.87
C HIS D 140 2.03 36.45 15.51
N CYS D 141 0.84 35.88 15.31
CA CYS D 141 0.53 35.10 14.13
C CYS D 141 -0.78 35.59 13.51
N PRO D 142 -0.74 36.65 12.71
CA PRO D 142 -1.94 37.05 11.96
C PRO D 142 -2.35 35.94 11.00
N SER D 143 -3.65 35.79 10.82
CA SER D 143 -4.17 34.67 10.03
C SER D 143 -4.43 35.03 8.58
N PHE D 144 -4.17 36.28 8.15
CA PHE D 144 -4.42 36.69 6.78
C PHE D 144 -3.17 37.26 6.11
N VAL D 145 -1.98 36.82 6.52
CA VAL D 145 -0.73 37.29 5.96
C VAL D 145 0.02 36.18 5.23
N GLY D 146 0.32 35.10 5.94
CA GLY D 146 1.02 33.97 5.36
C GLY D 146 0.25 32.68 5.48
N SER D 147 0.91 31.64 5.96
CA SER D 147 0.25 30.34 6.14
C SER D 147 0.86 29.65 7.33
N MET D 148 0.46 28.39 7.54
CA MET D 148 1.00 27.60 8.63
C MET D 148 2.51 27.41 8.51
N ILE D 149 3.04 27.44 7.28
CA ILE D 149 4.49 27.40 7.09
C ILE D 149 5.14 28.65 7.68
N THR D 150 4.59 29.82 7.35
CA THR D 150 5.09 31.07 7.92
C THR D 150 4.92 31.09 9.43
N GLY D 151 3.80 30.57 9.93
CA GLY D 151 3.59 30.50 11.36
C GLY D 151 4.62 29.62 12.07
N TYR D 152 4.92 28.47 11.49
CA TYR D 152 5.95 27.60 12.05
C TYR D 152 7.31 28.28 12.04
N ASP D 153 7.65 28.93 10.92
CA ASP D 153 8.93 29.63 10.82
C ASP D 153 9.06 30.72 11.88
N LYS D 154 8.03 31.53 12.05
CA LYS D 154 8.05 32.63 13.04
C LYS D 154 8.00 32.09 14.46
N ALA D 155 7.33 30.97 14.69
CA ALA D 155 7.34 30.40 16.04
C ALA D 155 8.72 29.86 16.40
N VAL D 156 9.38 29.17 15.47
CA VAL D 156 10.73 28.68 15.76
C VAL D 156 11.67 29.84 16.02
N HIS D 157 11.57 30.90 15.21
CA HIS D 157 12.37 32.10 15.44
C HIS D 157 12.10 32.70 16.81
N ASP D 158 10.82 32.79 17.19
CA ASP D 158 10.45 33.38 18.47
C ASP D 158 10.96 32.57 19.65
N PHE D 159 10.86 31.24 19.58
CA PHE D 159 11.38 30.40 20.65
C PHE D 159 12.90 30.54 20.77
N VAL D 160 13.60 30.50 19.63
CA VAL D 160 15.05 30.63 19.66
C VAL D 160 15.46 31.99 20.20
N LYS D 161 14.76 33.05 19.77
CA LYS D 161 15.06 34.39 20.26
C LYS D 161 14.80 34.51 21.75
N LYS D 162 13.71 33.92 22.23
CA LYS D 162 13.37 34.00 23.65
C LYS D 162 14.41 33.31 24.51
N PHE D 163 14.92 32.15 24.07
CA PHE D 163 15.72 31.32 24.95
C PHE D 163 17.22 31.34 24.70
N ALA D 164 17.66 31.62 23.49
CA ALA D 164 19.09 31.52 23.19
C ALA D 164 19.92 32.45 24.05
N THR D 165 20.98 31.92 24.63
CA THR D 165 21.84 32.66 25.56
C THR D 165 23.29 32.24 25.35
N LYS D 166 24.18 33.22 25.26
CA LYS D 166 25.61 32.92 25.07
C LYS D 166 26.17 32.34 26.35
N ASP D 167 27.02 31.34 26.23
CA ASP D 167 27.59 30.58 27.33
C ASP D 167 28.95 30.05 26.86
N GLU D 168 29.38 28.95 27.44
CA GLU D 168 30.66 28.35 27.04
C GLU D 168 30.45 27.67 25.70
N PRO D 169 31.41 27.76 24.77
CA PRO D 169 31.24 27.16 23.44
C PRO D 169 31.00 25.65 23.54
N SER D 170 30.22 25.14 22.59
CA SER D 170 29.85 23.73 22.56
C SER D 170 30.26 23.12 21.23
N ASP D 171 30.49 21.81 21.26
CA ASP D 171 30.83 21.06 20.05
C ASP D 171 29.60 20.61 19.28
N LYS D 172 28.40 20.90 19.77
CA LYS D 172 27.18 20.51 19.09
C LYS D 172 26.89 21.43 17.93
N ILE D 173 26.07 20.95 17.00
CA ILE D 173 25.49 21.77 15.96
C ILE D 173 24.02 21.94 16.26
N ASN D 174 23.38 22.86 15.54
CA ASN D 174 21.94 23.03 15.61
C ASN D 174 21.34 22.39 14.36
N LEU D 175 20.43 21.45 14.55
CA LEU D 175 19.67 20.89 13.45
C LEU D 175 18.23 21.36 13.61
N ILE D 176 17.87 22.38 12.85
CA ILE D 176 16.49 22.82 12.75
C ILE D 176 15.84 21.99 11.65
N THR D 177 15.11 20.95 12.03
CA THR D 177 14.63 19.98 11.07
C THR D 177 13.57 20.55 10.14
N GLY D 178 12.79 21.52 10.60
CA GLY D 178 11.59 21.92 9.92
C GLY D 178 10.42 21.06 10.36
N TRP D 179 9.26 21.37 9.78
CA TRP D 179 8.03 20.66 10.08
C TRP D 179 8.09 19.25 9.47
N VAL D 180 8.55 18.28 10.26
CA VAL D 180 8.77 16.92 9.79
C VAL D 180 8.09 15.93 10.73
N ASN D 181 8.06 14.68 10.32
CA ASN D 181 7.45 13.57 11.04
C ASN D 181 8.41 12.96 12.05
N PRO D 182 7.90 12.25 13.06
CA PRO D 182 8.80 11.53 13.98
C PRO D 182 9.71 10.53 13.28
N GLY D 183 9.26 9.89 12.21
CA GLY D 183 10.13 9.00 11.45
C GLY D 183 11.28 9.73 10.79
N ASP D 184 11.02 10.93 10.28
CA ASP D 184 12.08 11.76 9.72
C ASP D 184 13.11 12.13 10.78
N VAL D 185 12.66 12.45 11.98
CA VAL D 185 13.58 12.80 13.07
C VAL D 185 14.38 11.57 13.49
N LYS D 186 13.75 10.40 13.51
CA LYS D 186 14.48 9.18 13.83
C LYS D 186 15.56 8.91 12.80
N GLU D 187 15.25 9.09 11.52
CA GLU D 187 16.24 8.90 10.46
C GLU D 187 17.38 9.92 10.55
N LEU D 188 17.05 11.19 10.78
CA LEU D 188 18.07 12.22 10.88
C LEU D 188 18.99 11.97 12.07
N LYS D 189 18.42 11.57 13.20
CA LYS D 189 19.23 11.29 14.37
C LYS D 189 20.08 10.05 14.17
N HIS D 190 19.59 9.05 13.44
CA HIS D 190 20.43 7.91 13.09
C HIS D 190 21.61 8.34 12.24
N LEU D 191 21.37 9.18 11.23
CA LEU D 191 22.47 9.68 10.40
C LEU D 191 23.49 10.45 11.23
N LEU D 192 23.02 11.31 12.13
CA LEU D 192 23.94 12.08 12.96
C LEU D 192 24.73 11.18 13.91
N GLU D 193 24.08 10.15 14.45
CA GLU D 193 24.75 9.24 15.36
C GLU D 193 25.82 8.42 14.66
N VAL D 194 25.55 8.00 13.42
CA VAL D 194 26.57 7.30 12.65
C VAL D 194 27.72 8.25 12.30
N MET D 195 27.39 9.50 11.94
CA MET D 195 28.43 10.49 11.69
C MET D 195 29.15 10.92 12.96
N GLU D 196 28.65 10.52 14.13
CA GLU D 196 29.24 10.88 15.43
C GLU D 196 29.16 12.37 15.69
N VAL D 197 27.97 12.94 15.46
CA VAL D 197 27.73 14.36 15.61
C VAL D 197 26.62 14.56 16.63
N LYS D 198 26.86 15.42 17.61
CA LYS D 198 25.84 15.80 18.58
C LYS D 198 25.17 17.08 18.11
N ALA D 199 23.86 17.16 18.33
CA ALA D 199 23.08 18.28 17.81
C ALA D 199 22.06 18.74 18.84
N ASN D 200 21.67 20.02 18.73
CA ASN D 200 20.46 20.54 19.34
C ASN D 200 19.36 20.42 18.30
N VAL D 201 18.61 19.32 18.34
CA VAL D 201 17.61 19.04 17.32
C VAL D 201 16.34 19.81 17.64
N LEU D 202 15.90 20.63 16.69
CA LEU D 202 14.67 21.42 16.80
C LEU D 202 13.72 20.93 15.72
N PHE D 203 12.73 20.12 16.09
CA PHE D 203 12.39 19.68 17.43
C PHE D 203 12.44 18.17 17.55
N GLU D 204 12.55 17.68 18.77
CA GLU D 204 12.53 16.25 19.06
C GLU D 204 11.08 15.82 19.19
N VAL D 205 10.50 15.34 18.08
CA VAL D 205 9.10 14.99 18.03
C VAL D 205 8.88 13.49 18.00
N GLU D 206 9.92 12.70 18.32
CA GLU D 206 9.76 11.26 18.34
C GLU D 206 8.83 10.80 19.47
N SER D 207 8.73 11.59 20.54
CA SER D 207 7.84 11.29 21.64
C SER D 207 6.39 11.59 21.32
N PHE D 208 6.11 12.16 20.15
CA PHE D 208 4.73 12.28 19.69
C PHE D 208 4.05 10.92 19.64
N ASP D 209 4.79 9.90 19.22
CA ASP D 209 4.36 8.52 19.25
C ASP D 209 4.61 7.95 20.64
N SER D 210 3.57 7.87 21.44
CA SER D 210 3.70 7.41 22.80
C SER D 210 3.09 6.02 22.98
N PRO D 211 3.60 5.23 23.91
CA PRO D 211 3.12 3.86 24.07
C PRO D 211 1.81 3.77 24.85
N LEU D 212 1.14 2.64 24.64
CA LEU D 212 -0.04 2.24 25.41
C LEU D 212 0.46 1.36 26.54
N MET D 213 0.82 1.98 27.65
CA MET D 213 1.53 1.31 28.73
C MET D 213 0.57 0.53 29.62
N PRO D 214 1.07 -0.51 30.30
CA PRO D 214 0.16 -1.35 31.10
C PRO D 214 -0.49 -0.62 32.26
N ASP D 215 0.30 0.05 33.09
CA ASP D 215 -0.20 0.66 34.32
C ASP D 215 -0.12 2.19 34.28
N LEU D 216 1.05 2.75 34.04
CA LEU D 216 1.24 4.19 34.10
C LEU D 216 1.00 4.80 32.73
N GLU D 217 0.02 5.68 32.63
CA GLU D 217 -0.29 6.34 31.37
C GLU D 217 0.87 7.22 30.93
N HIS D 218 1.07 7.27 29.62
CA HIS D 218 2.13 8.07 29.01
C HIS D 218 1.52 8.82 27.84
N HIS D 219 1.54 10.14 27.92
CA HIS D 219 0.88 10.99 26.93
C HIS D 219 1.90 11.56 25.96
N SER D 220 1.41 11.93 24.79
CA SER D 220 2.25 12.51 23.75
C SER D 220 2.75 13.88 24.16
N HIS D 221 4.00 14.16 23.83
CA HIS D 221 4.64 15.42 24.18
C HIS D 221 5.86 15.60 23.30
N GLY D 222 6.43 16.81 23.34
CA GLY D 222 7.66 17.08 22.66
C GLY D 222 8.84 16.95 23.60
N SER D 223 10.01 16.65 23.03
CA SER D 223 11.19 16.35 23.82
C SER D 223 12.25 17.44 23.74
N THR D 224 11.96 18.56 23.09
CA THR D 224 12.90 19.68 23.05
C THR D 224 12.79 20.47 24.34
N THR D 225 13.89 20.59 25.06
CA THR D 225 13.89 21.23 26.37
C THR D 225 14.30 22.70 26.23
N ILE D 226 14.14 23.44 27.33
CA ILE D 226 14.60 24.83 27.38
C ILE D 226 16.11 24.88 27.31
N GLU D 227 16.79 23.85 27.81
CA GLU D 227 18.24 23.82 27.75
C GLU D 227 18.75 23.76 26.32
N ASP D 228 18.06 23.00 25.45
CA ASP D 228 18.46 22.93 24.06
C ASP D 228 18.33 24.29 23.39
N LEU D 229 17.20 24.97 23.61
CA LEU D 229 16.99 26.27 23.01
C LEU D 229 17.95 27.32 23.56
N ARG D 230 18.31 27.21 24.84
CA ARG D 230 19.34 28.08 25.40
C ARG D 230 20.70 27.81 24.76
N ASP D 231 21.05 26.54 24.58
CA ASP D 231 22.35 26.16 24.06
C ASP D 231 22.48 26.33 22.55
N THR D 232 21.38 26.64 21.85
CA THR D 232 21.49 26.93 20.42
C THR D 232 22.46 28.08 20.14
N ALA D 233 22.65 28.98 21.11
CA ALA D 233 23.55 30.11 20.90
C ALA D 233 25.02 29.73 20.95
N ASN D 234 25.35 28.56 21.49
CA ASN D 234 26.73 28.15 21.70
C ASN D 234 27.18 27.08 20.70
N ALA D 235 26.42 26.84 19.64
CA ALA D 235 26.72 25.77 18.72
C ALA D 235 27.87 26.14 17.78
N LYS D 236 28.50 25.09 17.22
CA LYS D 236 29.48 25.30 16.15
C LYS D 236 28.81 25.88 14.90
N GLY D 237 27.62 25.41 14.57
CA GLY D 237 26.90 25.92 13.43
C GLY D 237 25.48 25.43 13.45
N THR D 238 24.66 26.03 12.60
CA THR D 238 23.26 25.67 12.45
C THR D 238 23.05 25.14 11.03
N ILE D 239 22.41 23.98 10.92
CA ILE D 239 21.93 23.48 9.65
C ILE D 239 20.42 23.50 9.71
N ALA D 240 19.81 24.36 8.91
CA ALA D 240 18.36 24.42 8.77
C ALA D 240 18.00 23.69 7.50
N LEU D 241 17.36 22.53 7.64
CA LEU D 241 17.03 21.72 6.47
C LEU D 241 16.06 22.45 5.55
N ASN D 242 15.08 23.12 6.13
CA ASN D 242 14.02 23.77 5.37
C ASN D 242 14.27 25.27 5.31
N ARG D 243 14.23 25.83 4.10
CA ARG D 243 14.45 27.25 3.91
C ARG D 243 13.26 28.08 4.37
N TYR D 244 12.06 27.52 4.34
CA TYR D 244 10.87 28.21 4.75
C TYR D 244 10.37 27.78 6.12
N GLU D 245 11.08 26.90 6.78
CA GLU D 245 10.67 26.39 8.10
C GLU D 245 11.93 26.29 8.95
N GLY D 246 12.59 27.39 9.22
CA GLY D 246 13.73 27.36 10.12
C GLY D 246 14.88 28.26 9.73
N MET D 247 14.78 28.90 8.56
CA MET D 247 15.82 29.83 8.14
C MET D 247 15.81 31.10 8.97
N LYS D 248 14.64 31.51 9.49
CA LYS D 248 14.59 32.71 10.31
C LYS D 248 15.34 32.54 11.62
N ALA D 249 15.18 31.38 12.28
CA ALA D 249 15.92 31.12 13.51
C ALA D 249 17.41 31.02 13.26
N ALA D 250 17.81 30.37 12.16
CA ALA D 250 19.23 30.27 11.82
C ALA D 250 19.82 31.64 11.52
N ASP D 251 19.08 32.48 10.81
CA ASP D 251 19.55 33.82 10.52
C ASP D 251 19.62 34.67 11.78
N TYR D 252 18.66 34.51 12.69
CA TYR D 252 18.74 35.23 13.96
C TYR D 252 19.97 34.82 14.76
N LEU D 253 20.25 33.51 14.80
CA LEU D 253 21.42 33.02 15.52
C LEU D 253 22.71 33.55 14.91
N LYS D 254 22.79 33.54 13.57
CA LYS D 254 23.97 34.07 12.89
C LYS D 254 24.12 35.56 13.13
N LYS D 255 23.02 36.30 13.13
CA LYS D 255 23.08 37.77 13.26
C LYS D 255 23.44 38.17 14.69
N LYS D 256 22.97 37.47 15.73
CA LYS D 256 23.23 37.90 17.14
C LYS D 256 24.42 37.18 17.77
N PHE D 257 24.50 35.86 17.65
CA PHE D 257 25.55 35.12 18.33
C PHE D 257 26.64 34.63 17.39
N LYS D 258 26.59 35.04 16.11
CA LYS D 258 27.61 34.69 15.13
C LYS D 258 27.75 33.18 14.95
N VAL D 259 26.63 32.47 15.00
CA VAL D 259 26.60 31.04 14.76
C VAL D 259 26.43 30.82 13.25
N PRO D 260 27.43 30.28 12.55
CA PRO D 260 27.29 30.12 11.09
C PRO D 260 26.15 29.19 10.73
N ALA D 261 25.42 29.58 9.68
CA ALA D 261 24.19 28.91 9.30
C ALA D 261 24.30 28.36 7.89
N VAL D 262 23.87 27.12 7.70
CA VAL D 262 23.76 26.49 6.39
C VAL D 262 22.29 26.18 6.18
N ILE D 263 21.73 26.71 5.10
CA ILE D 263 20.31 26.57 4.81
C ILE D 263 20.15 25.51 3.73
N GLY D 264 19.51 24.40 4.09
CA GLY D 264 19.27 23.32 3.16
C GLY D 264 20.50 22.51 2.86
N PRO D 265 20.39 21.56 1.94
CA PRO D 265 19.17 21.15 1.23
C PRO D 265 18.30 20.24 2.08
N THR D 266 17.02 20.12 1.76
CA THR D 266 16.17 19.12 2.40
C THR D 266 16.62 17.74 1.95
N PRO D 267 17.04 16.85 2.86
CA PRO D 267 17.63 15.57 2.42
C PRO D 267 16.58 14.56 1.96
N VAL D 268 15.95 14.87 0.84
CA VAL D 268 15.00 13.97 0.19
C VAL D 268 15.72 13.28 -0.97
N GLY D 269 15.88 11.97 -0.87
CA GLY D 269 16.54 11.20 -1.89
C GLY D 269 18.00 10.94 -1.57
N ILE D 270 18.69 10.41 -2.59
CA ILE D 270 20.09 10.02 -2.42
C ILE D 270 21.00 11.24 -2.49
N ARG D 271 20.85 12.04 -3.54
CA ARG D 271 21.75 13.16 -3.79
C ARG D 271 21.63 14.23 -2.71
N ASN D 272 20.40 14.56 -2.30
CA ASN D 272 20.21 15.59 -1.28
C ASN D 272 20.66 15.11 0.09
N THR D 273 20.52 13.82 0.37
CA THR D 273 21.09 13.27 1.60
C THR D 273 22.61 13.31 1.57
N ASP D 274 23.21 13.08 0.40
CA ASP D 274 24.66 13.22 0.26
C ASP D 274 25.09 14.64 0.55
N ALA D 275 24.36 15.62 0.01
CA ALA D 275 24.67 17.01 0.25
C ALA D 275 24.49 17.39 1.72
N PHE D 276 23.45 16.84 2.37
CA PHE D 276 23.26 17.08 3.79
C PHE D 276 24.41 16.52 4.62
N LEU D 277 24.85 15.30 4.30
CA LEU D 277 25.95 14.70 5.04
C LEU D 277 27.25 15.45 4.79
N LYS D 278 27.43 15.97 3.58
CA LYS D 278 28.60 16.80 3.30
C LYS D 278 28.57 18.10 4.08
N ALA D 279 27.39 18.71 4.21
CA ALA D 279 27.26 19.91 5.02
C ALA D 279 27.59 19.62 6.48
N VAL D 280 27.11 18.49 7.00
CA VAL D 280 27.43 18.10 8.37
C VAL D 280 28.92 17.88 8.53
N SER D 281 29.54 17.19 7.57
CA SER D 281 30.96 16.91 7.63
C SER D 281 31.79 18.19 7.60
N GLU D 282 31.37 19.16 6.78
CA GLU D 282 32.07 20.44 6.72
C GLU D 282 31.91 21.24 8.00
N MET D 283 30.69 21.26 8.57
CA MET D 283 30.46 21.95 9.84
C MET D 283 31.30 21.36 10.96
N THR D 284 31.33 20.04 11.06
CA THR D 284 31.86 19.38 12.24
C THR D 284 33.29 18.89 12.09
N GLY D 285 33.78 18.75 10.86
CA GLY D 285 35.05 18.11 10.63
C GLY D 285 35.01 16.60 10.68
N GLN D 286 33.83 16.01 10.87
CA GLN D 286 33.70 14.56 11.00
C GLN D 286 33.63 13.92 9.62
N PRO D 287 34.46 12.92 9.34
CA PRO D 287 34.39 12.25 8.04
C PRO D 287 33.12 11.43 7.89
N ILE D 288 32.70 11.26 6.65
CA ILE D 288 31.58 10.38 6.32
C ILE D 288 32.08 8.94 6.39
N PRO D 289 31.49 8.09 7.22
CA PRO D 289 32.01 6.74 7.40
C PRO D 289 31.48 5.76 6.36
N ALA D 290 31.99 4.54 6.43
CA ALA D 290 31.62 3.48 5.49
C ALA D 290 30.26 2.86 5.78
N GLN D 291 29.75 2.97 7.01
CA GLN D 291 28.42 2.45 7.29
C GLN D 291 27.35 3.22 6.54
N LEU D 292 27.51 4.54 6.43
CA LEU D 292 26.59 5.32 5.62
C LEU D 292 26.72 4.98 4.15
N VAL D 293 27.93 4.64 3.69
CA VAL D 293 28.11 4.15 2.34
C VAL D 293 27.32 2.86 2.12
N LYS D 294 27.37 1.89 3.01
CA LYS D 294 26.58 0.65 2.88
C LYS D 294 25.07 0.89 3.00
N GLU D 295 24.61 1.81 3.84
CA GLU D 295 23.18 2.07 3.88
C GLU D 295 22.69 2.79 2.63
N ARG D 296 23.48 3.74 2.13
CA ARG D 296 23.19 4.38 0.87
C ARG D 296 23.19 3.37 -0.27
N GLY D 297 24.12 2.42 -0.24
CA GLY D 297 24.14 1.38 -1.26
C GLY D 297 22.95 0.45 -1.19
N LEU D 298 22.47 0.15 0.01
CA LEU D 298 21.25 -0.65 0.14
C LEU D 298 20.06 0.06 -0.47
N ALA D 299 19.93 1.36 -0.17
CA ALA D 299 18.86 2.15 -0.77
C ALA D 299 18.99 2.19 -2.29
N LEU D 300 20.22 2.33 -2.79
CA LEU D 300 20.44 2.41 -4.22
C LEU D 300 20.15 1.08 -4.91
N ASP D 301 20.44 -0.05 -4.25
CA ASP D 301 20.11 -1.35 -4.83
C ASP D 301 18.61 -1.55 -4.91
N ALA D 302 17.89 -1.20 -3.84
CA ALA D 302 16.43 -1.25 -3.90
C ALA D 302 15.90 -0.35 -5.01
N ILE D 303 16.49 0.83 -5.18
CA ILE D 303 16.04 1.76 -6.21
C ILE D 303 16.35 1.21 -7.61
N ALA D 304 17.49 0.54 -7.77
CA ALA D 304 17.86 -0.06 -9.05
C ALA D 304 16.96 -1.21 -9.42
N ASP D 305 16.34 -1.87 -8.42
CA ASP D 305 15.39 -2.92 -8.75
C ASP D 305 14.17 -2.39 -9.49
N ILE D 306 13.79 -1.14 -9.25
CA ILE D 306 12.52 -0.62 -9.76
C ILE D 306 12.67 0.56 -10.70
N GLY D 307 13.83 1.20 -10.79
CA GLY D 307 13.94 2.47 -11.49
C GLY D 307 13.55 2.50 -12.95
N HIS D 308 14.37 1.90 -13.83
CA HIS D 308 14.05 1.97 -15.25
C HIS D 308 13.05 0.91 -15.67
N MET D 309 12.60 0.05 -14.76
CA MET D 309 11.47 -0.86 -15.07
C MET D 309 10.12 -0.19 -14.78
N PHE D 310 9.98 0.53 -13.67
CA PHE D 310 8.64 1.01 -13.32
C PHE D 310 8.59 2.50 -13.07
N LEU D 311 9.66 3.10 -12.55
CA LEU D 311 9.60 4.49 -12.14
C LEU D 311 9.83 5.45 -13.30
N ALA D 312 10.68 5.07 -14.25
CA ALA D 312 11.00 5.94 -15.37
C ALA D 312 9.76 6.33 -16.14
N ASP D 313 9.68 7.60 -16.52
CA ASP D 313 8.63 8.19 -17.34
C ASP D 313 7.27 8.23 -16.67
N LYS D 314 7.21 8.08 -15.34
CA LYS D 314 5.94 8.17 -14.64
C LYS D 314 5.61 9.64 -14.39
N ARG D 315 4.39 10.03 -14.71
CA ARG D 315 3.97 11.42 -14.62
C ARG D 315 3.39 11.69 -13.24
N VAL D 316 3.96 12.69 -12.55
CA VAL D 316 3.77 12.88 -11.12
C VAL D 316 3.28 14.30 -10.85
N ALA D 317 2.31 14.42 -9.94
CA ALA D 317 1.93 15.69 -9.35
C ALA D 317 2.35 15.69 -7.88
N ILE D 318 2.94 16.79 -7.43
CA ILE D 318 3.49 16.87 -6.08
C ILE D 318 2.99 18.14 -5.40
N TYR D 319 2.45 17.98 -4.20
CA TYR D 319 2.15 19.09 -3.30
C TYR D 319 2.49 18.63 -1.89
N ALA D 320 3.10 19.51 -1.12
CA ALA D 320 3.47 19.25 0.27
C ALA D 320 3.87 20.58 0.89
N ASN D 321 4.47 20.52 2.07
CA ASN D 321 5.19 21.67 2.58
C ASN D 321 6.26 22.06 1.55
N PRO D 322 6.53 23.35 1.37
CA PRO D 322 7.33 23.78 0.21
C PRO D 322 8.68 23.10 0.05
N ASP D 323 9.46 22.99 1.13
CA ASP D 323 10.77 22.34 1.05
C ASP D 323 10.64 20.87 0.71
N LEU D 324 9.72 20.18 1.37
CA LEU D 324 9.50 18.77 1.07
C LEU D 324 9.01 18.58 -0.35
N ALA D 325 8.11 19.45 -0.82
CA ALA D 325 7.61 19.33 -2.18
C ALA D 325 8.71 19.53 -3.21
N ILE D 326 9.57 20.54 -3.01
CA ILE D 326 10.67 20.77 -3.93
C ILE D 326 11.65 19.61 -3.91
N GLY D 327 11.98 19.10 -2.72
CA GLY D 327 12.88 17.96 -2.64
C GLY D 327 12.30 16.70 -3.27
N LEU D 328 11.00 16.48 -3.09
CA LEU D 328 10.34 15.34 -3.72
C LEU D 328 10.37 15.45 -5.24
N THR D 329 10.17 16.67 -5.77
CA THR D 329 10.28 16.87 -7.20
C THR D 329 11.69 16.56 -7.70
N GLU D 330 12.71 17.01 -6.96
CA GLU D 330 14.09 16.73 -7.36
C GLU D 330 14.41 15.23 -7.32
N PHE D 331 13.94 14.55 -6.27
CA PHE D 331 14.15 13.11 -6.16
C PHE D 331 13.44 12.37 -7.29
N CYS D 332 12.23 12.78 -7.63
CA CYS D 332 11.50 12.16 -8.73
C CYS D 332 12.21 12.37 -10.06
N LEU D 333 12.78 13.57 -10.26
CA LEU D 333 13.55 13.84 -11.47
C LEU D 333 14.81 12.98 -11.53
N ASP D 334 15.43 12.74 -10.39
CA ASP D 334 16.59 11.83 -10.35
C ASP D 334 16.19 10.40 -10.65
N LEU D 335 14.97 9.99 -10.31
CA LEU D 335 14.48 8.65 -10.54
C LEU D 335 13.95 8.43 -11.93
N GLU D 336 14.13 9.41 -12.82
CA GLU D 336 13.71 9.38 -14.22
C GLU D 336 12.19 9.48 -14.38
N MET D 337 11.51 10.00 -13.36
CA MET D 337 10.09 10.28 -13.44
C MET D 337 9.86 11.62 -14.12
N LYS D 338 8.60 11.92 -14.41
CA LYS D 338 8.21 13.16 -15.07
C LYS D 338 7.30 13.95 -14.14
N PRO D 339 7.85 14.81 -13.28
CA PRO D 339 7.01 15.73 -12.51
C PRO D 339 6.31 16.71 -13.45
N LYS D 340 4.99 16.75 -13.36
CA LYS D 340 4.19 17.61 -14.22
C LYS D 340 3.68 18.84 -13.52
N LEU D 341 3.32 18.73 -12.24
CA LEU D 341 2.75 19.83 -11.49
C LEU D 341 3.37 19.87 -10.11
N LEU D 342 3.83 21.05 -9.72
CA LEU D 342 4.31 21.31 -8.37
C LEU D 342 3.46 22.42 -7.78
N LEU D 343 2.75 22.13 -6.70
CA LEU D 343 1.85 23.08 -6.07
C LEU D 343 2.49 23.60 -4.79
N LEU D 344 2.65 24.92 -4.72
CA LEU D 344 3.15 25.59 -3.53
C LEU D 344 2.00 26.44 -2.99
N GLY D 345 1.45 26.02 -1.86
CA GLY D 345 0.15 26.44 -1.41
C GLY D 345 0.05 27.76 -0.69
N ASP D 346 1.08 28.60 -0.67
CA ASP D 346 0.97 29.90 -0.04
C ASP D 346 1.62 30.97 -0.91
N ASP D 347 1.53 32.22 -0.44
CA ASP D 347 1.91 33.40 -1.18
C ASP D 347 3.34 33.84 -0.91
N ASN D 348 4.22 32.92 -0.53
CA ASN D 348 5.60 33.29 -0.24
C ASN D 348 6.29 33.84 -1.49
N SER D 349 6.98 34.96 -1.33
CA SER D 349 7.69 35.60 -2.43
C SER D 349 9.09 35.06 -2.62
N GLY D 350 9.56 34.17 -1.77
CA GLY D 350 10.88 33.60 -1.93
C GLY D 350 10.98 32.41 -2.85
N TYR D 351 9.86 31.91 -3.35
CA TYR D 351 9.88 30.74 -4.22
C TYR D 351 10.56 31.04 -5.55
N VAL D 352 10.27 32.21 -6.13
CA VAL D 352 10.80 32.52 -7.45
C VAL D 352 12.31 32.66 -7.42
N LYS D 353 12.88 33.07 -6.31
CA LYS D 353 14.33 33.34 -6.22
C LYS D 353 15.03 32.14 -5.60
N ASP D 354 14.28 31.08 -5.32
CA ASP D 354 14.85 29.86 -4.77
C ASP D 354 15.73 29.20 -5.83
N PRO D 355 17.01 28.96 -5.56
CA PRO D 355 17.87 28.31 -6.57
C PRO D 355 17.39 26.92 -6.99
N ARG D 356 16.75 26.18 -6.09
CA ARG D 356 16.17 24.90 -6.46
C ARG D 356 15.04 25.08 -7.46
N VAL D 357 14.21 26.10 -7.26
CA VAL D 357 13.12 26.37 -8.20
C VAL D 357 13.67 26.86 -9.55
N LEU D 358 14.73 27.65 -9.51
CA LEU D 358 15.37 28.08 -10.75
C LEU D 358 15.95 26.91 -11.51
N ALA D 359 16.57 25.97 -10.80
CA ALA D 359 17.08 24.76 -11.44
C ALA D 359 15.95 23.91 -12.01
N LEU D 360 14.83 23.82 -11.31
CA LEU D 360 13.68 23.09 -11.83
C LEU D 360 13.14 23.73 -13.10
N GLN D 361 13.08 25.06 -13.13
CA GLN D 361 12.67 25.74 -14.35
C GLN D 361 13.64 25.47 -15.49
N GLU D 362 14.94 25.45 -15.17
CA GLU D 362 15.96 25.31 -16.21
C GLU D 362 15.97 23.92 -16.83
N ASN D 363 15.96 22.87 -16.01
CA ASN D 363 16.22 21.53 -16.51
C ASN D 363 15.02 20.59 -16.40
N ALA D 364 13.86 21.09 -16.02
CA ALA D 364 12.62 20.31 -16.05
C ALA D 364 11.53 21.15 -16.70
N PRO D 365 11.67 21.48 -17.99
CA PRO D 365 10.72 22.41 -18.62
C PRO D 365 9.30 21.90 -18.70
N ASP D 366 9.06 20.59 -18.64
CA ASP D 366 7.69 20.02 -18.63
C ASP D 366 7.03 20.11 -17.25
N LEU D 367 7.71 20.65 -16.26
CA LEU D 367 7.11 20.82 -14.94
C LEU D 367 6.52 22.21 -14.81
N GLU D 368 5.25 22.28 -14.45
CA GLU D 368 4.60 23.53 -14.11
C GLU D 368 4.61 23.71 -12.61
N ILE D 369 5.07 24.88 -12.16
CA ILE D 369 5.10 25.22 -10.75
C ILE D 369 4.03 26.29 -10.52
N VAL D 370 3.08 25.99 -9.65
CA VAL D 370 2.02 26.93 -9.28
C VAL D 370 2.25 27.37 -7.86
N THR D 371 2.44 28.67 -7.66
CA THR D 371 2.56 29.27 -6.34
C THR D 371 1.22 29.86 -5.93
N ASN D 372 1.01 29.95 -4.62
CA ASN D 372 -0.28 30.40 -4.07
C ASN D 372 -1.42 29.53 -4.58
N ALA D 373 -1.20 28.23 -4.58
CA ALA D 373 -2.09 27.27 -5.20
C ALA D 373 -3.07 26.71 -4.19
N ASP D 374 -4.18 26.19 -4.71
CA ASP D 374 -5.10 25.35 -3.94
C ASP D 374 -5.26 24.02 -4.68
N PHE D 375 -6.08 23.14 -4.10
CA PHE D 375 -6.27 21.84 -4.72
C PHE D 375 -7.05 21.93 -6.02
N TRP D 376 -7.78 23.01 -6.24
CA TRP D 376 -8.48 23.18 -7.50
C TRP D 376 -7.51 23.34 -8.65
N ASP D 377 -6.30 23.85 -8.41
CA ASP D 377 -5.30 23.91 -9.47
C ASP D 377 -5.05 22.52 -10.05
N LEU D 378 -4.74 21.55 -9.17
CA LEU D 378 -4.55 20.18 -9.62
C LEU D 378 -5.82 19.60 -10.23
N GLU D 379 -6.95 19.77 -9.55
CA GLU D 379 -8.18 19.12 -10.00
C GLU D 379 -8.65 19.65 -11.35
N SER D 380 -8.59 20.96 -11.56
CA SER D 380 -8.98 21.53 -12.84
C SER D 380 -7.98 21.22 -13.94
N ARG D 381 -6.68 21.16 -13.62
CA ARG D 381 -5.72 20.76 -14.63
C ARG D 381 -5.95 19.31 -15.07
N ILE D 382 -6.31 18.44 -14.13
CA ILE D 382 -6.69 17.07 -14.49
C ILE D 382 -7.97 17.07 -15.32
N GLN D 383 -8.93 17.92 -14.95
CA GLN D 383 -10.17 18.00 -15.72
C GLN D 383 -9.91 18.41 -17.16
N GLN D 384 -9.00 19.34 -17.37
CA GLN D 384 -8.70 19.85 -18.69
C GLN D 384 -7.79 18.94 -19.50
N GLY D 385 -7.29 17.86 -18.91
CA GLY D 385 -6.61 16.84 -19.69
C GLY D 385 -5.22 16.45 -19.24
N LEU D 386 -4.80 16.87 -18.06
CA LEU D 386 -3.49 16.49 -17.53
C LEU D 386 -3.53 15.05 -17.07
N GLU D 387 -2.74 14.19 -17.72
CA GLU D 387 -2.68 12.77 -17.40
C GLU D 387 -1.57 12.53 -16.41
N LEU D 388 -1.90 11.90 -15.29
CA LEU D 388 -0.96 11.64 -14.22
C LEU D 388 -0.99 10.16 -13.86
N ASP D 389 0.16 9.67 -13.42
CA ASP D 389 0.27 8.30 -12.92
C ASP D 389 0.33 8.25 -11.41
N LEU D 390 0.76 9.32 -10.76
CA LEU D 390 1.00 9.32 -9.33
C LEU D 390 0.83 10.72 -8.79
N ILE D 391 0.42 10.80 -7.52
CA ILE D 391 0.38 12.04 -6.77
C ILE D 391 1.18 11.83 -5.49
N LEU D 392 1.99 12.81 -5.14
CA LEU D 392 2.61 12.88 -3.82
C LEU D 392 1.98 14.05 -3.09
N GLY D 393 1.17 13.76 -2.09
CA GLY D 393 0.55 14.81 -1.30
C GLY D 393 -0.11 14.28 -0.05
N HIS D 394 -0.52 15.21 0.81
CA HIS D 394 -1.13 14.86 2.08
C HIS D 394 -2.63 14.63 1.91
N SER D 395 -3.29 14.29 3.02
CA SER D 395 -4.61 13.66 2.97
C SER D 395 -5.74 14.61 2.63
N LYS D 396 -5.55 15.92 2.74
CA LYS D 396 -6.63 16.83 2.40
C LYS D 396 -6.92 16.85 0.90
N GLY D 397 -6.01 16.35 0.07
CA GLY D 397 -6.27 16.23 -1.35
C GLY D 397 -6.64 14.83 -1.79
N ARG D 398 -7.09 14.00 -0.85
CA ARG D 398 -7.36 12.59 -1.13
C ARG D 398 -8.50 12.39 -2.13
N PHE D 399 -9.45 13.32 -2.19
CA PHE D 399 -10.63 13.08 -3.02
C PHE D 399 -10.33 13.30 -4.49
N ILE D 400 -9.32 14.11 -4.83
CA ILE D 400 -8.87 14.15 -6.22
C ILE D 400 -8.36 12.77 -6.65
N SER D 401 -7.56 12.14 -5.80
CA SER D 401 -7.07 10.80 -6.08
C SER D 401 -8.21 9.79 -6.17
N ILE D 402 -9.16 9.87 -5.23
CA ILE D 402 -10.26 8.91 -5.21
C ILE D 402 -11.14 9.06 -6.45
N ASP D 403 -11.48 10.29 -6.83
CA ASP D 403 -12.47 10.51 -7.87
C ASP D 403 -11.89 10.45 -9.27
N TYR D 404 -10.65 10.89 -9.46
CA TYR D 404 -10.05 10.86 -10.78
C TYR D 404 -9.16 9.65 -11.00
N LYS D 405 -9.09 8.75 -10.03
CA LYS D 405 -8.40 7.45 -10.17
C LYS D 405 -6.92 7.64 -10.44
N VAL D 406 -6.29 8.56 -9.72
CA VAL D 406 -4.84 8.72 -9.73
C VAL D 406 -4.32 8.24 -8.38
N PRO D 407 -3.44 7.24 -8.34
CA PRO D 407 -2.89 6.79 -7.06
C PRO D 407 -2.08 7.90 -6.39
N MET D 408 -2.09 7.89 -5.07
CA MET D 408 -1.41 8.89 -4.28
C MET D 408 -0.58 8.23 -3.19
N VAL D 409 0.64 8.71 -3.03
CA VAL D 409 1.50 8.37 -1.89
C VAL D 409 1.38 9.50 -0.89
N ARG D 410 1.08 9.16 0.37
CA ARG D 410 0.78 10.15 1.40
C ARG D 410 2.07 10.70 1.98
N VAL D 411 2.33 11.99 1.76
CA VAL D 411 3.51 12.66 2.28
C VAL D 411 3.07 13.96 2.95
N GLY D 412 3.82 14.37 3.96
CA GLY D 412 3.59 15.65 4.59
C GLY D 412 2.57 15.68 5.71
N PHE D 413 1.93 16.83 5.90
CA PHE D 413 1.01 17.07 7.00
C PHE D 413 -0.26 17.69 6.44
N PRO D 414 -1.43 17.14 6.77
CA PRO D 414 -1.65 15.93 7.57
C PRO D 414 -1.90 14.70 6.71
N THR D 415 -1.51 13.52 7.16
CA THR D 415 -1.80 12.28 6.47
C THR D 415 -2.64 11.42 7.42
N TYR D 416 -3.95 11.62 7.39
CA TYR D 416 -4.87 11.01 8.34
C TYR D 416 -5.66 9.85 7.77
N ASP D 417 -5.55 9.57 6.48
CA ASP D 417 -6.31 8.50 5.87
C ASP D 417 -5.47 7.24 5.61
N ARG D 418 -4.23 7.22 6.06
CA ARG D 418 -3.42 6.01 6.09
C ARG D 418 -2.87 5.85 7.50
N ALA D 419 -2.56 4.61 7.87
CA ALA D 419 -2.19 4.28 9.24
C ALA D 419 -0.68 4.40 9.42
N GLY D 420 -0.28 5.17 10.42
CA GLY D 420 1.10 5.24 10.86
C GLY D 420 2.11 5.79 9.87
N MET D 421 1.71 6.74 9.03
CA MET D 421 2.67 7.29 8.07
C MET D 421 3.71 8.19 8.73
N TYR D 422 3.40 8.73 9.92
CA TYR D 422 4.34 9.55 10.66
C TYR D 422 5.57 8.76 11.10
N ARG D 423 5.46 7.44 11.23
CA ARG D 423 6.56 6.63 11.73
C ARG D 423 7.57 6.27 10.64
N HIS D 424 7.28 6.58 9.39
CA HIS D 424 8.23 6.27 8.34
C HIS D 424 8.96 7.53 7.91
N PRO D 425 10.24 7.40 7.54
CA PRO D 425 10.98 8.56 7.05
C PRO D 425 10.74 8.84 5.57
N VAL D 426 10.81 10.12 5.24
CA VAL D 426 10.97 10.55 3.86
C VAL D 426 12.32 11.23 3.63
N LEU D 427 13.11 11.39 4.69
CA LEU D 427 14.44 11.96 4.64
C LEU D 427 15.48 10.86 4.81
N GLY D 428 16.70 11.15 4.39
CA GLY D 428 17.78 10.19 4.51
C GLY D 428 17.73 9.11 3.45
N TYR D 429 18.62 8.13 3.62
CA TYR D 429 18.66 7.00 2.69
C TYR D 429 17.54 6.02 2.98
N GLY D 430 17.23 5.80 4.27
CA GLY D 430 16.05 5.03 4.60
C GLY D 430 14.77 5.69 4.11
N GLY D 431 14.72 7.01 4.17
CA GLY D 431 13.60 7.73 3.59
C GLY D 431 13.52 7.61 2.08
N ALA D 432 14.68 7.65 1.42
CA ALA D 432 14.71 7.48 -0.03
C ALA D 432 14.21 6.09 -0.43
N MET D 433 14.69 5.06 0.27
CA MET D 433 14.22 3.70 0.03
C MET D 433 12.73 3.56 0.29
N PHE D 434 12.25 4.12 1.41
CA PHE D 434 10.83 4.01 1.72
C PHE D 434 9.99 4.72 0.67
N LEU D 435 10.43 5.91 0.24
CA LEU D 435 9.70 6.66 -0.78
C LEU D 435 9.65 5.90 -2.09
N ALA D 436 10.80 5.41 -2.56
CA ALA D 436 10.84 4.74 -3.86
C ALA D 436 10.02 3.46 -3.84
N GLU D 437 10.14 2.67 -2.79
CA GLU D 437 9.39 1.41 -2.72
C GLU D 437 7.90 1.65 -2.51
N THR D 438 7.53 2.70 -1.78
CA THR D 438 6.13 3.04 -1.61
C THR D 438 5.52 3.55 -2.90
N MET D 439 6.26 4.35 -3.67
CA MET D 439 5.78 4.79 -4.98
C MET D 439 5.61 3.59 -5.90
N ALA D 440 6.58 2.68 -5.91
CA ALA D 440 6.47 1.46 -6.71
C ALA D 440 5.27 0.63 -6.29
N ASN D 441 5.04 0.48 -4.99
CA ASN D 441 3.95 -0.38 -4.53
C ASN D 441 2.58 0.24 -4.77
N THR D 442 2.47 1.56 -4.63
CA THR D 442 1.24 2.25 -5.01
C THR D 442 0.96 2.08 -6.50
N LEU D 443 2.01 2.19 -7.33
CA LEU D 443 1.84 1.95 -8.75
C LEU D 443 1.45 0.50 -9.03
N PHE D 444 2.03 -0.46 -8.30
CA PHE D 444 1.70 -1.87 -8.49
C PHE D 444 0.25 -2.15 -8.14
N ALA D 445 -0.22 -1.59 -7.02
CA ALA D 445 -1.61 -1.76 -6.62
C ALA D 445 -2.56 -1.11 -7.61
N ASP D 446 -2.17 0.03 -8.19
CA ASP D 446 -3.00 0.65 -9.21
C ASP D 446 -3.01 -0.18 -10.50
N MET D 447 -1.86 -0.74 -10.87
CA MET D 447 -1.78 -1.61 -12.04
C MET D 447 -2.67 -2.82 -11.87
N GLU D 448 -2.75 -3.36 -10.65
CA GLU D 448 -3.60 -4.51 -10.39
C GLU D 448 -5.07 -4.12 -10.36
N ALA D 449 -5.39 -2.96 -9.78
CA ALA D 449 -6.78 -2.51 -9.72
C ALA D 449 -7.33 -2.24 -11.11
N LYS D 450 -6.53 -1.64 -11.98
CA LYS D 450 -6.96 -1.31 -13.33
C LYS D 450 -6.65 -2.40 -14.35
N LYS D 451 -5.96 -3.46 -13.93
CA LYS D 451 -5.54 -4.54 -14.81
C LYS D 451 -4.76 -4.00 -16.01
N ASN D 452 -3.75 -3.20 -15.70
CA ASN D 452 -2.91 -2.51 -16.68
C ASN D 452 -1.55 -3.19 -16.66
N LYS D 453 -1.37 -4.16 -17.55
CA LYS D 453 -0.15 -4.95 -17.65
C LYS D 453 0.22 -5.60 -16.32
N GLU D 454 -0.78 -5.99 -15.54
CA GLU D 454 -0.52 -6.49 -14.20
C GLU D 454 0.20 -7.83 -14.21
N TRP D 455 0.17 -8.53 -15.34
CA TRP D 455 0.93 -9.77 -15.49
C TRP D 455 2.43 -9.54 -15.47
N ILE D 456 2.88 -8.29 -15.65
CA ILE D 456 4.30 -7.99 -15.72
C ILE D 456 5.00 -8.02 -14.37
N LEU D 457 4.26 -8.23 -13.29
CA LEU D 457 4.85 -8.15 -11.94
C LEU D 457 5.29 -9.54 -11.50
N ASN D 458 5.97 -10.29 -12.37
CA ASN D 458 6.46 -11.64 -12.08
C ASN D 458 7.98 -11.68 -12.08
N VAL D 459 8.63 -11.31 -13.20
CA VAL D 459 10.06 -11.56 -13.33
C VAL D 459 10.81 -10.26 -13.58
N TRP D 460 10.35 -9.19 -12.95
CA TRP D 460 11.14 -7.98 -12.85
C TRP D 460 12.23 -8.17 -11.80
FE1 CLF E . 11.45 -33.06 -9.69
FE2 CLF E . 10.69 -31.06 -11.00
FE3 CLF E . 11.37 -30.59 -8.38
FE4 CLF E . 13.15 -31.27 -10.25
S1 CLF E . 12.29 -32.74 -11.92
S2A CLF E . 9.56 -31.82 -9.15
S4A CLF E . 11.94 -29.34 -10.21
S3A CLF E . 13.04 -32.29 -8.26
S1 CLF F . -10.79 32.71 13.25
FE5 CLF F . -9.95 31.04 11.71
FE6 CLF F . -8.56 33.15 12.18
FE7 CLF F . -7.16 30.69 11.94
FE8 CLF F . -8.88 31.28 13.98
S2B CLF F . -8.34 31.87 10.27
S3B CLF F . -6.80 32.36 13.53
S4B CLF F . -8.92 29.37 12.83
#